data_6PUJ
#
_entry.id   6PUJ
#
_cell.length_a   218.607
_cell.length_b   70.776
_cell.length_c   143.802
_cell.angle_alpha   90.000
_cell.angle_beta   104.562
_cell.angle_gamma   90.000
#
_symmetry.space_group_name_H-M   'C 1 2 1'
#
loop_
_entity.id
_entity.type
_entity.pdbx_description
1 polymer 'Major histocompatibility complex class I-related gene protein'
2 polymer 'Human TCR alpha chain'
3 polymer 'Human TCR beta chain'
4 polymer Beta-2-microglobulin
5 non-polymer GLYCEROL
6 non-polymer 'CHLORIDE ION'
7 non-polymer 6-[(3-hydroxypropyl)amino]-5-[(E)-(2-oxopropylidene)amino]pyrimidine-2,4(1H,3H)-dione
8 non-polymer 'SODIUM ION'
9 water water
#
loop_
_entity_poly.entity_id
_entity_poly.type
_entity_poly.pdbx_seq_one_letter_code
_entity_poly.pdbx_strand_id
1 'polypeptide(L)'
;MRTHSLRYFRLGVSDPIHGVPEFISVGYVDSHPITTYDSVTRQKEPRAPWMAENLAPDHWERYTQLLRGWQQMFKVELKR
LQRHYNHSGSHTYQRMIGCELLEDGSTTGFLQYAYDGQDFLIFNKDTLSWLAVDNVAHTIKQAWEANQHELLYQKNWLEE
ECIAWLKRFLEYGKDTLQRTEPPLVRVNRKETFPGVTALFCKAHGFYPPEIYMTWMKNGEEIVQEIDYGDILPSGDGTYQ
AWASIELDPQSSNLYSCHVEHSGVHMVLQVP
;
A,C
2 'polypeptide(L)'
;MGQNIDQPTEMTATEGAIVQINCTYQTSGFNGLFWYQQHAGEAPTFLSYNVLDGLEEKGRFSSFLSRSKGYSYLLLKELQ
MKDSASYLCAVKDSNYQLIWGAGTKLIIKPDIQNPDPAVYQLRDSKSSDKSVCLFTDFDSQTNVSQSKDSDVYITDKCVL
DMRSMDFKSNSAVAWSNKSDFACANAFNNSIIPEDTFFPSPESS
;
B,D
3 'polypeptide(L)'
;MNAGVTQTPKFQVLKTGQSMTLQCAQDMNHNSMYWYRQDPGMGLRLIYYSASEGTTDKGEVPNGYNVSRLNKREFSLRLE
SAAPSQTSVYFCASSVWTGEGSGELFFGEGSRLTVLEDLKNVFPPEVAVFEPSEAEISHTQKATLVCLATGFYPDHVELS
WWVNGKEVHSGVCTDPQPLKEQPALNDSRYALSSRLRVSATFWQNPRNHFRCQVQFYGLSENDEWTQDRAKPVTQIVSAE
AWGRAD
;
E,G
4 'polypeptide(L)'
;MIQRTPKIQVYSRHPAENGKSNFLNCYVSGFHPSDIEVDLLKNGERIEKVEHSDLSFSKDWSFYLLYYTEFTPTEKDEYA
CRVNHVTLSQPKIVKWDRDM
;
F,H
#
loop_
_chem_comp.id
_chem_comp.type
_chem_comp.name
_chem_comp.formula
CL non-polymer 'CHLORIDE ION' 'Cl -1'
GOL non-polymer GLYCEROL 'C3 H8 O3'
NA non-polymer 'SODIUM ION' 'Na 1'
Q7S non-polymer 6-[(3-hydroxypropyl)amino]-5-[(E)-(2-oxopropylidene)amino]pyrimidine-2,4(1H,3H)-dione 'C10 H14 N4 O4'
#
# COMPACT_ATOMS: atom_id res chain seq x y z
N MET A 1 -62.93 19.47 -8.92
CA MET A 1 -62.94 19.13 -7.51
CA MET A 1 -63.02 19.13 -7.51
C MET A 1 -63.11 20.38 -6.64
N ARG A 2 -63.41 20.19 -5.36
CA ARG A 2 -63.39 21.30 -4.41
C ARG A 2 -61.97 21.48 -3.89
N THR A 3 -61.81 22.40 -2.93
CA THR A 3 -60.49 22.71 -2.38
C THR A 3 -59.93 21.53 -1.59
N HIS A 4 -58.63 21.27 -1.75
CA HIS A 4 -57.94 20.25 -0.98
C HIS A 4 -56.59 20.82 -0.55
N SER A 5 -56.02 20.22 0.49
CA SER A 5 -54.73 20.68 1.01
C SER A 5 -53.89 19.50 1.46
N LEU A 6 -52.57 19.71 1.47
CA LEU A 6 -51.62 18.77 2.02
C LEU A 6 -50.77 19.54 3.03
N ARG A 7 -50.57 18.98 4.22
CA ARG A 7 -49.68 19.65 5.15
C ARG A 7 -48.98 18.62 6.02
N TYR A 8 -47.75 18.96 6.42
CA TYR A 8 -46.99 18.15 7.37
C TYR A 8 -46.66 19.00 8.58
N PHE A 9 -46.85 18.42 9.77
CA PHE A 9 -46.47 19.05 11.03
C PHE A 9 -45.28 18.34 11.65
N ARG A 10 -44.49 19.11 12.40
CA ARG A 10 -43.47 18.57 13.27
C ARG A 10 -43.65 19.15 14.66
N LEU A 11 -43.48 18.31 15.67
CA LEU A 11 -43.52 18.74 17.06
C LEU A 11 -42.25 18.29 17.75
N GLY A 12 -41.60 19.21 18.44
CA GLY A 12 -40.45 18.90 19.27
C GLY A 12 -40.69 19.35 20.70
N VAL A 13 -40.30 18.52 21.66
CA VAL A 13 -40.48 18.82 23.08
C VAL A 13 -39.12 18.67 23.76
N SER A 14 -38.72 19.69 24.52
CA SER A 14 -37.33 19.74 24.99
C SER A 14 -37.07 18.83 26.18
N ASP A 15 -38.04 18.68 27.09
CA ASP A 15 -37.86 17.87 28.28
C ASP A 15 -39.13 17.07 28.54
N PRO A 16 -39.43 16.10 27.69
CA PRO A 16 -40.71 15.38 27.80
C PRO A 16 -40.73 14.41 28.98
N ILE A 17 -41.95 14.08 29.40
CA ILE A 17 -42.16 13.03 30.38
C ILE A 17 -41.73 11.69 29.78
N HIS A 18 -41.18 10.82 30.64
CA HIS A 18 -40.72 9.51 30.19
C HIS A 18 -41.80 8.76 29.43
N GLY A 19 -41.41 8.17 28.30
CA GLY A 19 -42.32 7.49 27.40
C GLY A 19 -42.91 8.38 26.33
N VAL A 20 -43.00 9.68 26.58
CA VAL A 20 -43.55 10.63 25.60
C VAL A 20 -42.44 10.99 24.60
N PRO A 21 -42.70 10.91 23.30
CA PRO A 21 -41.62 11.17 22.33
C PRO A 21 -41.20 12.62 22.30
N GLU A 22 -39.89 12.83 22.13
CA GLU A 22 -39.39 14.18 21.94
C GLU A 22 -39.71 14.73 20.55
N PHE A 23 -40.08 13.88 19.59
CA PHE A 23 -40.32 14.35 18.24
C PHE A 23 -41.46 13.56 17.60
N ILE A 24 -42.40 14.27 16.97
CA ILE A 24 -43.51 13.66 16.25
C ILE A 24 -43.69 14.41 14.93
N SER A 25 -43.98 13.67 13.85
CA SER A 25 -44.29 14.32 12.57
C SER A 25 -45.45 13.61 11.88
N VAL A 26 -46.50 14.36 11.53
CA VAL A 26 -47.72 13.81 10.96
C VAL A 26 -48.07 14.58 9.69
N GLY A 27 -48.48 13.86 8.64
CA GLY A 27 -48.97 14.46 7.42
C GLY A 27 -50.49 14.33 7.33
N TYR A 28 -51.13 15.27 6.65
CA TYR A 28 -52.58 15.31 6.47
C TYR A 28 -52.92 15.63 5.02
N VAL A 29 -53.98 15.02 4.49
CA VAL A 29 -54.65 15.55 3.32
C VAL A 29 -56.06 15.93 3.75
N ASP A 30 -56.40 17.21 3.60
CA ASP A 30 -57.61 17.77 4.20
C ASP A 30 -57.56 17.43 5.69
N SER A 31 -58.60 16.84 6.27
CA SER A 31 -58.64 16.49 7.67
CA SER A 31 -58.60 16.51 7.68
C SER A 31 -58.16 15.07 7.95
N HIS A 32 -57.66 14.36 6.93
CA HIS A 32 -57.31 12.96 7.07
C HIS A 32 -55.81 12.83 7.35
N PRO A 33 -55.40 12.23 8.47
CA PRO A 33 -53.99 11.86 8.62
C PRO A 33 -53.59 10.85 7.55
N ILE A 34 -52.37 11.00 7.04
CA ILE A 34 -51.87 10.11 5.99
C ILE A 34 -50.56 9.44 6.41
N THR A 35 -49.74 10.12 7.20
CA THR A 35 -48.42 9.61 7.56
C THR A 35 -48.13 9.93 9.02
N THR A 36 -47.28 9.12 9.65
CA THR A 36 -46.85 9.43 11.00
C THR A 36 -45.44 8.91 11.23
N TYR A 37 -44.72 9.60 12.11
CA TYR A 37 -43.35 9.29 12.51
C TYR A 37 -43.14 9.84 13.92
N ASP A 38 -42.43 9.10 14.76
CA ASP A 38 -42.01 9.71 16.02
C ASP A 38 -40.67 9.13 16.47
N SER A 39 -40.09 9.76 17.48
CA SER A 39 -38.77 9.38 17.97
C SER A 39 -38.77 8.05 18.72
N VAL A 40 -39.94 7.49 19.02
CA VAL A 40 -40.01 6.17 19.66
C VAL A 40 -39.99 5.06 18.62
N THR A 41 -40.90 5.11 17.64
CA THR A 41 -40.91 4.12 16.57
C THR A 41 -39.72 4.28 15.63
N ARG A 42 -39.25 5.51 15.42
CA ARG A 42 -38.22 5.85 14.43
C ARG A 42 -38.54 5.30 13.04
N GLN A 43 -39.84 5.21 12.72
CA GLN A 43 -40.30 4.72 11.42
C GLN A 43 -41.42 5.61 10.91
N LYS A 44 -41.42 5.90 9.61
CA LYS A 44 -42.55 6.56 8.98
C LYS A 44 -43.57 5.52 8.55
N GLU A 45 -44.82 5.69 8.96
CA GLU A 45 -45.84 4.68 8.71
C GLU A 45 -47.10 5.32 8.15
N PRO A 46 -47.85 4.59 7.34
CA PRO A 46 -49.11 5.14 6.82
C PRO A 46 -50.14 5.26 7.92
N ARG A 47 -51.00 6.26 7.78
CA ARG A 47 -52.14 6.45 8.67
C ARG A 47 -53.46 6.42 7.91
N ALA A 48 -53.42 6.21 6.60
CA ALA A 48 -54.63 5.96 5.84
C ALA A 48 -54.42 4.72 4.97
N PRO A 49 -55.43 3.87 4.82
CA PRO A 49 -55.23 2.64 4.05
C PRO A 49 -54.90 2.90 2.59
N TRP A 50 -55.44 3.96 1.99
CA TRP A 50 -55.10 4.25 0.60
C TRP A 50 -53.69 4.83 0.44
N MET A 51 -53.01 5.22 1.52
CA MET A 51 -51.58 5.52 1.41
C MET A 51 -50.76 4.25 1.39
N ALA A 52 -51.09 3.30 2.28
CA ALA A 52 -50.33 2.06 2.37
C ALA A 52 -50.40 1.27 1.07
N GLU A 53 -51.56 1.29 0.41
CA GLU A 53 -51.77 0.48 -0.78
C GLU A 53 -51.11 1.05 -2.02
N ASN A 54 -50.71 2.33 -2.01
CA ASN A 54 -50.23 2.99 -3.21
C ASN A 54 -48.79 3.45 -3.15
N LEU A 55 -48.13 3.35 -2.00
CA LEU A 55 -46.74 3.75 -1.86
C LEU A 55 -45.92 2.53 -1.50
N ALA A 56 -44.94 2.22 -2.34
CA ALA A 56 -44.12 1.03 -2.19
C ALA A 56 -43.19 1.15 -0.99
N PRO A 57 -42.66 0.02 -0.51
CA PRO A 57 -41.74 0.07 0.64
C PRO A 57 -40.58 1.04 0.48
N ASP A 58 -40.09 1.28 -0.75
CA ASP A 58 -38.96 2.20 -0.90
C ASP A 58 -39.33 3.62 -0.50
N HIS A 59 -40.62 3.98 -0.58
CA HIS A 59 -41.04 5.31 -0.15
C HIS A 59 -40.91 5.45 1.35
N TRP A 60 -41.49 4.51 2.11
CA TRP A 60 -41.43 4.55 3.57
C TRP A 60 -40.00 4.42 4.08
N GLU A 61 -39.16 3.61 3.40
CA GLU A 61 -37.78 3.45 3.87
C GLU A 61 -36.99 4.74 3.68
N ARG A 62 -37.14 5.39 2.53
CA ARG A 62 -36.39 6.61 2.28
C ARG A 62 -36.81 7.72 3.24
N TYR A 63 -38.13 7.94 3.38
CA TYR A 63 -38.54 9.02 4.26
C TYR A 63 -38.27 8.69 5.72
N THR A 64 -38.21 7.41 6.08
CA THR A 64 -37.77 7.05 7.43
C THR A 64 -36.36 7.58 7.72
N GLN A 65 -35.45 7.42 6.75
CA GLN A 65 -34.10 7.96 6.90
C GLN A 65 -34.11 9.48 7.00
N LEU A 66 -34.87 10.15 6.13
CA LEU A 66 -34.90 11.62 6.16
C LEU A 66 -35.46 12.13 7.48
N LEU A 67 -36.50 11.45 8.00
CA LEU A 67 -37.13 11.89 9.24
C LEU A 67 -36.23 11.68 10.45
N ARG A 68 -35.45 10.60 10.46
CA ARG A 68 -34.43 10.46 11.49
C ARG A 68 -33.48 11.65 11.48
N GLY A 69 -33.11 12.11 10.28
CA GLY A 69 -32.29 13.31 10.19
C GLY A 69 -33.06 14.56 10.59
N TRP A 70 -34.29 14.72 10.11
CA TRP A 70 -35.07 15.88 10.50
C TRP A 70 -35.31 15.92 12.00
N GLN A 71 -35.46 14.75 12.63
CA GLN A 71 -35.63 14.68 14.07
C GLN A 71 -34.42 15.30 14.78
N GLN A 72 -33.21 14.96 14.33
CA GLN A 72 -32.02 15.53 14.95
C GLN A 72 -31.93 17.04 14.74
N MET A 73 -32.24 17.51 13.51
CA MET A 73 -32.19 18.95 13.26
CA MET A 73 -32.20 18.95 13.24
C MET A 73 -33.17 19.70 14.15
N PHE A 74 -34.35 19.12 14.39
CA PHE A 74 -35.33 19.79 15.23
CA PHE A 74 -35.35 19.78 15.24
C PHE A 74 -34.83 19.93 16.67
N LYS A 75 -34.21 18.88 17.21
CA LYS A 75 -33.65 18.97 18.55
C LYS A 75 -32.60 20.07 18.65
N VAL A 76 -31.71 20.15 17.66
CA VAL A 76 -30.66 21.16 17.68
C VAL A 76 -31.26 22.56 17.59
N GLU A 77 -32.30 22.75 16.76
CA GLU A 77 -32.89 24.07 16.62
C GLU A 77 -33.62 24.49 17.90
N LEU A 78 -34.35 23.55 18.52
CA LEU A 78 -35.04 23.84 19.78
C LEU A 78 -34.04 24.15 20.89
N LYS A 79 -32.96 23.38 20.97
CA LYS A 79 -31.91 23.67 21.94
C LYS A 79 -31.40 25.10 21.76
N ARG A 80 -31.22 25.54 20.51
CA ARG A 80 -30.74 26.91 20.27
C ARG A 80 -31.78 27.94 20.69
N LEU A 81 -33.07 27.69 20.41
CA LEU A 81 -34.09 28.65 20.79
C LEU A 81 -34.17 28.79 22.30
N GLN A 82 -34.17 27.67 23.03
CA GLN A 82 -34.38 27.73 24.47
C GLN A 82 -33.18 28.37 25.16
N ARG A 83 -32.00 28.25 24.55
CA ARG A 83 -30.84 28.94 25.08
CA ARG A 83 -30.82 28.93 25.07
C ARG A 83 -30.91 30.44 24.83
N HIS A 84 -31.38 30.85 23.64
CA HIS A 84 -31.46 32.27 23.35
C HIS A 84 -32.62 32.94 24.07
N TYR A 85 -33.70 32.21 24.34
CA TYR A 85 -34.74 32.73 25.22
C TYR A 85 -34.34 32.68 26.68
N ASN A 86 -33.29 31.93 27.03
CA ASN A 86 -32.86 31.71 28.40
C ASN A 86 -33.98 31.07 29.23
N HIS A 87 -34.61 30.04 28.66
CA HIS A 87 -35.76 29.39 29.25
C HIS A 87 -35.35 28.08 29.91
N SER A 88 -35.85 27.85 31.11
CA SER A 88 -35.71 26.55 31.76
C SER A 88 -37.01 25.76 31.60
N GLY A 89 -36.91 24.45 31.82
CA GLY A 89 -38.08 23.59 31.73
C GLY A 89 -38.29 23.01 30.35
N SER A 90 -39.48 22.45 30.17
CA SER A 90 -39.88 21.85 28.90
C SER A 90 -40.60 22.88 28.04
N HIS A 91 -40.14 23.03 26.79
CA HIS A 91 -40.74 23.92 25.83
C HIS A 91 -40.94 23.18 24.52
N THR A 92 -41.79 23.73 23.65
CA THR A 92 -42.15 23.06 22.42
C THR A 92 -41.73 23.86 21.20
N TYR A 93 -41.47 23.14 20.12
CA TYR A 93 -41.11 23.69 18.82
C TYR A 93 -42.03 23.04 17.80
N GLN A 94 -42.56 23.83 16.87
CA GLN A 94 -43.48 23.25 15.91
C GLN A 94 -43.23 23.84 14.54
N ARG A 95 -43.50 23.03 13.53
CA ARG A 95 -43.35 23.43 12.15
C ARG A 95 -44.58 22.95 11.38
N MET A 96 -45.00 23.74 10.39
N MET A 96 -45.02 23.75 10.41
CA MET A 96 -46.06 23.33 9.50
CA MET A 96 -46.09 23.37 9.49
C MET A 96 -45.76 23.80 8.09
C MET A 96 -45.72 23.80 8.08
N ILE A 97 -45.83 22.88 7.12
CA ILE A 97 -45.58 23.19 5.72
C ILE A 97 -46.71 22.56 4.91
N GLY A 98 -47.03 23.18 3.77
CA GLY A 98 -48.04 22.57 2.92
C GLY A 98 -48.57 23.54 1.89
N CYS A 99 -49.62 23.07 1.21
CA CYS A 99 -50.15 23.76 0.04
C CYS A 99 -51.63 23.45 -0.07
N GLU A 100 -52.33 24.32 -0.79
CA GLU A 100 -53.74 24.15 -1.09
C GLU A 100 -53.94 24.26 -2.59
N LEU A 101 -54.80 23.40 -3.12
CA LEU A 101 -55.24 23.46 -4.50
C LEU A 101 -56.72 23.85 -4.43
N LEU A 102 -57.02 25.07 -4.84
CA LEU A 102 -58.36 25.61 -4.66
C LEU A 102 -59.27 25.18 -5.80
N GLU A 103 -60.58 25.26 -5.55
CA GLU A 103 -61.57 24.84 -6.54
C GLU A 103 -61.34 25.50 -7.89
N ASP A 104 -61.08 26.82 -7.90
CA ASP A 104 -60.89 27.55 -9.14
C ASP A 104 -59.54 27.28 -9.80
N GLY A 105 -58.72 26.38 -9.26
CA GLY A 105 -57.45 26.03 -9.86
C GLY A 105 -56.25 26.80 -9.35
N SER A 106 -56.46 27.86 -8.56
CA SER A 106 -55.35 28.58 -7.96
C SER A 106 -54.74 27.78 -6.81
N THR A 107 -53.56 28.18 -6.37
CA THR A 107 -52.83 27.45 -5.34
C THR A 107 -52.33 28.41 -4.27
N THR A 108 -52.11 27.86 -3.08
CA THR A 108 -51.38 28.56 -2.04
C THR A 108 -50.31 27.64 -1.47
N GLY A 109 -49.36 28.23 -0.78
CA GLY A 109 -48.26 27.48 -0.19
C GLY A 109 -47.77 28.17 1.07
N PHE A 110 -47.44 27.41 2.11
CA PHE A 110 -47.15 28.04 3.38
C PHE A 110 -46.12 27.23 4.15
N LEU A 111 -45.37 27.93 4.99
CA LEU A 111 -44.34 27.34 5.83
C LEU A 111 -44.18 28.25 7.05
N GLN A 112 -44.33 27.69 8.25
CA GLN A 112 -44.18 28.52 9.44
C GLN A 112 -43.75 27.66 10.61
N TYR A 113 -43.24 28.35 11.64
CA TYR A 113 -42.70 27.74 12.85
C TYR A 113 -43.36 28.38 14.07
N ALA A 114 -43.43 27.61 15.15
CA ALA A 114 -43.96 28.11 16.41
C ALA A 114 -43.08 27.67 17.57
N TYR A 115 -42.96 28.55 18.56
CA TYR A 115 -42.31 28.22 19.83
C TYR A 115 -43.36 28.33 20.93
N ASP A 116 -43.50 27.28 21.73
CA ASP A 116 -44.54 27.21 22.77
C ASP A 116 -45.91 27.56 22.21
N GLY A 117 -46.23 27.03 21.04
CA GLY A 117 -47.55 27.17 20.46
C GLY A 117 -47.90 28.53 19.91
N GLN A 118 -46.95 29.47 19.85
CA GLN A 118 -47.19 30.79 19.30
C GLN A 118 -46.31 30.98 18.07
N ASP A 119 -46.86 31.65 17.06
CA ASP A 119 -46.11 31.99 15.85
C ASP A 119 -44.72 32.48 16.19
N PHE A 120 -43.73 31.96 15.46
CA PHE A 120 -42.33 32.31 15.66
C PHE A 120 -41.70 32.87 14.39
N LEU A 121 -41.75 32.12 13.29
CA LEU A 121 -41.24 32.56 12.00
C LEU A 121 -42.21 32.14 10.91
N ILE A 122 -42.51 33.05 9.99
CA ILE A 122 -43.48 32.78 8.93
C ILE A 122 -42.84 33.10 7.59
N PHE A 123 -42.82 32.13 6.69
CA PHE A 123 -42.19 32.30 5.39
C PHE A 123 -43.11 33.02 4.42
N ASN A 124 -42.57 33.98 3.69
CA ASN A 124 -43.27 34.64 2.59
C ASN A 124 -42.57 34.20 1.29
N LYS A 125 -43.18 33.27 0.55
CA LYS A 125 -42.53 32.75 -0.65
C LYS A 125 -42.61 33.68 -1.84
N ASP A 126 -43.25 34.84 -1.71
CA ASP A 126 -43.26 35.84 -2.79
C ASP A 126 -42.20 36.90 -2.61
N THR A 127 -42.03 37.43 -1.39
CA THR A 127 -40.92 38.33 -1.14
C THR A 127 -39.66 37.57 -0.74
N LEU A 128 -39.72 36.24 -0.65
CA LEU A 128 -38.59 35.40 -0.28
C LEU A 128 -37.92 35.92 0.99
N SER A 129 -38.70 35.93 2.08
CA SER A 129 -38.20 36.43 3.35
C SER A 129 -38.97 35.78 4.48
N TRP A 130 -38.41 35.93 5.67
CA TRP A 130 -38.99 35.36 6.89
C TRP A 130 -39.48 36.49 7.79
N LEU A 131 -40.71 36.37 8.27
CA LEU A 131 -41.28 37.30 9.24
C LEU A 131 -40.95 36.81 10.65
N ALA A 132 -40.23 37.62 11.41
CA ALA A 132 -39.86 37.31 12.79
C ALA A 132 -40.78 38.03 13.76
N VAL A 133 -41.18 37.35 14.84
CA VAL A 133 -42.07 37.92 15.83
C VAL A 133 -41.36 38.58 17.00
N ASP A 134 -40.08 38.26 17.23
CA ASP A 134 -39.33 38.85 18.33
C ASP A 134 -37.85 38.77 18.00
N ASN A 135 -37.00 39.19 18.93
CA ASN A 135 -35.58 39.31 18.65
CA ASN A 135 -35.58 39.31 18.63
C ASN A 135 -34.90 37.95 18.53
N VAL A 136 -35.42 36.93 19.21
CA VAL A 136 -34.85 35.60 19.04
C VAL A 136 -35.10 35.11 17.62
N ALA A 137 -36.34 35.26 17.15
CA ALA A 137 -36.66 34.94 15.76
C ALA A 137 -35.91 35.83 14.79
N HIS A 138 -35.68 37.09 15.16
CA HIS A 138 -34.94 37.98 14.28
C HIS A 138 -33.52 37.48 14.05
N THR A 139 -32.88 36.92 15.09
CA THR A 139 -31.57 36.32 14.91
C THR A 139 -31.60 35.15 13.94
N ILE A 140 -32.62 34.29 14.04
CA ILE A 140 -32.76 33.15 13.13
C ILE A 140 -33.07 33.65 11.71
N LYS A 141 -33.98 34.61 11.60
CA LYS A 141 -34.30 35.19 10.29
C LYS A 141 -33.04 35.63 9.55
N GLN A 142 -32.11 36.32 10.22
CA GLN A 142 -30.89 36.78 9.54
CA GLN A 142 -30.89 36.78 9.54
C GLN A 142 -30.11 35.60 8.97
N ALA A 143 -29.93 34.54 9.77
CA ALA A 143 -29.17 33.37 9.30
C ALA A 143 -29.88 32.69 8.13
N TRP A 144 -31.19 32.49 8.24
CA TRP A 144 -31.90 31.78 7.18
C TRP A 144 -31.93 32.59 5.89
N GLU A 145 -32.09 33.91 5.99
CA GLU A 145 -32.13 34.73 4.79
C GLU A 145 -30.76 34.91 4.16
N ALA A 146 -29.68 34.61 4.88
CA ALA A 146 -28.37 34.67 4.28
C ALA A 146 -28.12 33.51 3.32
N ASN A 147 -28.98 32.49 3.36
CA ASN A 147 -28.88 31.32 2.49
C ASN A 147 -29.95 31.48 1.43
N GLN A 148 -29.64 32.30 0.42
CA GLN A 148 -30.63 32.65 -0.59
C GLN A 148 -31.11 31.41 -1.35
N HIS A 149 -30.21 30.47 -1.63
CA HIS A 149 -30.61 29.28 -2.38
C HIS A 149 -31.67 28.47 -1.65
N GLU A 150 -31.64 28.48 -0.31
CA GLU A 150 -32.61 27.70 0.44
C GLU A 150 -34.00 28.33 0.36
N LEU A 151 -34.06 29.66 0.35
CA LEU A 151 -35.33 30.34 0.13
C LEU A 151 -35.91 30.00 -1.24
N LEU A 152 -35.08 30.01 -2.28
CA LEU A 152 -35.55 29.65 -3.62
C LEU A 152 -36.01 28.21 -3.66
N TYR A 153 -35.25 27.33 -3.02
CA TYR A 153 -35.66 25.93 -2.92
CA TYR A 153 -35.66 25.93 -2.93
C TYR A 153 -37.05 25.80 -2.31
N GLN A 154 -37.31 26.51 -1.21
CA GLN A 154 -38.60 26.35 -0.54
CA GLN A 154 -38.60 26.35 -0.54
C GLN A 154 -39.73 26.89 -1.40
N LYS A 155 -39.48 27.97 -2.14
CA LYS A 155 -40.52 28.48 -3.04
C LYS A 155 -40.88 27.45 -4.10
N ASN A 156 -39.86 26.84 -4.73
CA ASN A 156 -40.13 25.80 -5.71
C ASN A 156 -40.88 24.63 -5.09
N TRP A 157 -40.50 24.21 -3.88
CA TRP A 157 -41.15 23.05 -3.29
C TRP A 157 -42.62 23.36 -3.01
N LEU A 158 -42.89 24.52 -2.42
CA LEU A 158 -44.26 24.88 -2.08
C LEU A 158 -45.12 25.05 -3.32
N GLU A 159 -44.57 25.65 -4.38
CA GLU A 159 -45.37 25.96 -5.55
C GLU A 159 -45.48 24.82 -6.55
N GLU A 160 -44.45 23.98 -6.68
CA GLU A 160 -44.46 22.92 -7.69
C GLU A 160 -44.56 21.53 -7.05
N GLU A 161 -43.58 21.15 -6.23
CA GLU A 161 -43.53 19.80 -5.69
C GLU A 161 -44.73 19.49 -4.80
N CYS A 162 -45.05 20.41 -3.88
CA CYS A 162 -46.13 20.14 -2.94
C CYS A 162 -47.44 19.91 -3.66
N ILE A 163 -47.73 20.72 -4.68
CA ILE A 163 -48.98 20.55 -5.41
C ILE A 163 -48.97 19.22 -6.16
N ALA A 164 -47.81 18.81 -6.66
CA ALA A 164 -47.71 17.52 -7.35
C ALA A 164 -47.99 16.36 -6.39
N TRP A 165 -47.42 16.40 -5.18
CA TRP A 165 -47.71 15.41 -4.14
C TRP A 165 -49.20 15.37 -3.82
N LEU A 166 -49.80 16.54 -3.66
CA LEU A 166 -51.22 16.64 -3.32
C LEU A 166 -52.08 15.97 -4.39
N LYS A 167 -51.83 16.28 -5.67
CA LYS A 167 -52.61 15.66 -6.74
C LYS A 167 -52.42 14.14 -6.73
N ARG A 168 -51.21 13.69 -6.46
CA ARG A 168 -50.93 12.25 -6.38
C ARG A 168 -51.73 11.60 -5.25
N PHE A 169 -51.72 12.21 -4.06
CA PHE A 169 -52.44 11.63 -2.94
C PHE A 169 -53.95 11.73 -3.12
N LEU A 170 -54.43 12.80 -3.76
CA LEU A 170 -55.86 12.95 -4.00
CA LEU A 170 -55.86 12.96 -4.01
C LEU A 170 -56.39 11.84 -4.90
N GLU A 171 -55.59 11.38 -5.85
CA GLU A 171 -55.99 10.26 -6.69
C GLU A 171 -55.96 8.94 -5.91
N TYR A 172 -54.88 8.70 -5.13
CA TYR A 172 -54.84 7.54 -4.25
C TYR A 172 -56.10 7.43 -3.40
N GLY A 173 -56.48 8.52 -2.73
CA GLY A 173 -57.61 8.48 -1.82
C GLY A 173 -58.93 9.00 -2.36
N LYS A 174 -59.11 8.94 -3.68
CA LYS A 174 -60.26 9.61 -4.30
C LYS A 174 -61.59 9.06 -3.78
N ASP A 175 -61.66 7.76 -3.49
CA ASP A 175 -62.91 7.18 -3.01
C ASP A 175 -63.30 7.73 -1.65
N THR A 176 -62.32 8.17 -0.86
CA THR A 176 -62.62 8.79 0.43
C THR A 176 -62.77 10.30 0.31
N LEU A 177 -61.80 10.95 -0.34
CA LEU A 177 -61.66 12.40 -0.32
C LEU A 177 -62.61 13.12 -1.27
N GLN A 178 -63.01 12.47 -2.35
CA GLN A 178 -63.85 13.14 -3.35
C GLN A 178 -65.31 12.72 -3.28
N ARG A 179 -65.71 11.96 -2.25
CA ARG A 179 -67.10 11.57 -2.12
C ARG A 179 -67.94 12.68 -1.48
N THR A 180 -69.26 12.51 -1.53
CA THR A 180 -70.22 13.38 -0.88
C THR A 180 -71.26 12.55 -0.15
N GLU A 181 -71.43 12.81 1.14
CA GLU A 181 -72.51 12.22 1.92
C GLU A 181 -73.38 13.35 2.44
N PRO A 182 -74.63 13.49 1.99
CA PRO A 182 -75.43 14.65 2.37
C PRO A 182 -75.83 14.59 3.83
N PRO A 183 -76.05 15.74 4.47
CA PRO A 183 -76.44 15.74 5.88
C PRO A 183 -77.89 15.35 6.07
N LEU A 184 -78.17 14.79 7.23
CA LEU A 184 -79.53 14.62 7.74
C LEU A 184 -79.75 15.71 8.79
N VAL A 185 -80.78 16.54 8.57
CA VAL A 185 -80.96 17.78 9.32
C VAL A 185 -82.33 17.77 9.99
N ARG A 186 -82.38 18.28 11.22
CA ARG A 186 -83.60 18.24 12.02
C ARG A 186 -83.60 19.45 12.94
N VAL A 187 -84.79 19.88 13.33
CA VAL A 187 -84.96 21.01 14.25
C VAL A 187 -85.71 20.54 15.49
N ASN A 188 -85.35 21.11 16.63
CA ASN A 188 -86.07 20.88 17.87
C ASN A 188 -85.89 22.09 18.77
N ARG A 189 -86.61 22.10 19.89
CA ARG A 189 -86.52 23.18 20.87
C ARG A 189 -86.23 22.57 22.24
N LYS A 190 -85.27 23.16 22.96
CA LYS A 190 -84.85 22.64 24.24
C LYS A 190 -85.09 23.64 25.37
N THR A 197 -86.32 29.35 26.14
CA THR A 197 -86.40 28.33 25.12
C THR A 197 -85.65 28.73 23.85
N ALA A 198 -85.11 27.75 23.14
CA ALA A 198 -84.29 28.01 21.97
C ALA A 198 -84.49 26.92 20.93
N LEU A 199 -84.39 27.29 19.66
CA LEU A 199 -84.48 26.36 18.56
C LEU A 199 -83.08 25.84 18.22
N PHE A 200 -82.95 24.52 18.15
CA PHE A 200 -81.70 23.87 17.75
C PHE A 200 -81.88 23.26 16.37
N CYS A 201 -80.93 23.54 15.49
CA CYS A 201 -80.88 22.93 14.17
C CYS A 201 -79.66 22.03 14.13
N LYS A 202 -79.87 20.74 13.89
CA LYS A 202 -78.80 19.76 14.04
C LYS A 202 -78.63 18.95 12.77
N ALA A 203 -77.37 18.77 12.35
CA ALA A 203 -77.04 17.98 11.17
C ALA A 203 -76.03 16.90 11.52
N HIS A 204 -76.15 15.75 10.86
CA HIS A 204 -75.21 14.68 11.09
C HIS A 204 -75.11 13.82 9.84
N GLY A 205 -74.08 12.99 9.78
CA GLY A 205 -73.91 12.04 8.70
C GLY A 205 -73.28 12.57 7.42
N PHE A 206 -72.68 13.76 7.44
CA PHE A 206 -72.24 14.38 6.20
C PHE A 206 -70.72 14.30 6.01
N TYR A 207 -70.32 14.38 4.74
CA TYR A 207 -68.93 14.43 4.30
C TYR A 207 -68.93 15.14 2.95
N PRO A 208 -68.01 16.10 2.71
CA PRO A 208 -66.87 16.52 3.54
C PRO A 208 -67.31 17.32 4.77
N PRO A 209 -66.39 17.62 5.69
CA PRO A 209 -66.80 18.30 6.93
C PRO A 209 -67.22 19.75 6.74
N GLU A 210 -66.89 20.38 5.62
CA GLU A 210 -67.25 21.78 5.39
C GLU A 210 -68.76 21.93 5.21
N ILE A 211 -69.39 22.71 6.09
CA ILE A 211 -70.84 22.90 6.09
C ILE A 211 -71.12 24.26 6.70
N TYR A 212 -72.23 24.88 6.28
CA TYR A 212 -72.64 26.17 6.80
C TYR A 212 -74.09 26.05 7.24
N MET A 213 -74.31 26.23 8.54
CA MET A 213 -75.64 26.23 9.13
C MET A 213 -75.89 27.58 9.78
N THR A 214 -77.10 28.11 9.61
CA THR A 214 -77.44 29.39 10.21
C THR A 214 -78.95 29.46 10.36
N TRP A 215 -79.40 30.42 11.14
CA TRP A 215 -80.82 30.68 11.37
C TRP A 215 -81.20 32.02 10.76
N MET A 216 -82.37 32.08 10.15
CA MET A 216 -82.88 33.32 9.60
C MET A 216 -84.24 33.63 10.22
N LYS A 217 -84.46 34.91 10.51
CA LYS A 217 -85.65 35.39 11.19
C LYS A 217 -86.40 36.29 10.20
N ASN A 218 -87.59 35.86 9.79
CA ASN A 218 -88.39 36.58 8.81
C ASN A 218 -87.61 36.82 7.51
N GLY A 219 -86.73 35.88 7.15
CA GLY A 219 -85.94 36.03 5.95
C GLY A 219 -84.71 36.90 6.09
N GLU A 220 -84.27 37.18 7.31
CA GLU A 220 -83.08 37.99 7.54
C GLU A 220 -82.14 37.27 8.50
N GLU A 221 -80.85 37.47 8.30
CA GLU A 221 -79.81 36.81 9.08
C GLU A 221 -79.15 37.83 10.01
N ILE A 222 -78.98 37.44 11.27
CA ILE A 222 -78.26 38.25 12.26
C ILE A 222 -77.33 37.29 13.00
N VAL A 223 -76.04 37.33 12.64
CA VAL A 223 -75.10 36.32 13.16
C VAL A 223 -74.85 36.52 14.65
N GLN A 224 -74.98 37.75 15.15
CA GLN A 224 -74.75 38.01 16.57
C GLN A 224 -75.87 37.48 17.46
N GLU A 225 -76.93 36.93 16.90
CA GLU A 225 -78.01 36.32 17.66
C GLU A 225 -77.99 34.80 17.57
N ILE A 226 -76.97 34.21 16.95
CA ILE A 226 -76.92 32.79 16.66
C ILE A 226 -75.74 32.17 17.40
N ASP A 227 -75.98 31.00 17.99
CA ASP A 227 -74.92 30.22 18.63
C ASP A 227 -74.51 29.11 17.66
N TYR A 228 -73.28 29.18 17.18
CA TYR A 228 -72.77 28.24 16.19
C TYR A 228 -71.98 27.13 16.88
N GLY A 229 -72.37 25.88 16.62
CA GLY A 229 -71.64 24.75 17.13
C GLY A 229 -70.52 24.31 16.20
N ASP A 230 -69.50 23.69 16.78
CA ASP A 230 -68.38 23.20 16.00
C ASP A 230 -68.79 22.03 15.12
N ILE A 231 -68.12 21.90 13.98
CA ILE A 231 -68.23 20.72 13.15
C ILE A 231 -67.39 19.62 13.79
N LEU A 232 -68.04 18.53 14.19
CA LEU A 232 -67.34 17.55 15.00
C LEU A 232 -67.32 16.18 14.32
N PRO A 233 -66.23 15.42 14.47
CA PRO A 233 -66.20 14.05 13.92
C PRO A 233 -67.11 13.13 14.70
N SER A 234 -67.90 12.34 13.98
CA SER A 234 -68.78 11.36 14.58
C SER A 234 -68.09 10.03 14.88
N GLY A 235 -66.93 9.77 14.26
CA GLY A 235 -66.17 8.57 14.50
C GLY A 235 -66.22 7.55 13.39
N ASP A 236 -67.19 7.67 12.48
CA ASP A 236 -67.36 6.72 11.40
C ASP A 236 -66.94 7.28 10.05
N GLY A 237 -66.23 8.41 10.04
CA GLY A 237 -65.84 9.08 8.82
C GLY A 237 -66.73 10.24 8.42
N THR A 238 -67.87 10.43 9.08
CA THR A 238 -68.75 11.56 8.84
C THR A 238 -68.71 12.52 10.02
N TYR A 239 -69.44 13.63 9.88
CA TYR A 239 -69.39 14.74 10.82
C TYR A 239 -70.78 15.19 11.23
N GLN A 240 -70.84 16.01 12.27
CA GLN A 240 -72.10 16.55 12.76
C GLN A 240 -71.87 17.97 13.24
N ALA A 241 -72.93 18.77 13.22
CA ALA A 241 -72.84 20.16 13.60
C ALA A 241 -74.24 20.64 14.01
N TRP A 242 -74.30 21.85 14.55
CA TRP A 242 -75.57 22.41 14.98
C TRP A 242 -75.45 23.92 15.06
N ALA A 243 -76.60 24.57 15.18
CA ALA A 243 -76.69 26.00 15.42
C ALA A 243 -78.02 26.24 16.14
N SER A 244 -78.02 27.22 17.04
CA SER A 244 -79.20 27.50 17.84
C SER A 244 -79.52 29.00 17.85
N ILE A 245 -80.79 29.30 18.10
CA ILE A 245 -81.25 30.68 18.23
C ILE A 245 -82.39 30.70 19.24
N GLU A 246 -82.48 31.79 20.00
CA GLU A 246 -83.47 31.89 21.06
C GLU A 246 -84.74 32.57 20.55
N LEU A 247 -85.88 32.12 21.05
CA LEU A 247 -87.17 32.55 20.53
C LEU A 247 -87.67 33.78 21.29
N ASP A 248 -88.17 34.76 20.53
CA ASP A 248 -88.80 35.94 21.08
C ASP A 248 -90.22 35.61 21.51
N PRO A 249 -90.53 35.58 22.80
CA PRO A 249 -91.89 35.26 23.25
C PRO A 249 -92.86 36.42 23.19
N GLN A 250 -92.40 37.62 22.82
CA GLN A 250 -93.25 38.80 22.80
C GLN A 250 -93.79 39.13 21.41
N SER A 251 -93.24 38.51 20.36
CA SER A 251 -93.70 38.78 19.00
C SER A 251 -93.61 37.50 18.17
N SER A 252 -94.50 37.40 17.19
CA SER A 252 -94.49 36.27 16.27
C SER A 252 -93.43 36.49 15.19
N ASN A 253 -92.65 35.46 14.92
CA ASN A 253 -91.61 35.53 13.91
C ASN A 253 -91.46 34.17 13.25
N LEU A 254 -91.14 34.20 11.95
CA LEU A 254 -90.88 32.98 11.20
C LEU A 254 -89.39 32.67 11.24
N TYR A 255 -89.03 31.53 11.82
CA TYR A 255 -87.65 31.08 11.89
C TYR A 255 -87.41 29.97 10.88
N SER A 256 -86.20 29.94 10.33
CA SER A 256 -85.84 28.90 9.37
CA SER A 256 -85.84 28.92 9.36
C SER A 256 -84.37 28.59 9.51
N CYS A 257 -84.04 27.30 9.50
CA CYS A 257 -82.65 26.86 9.47
C CYS A 257 -82.24 26.67 8.02
N HIS A 258 -81.05 27.16 7.69
CA HIS A 258 -80.49 27.10 6.36
C HIS A 258 -79.16 26.35 6.45
N VAL A 259 -78.99 25.34 5.61
CA VAL A 259 -77.80 24.49 5.63
C VAL A 259 -77.28 24.41 4.20
N GLU A 260 -76.01 24.74 4.02
CA GLU A 260 -75.39 24.64 2.71
C GLU A 260 -74.28 23.61 2.79
N HIS A 261 -74.32 22.62 1.91
CA HIS A 261 -73.31 21.56 1.92
C HIS A 261 -73.06 21.06 0.51
N SER A 262 -71.81 21.15 0.07
CA SER A 262 -71.35 20.58 -1.20
CA SER A 262 -71.35 20.58 -1.20
C SER A 262 -72.26 20.99 -2.36
N GLY A 263 -72.57 22.28 -2.44
CA GLY A 263 -73.36 22.81 -3.53
C GLY A 263 -74.85 22.59 -3.45
N VAL A 264 -75.39 22.15 -2.31
CA VAL A 264 -76.83 21.99 -2.12
C VAL A 264 -77.25 22.84 -0.92
N HIS A 265 -78.37 23.54 -1.06
CA HIS A 265 -78.91 24.37 0.00
CA HIS A 265 -78.91 24.37 0.00
C HIS A 265 -80.19 23.76 0.53
N MET A 266 -80.35 23.77 1.84
CA MET A 266 -81.52 23.21 2.51
CA MET A 266 -81.54 23.22 2.50
C MET A 266 -82.13 24.26 3.43
N VAL A 267 -83.46 24.34 3.46
CA VAL A 267 -84.18 25.24 4.35
C VAL A 267 -85.22 24.43 5.11
N LEU A 268 -85.22 24.57 6.44
CA LEU A 268 -86.20 23.92 7.31
C LEU A 268 -86.99 25.01 8.01
N GLN A 269 -88.24 25.21 7.59
CA GLN A 269 -89.09 26.24 8.17
C GLN A 269 -89.75 25.74 9.44
N VAL A 270 -89.69 26.54 10.50
CA VAL A 270 -90.23 26.17 11.80
C VAL A 270 -91.67 26.66 11.87
N PRO A 271 -92.66 25.78 12.08
CA PRO A 271 -94.07 26.16 12.14
C PRO A 271 -94.45 26.88 13.43
N GLY B 2 -37.74 5.62 -16.49
CA GLY B 2 -36.54 5.78 -15.70
C GLY B 2 -36.00 7.20 -15.65
N GLN B 3 -35.33 7.53 -14.55
CA GLN B 3 -34.74 8.86 -14.40
C GLN B 3 -33.41 8.90 -15.13
N ASN B 4 -33.21 9.93 -15.95
CA ASN B 4 -32.03 10.03 -16.80
CA ASN B 4 -31.98 10.02 -16.72
C ASN B 4 -31.52 11.46 -16.81
N ILE B 5 -30.21 11.61 -16.99
CA ILE B 5 -29.56 12.91 -17.10
CA ILE B 5 -29.59 12.91 -17.12
C ILE B 5 -28.49 12.78 -18.17
N ASP B 6 -28.44 13.72 -19.11
CA ASP B 6 -27.56 13.60 -20.26
C ASP B 6 -26.72 14.84 -20.43
N GLN B 7 -25.42 14.63 -20.66
CA GLN B 7 -24.54 15.74 -21.00
C GLN B 7 -23.51 15.21 -21.99
N PRO B 8 -22.96 16.07 -22.84
CA PRO B 8 -21.98 15.58 -23.82
C PRO B 8 -20.78 14.99 -23.13
N THR B 9 -20.16 14.01 -23.79
CA THR B 9 -18.99 13.35 -23.21
C THR B 9 -17.80 14.29 -23.15
N GLU B 10 -17.58 15.08 -24.20
CA GLU B 10 -16.37 15.89 -24.28
C GLU B 10 -16.66 17.14 -25.09
N MET B 11 -15.98 18.23 -24.72
CA MET B 11 -16.01 19.46 -25.50
C MET B 11 -14.61 20.04 -25.58
N THR B 12 -14.29 20.65 -26.72
CA THR B 12 -13.00 21.30 -26.91
C THR B 12 -13.23 22.73 -27.39
N ALA B 13 -12.57 23.68 -26.73
CA ALA B 13 -12.69 25.09 -27.06
C ALA B 13 -11.33 25.76 -26.89
N THR B 14 -11.24 27.00 -27.33
CA THR B 14 -9.99 27.75 -27.36
C THR B 14 -9.85 28.67 -26.16
N GLU B 15 -8.63 28.77 -25.64
CA GLU B 15 -8.30 29.70 -24.57
C GLU B 15 -8.83 31.10 -24.88
N GLY B 16 -9.45 31.74 -23.89
CA GLY B 16 -10.00 33.06 -24.06
C GLY B 16 -11.42 33.10 -24.59
N ALA B 17 -11.95 31.98 -25.07
CA ALA B 17 -13.27 31.96 -25.69
C ALA B 17 -14.34 31.61 -24.66
N ILE B 18 -15.56 31.33 -25.13
CA ILE B 18 -16.69 31.02 -24.27
C ILE B 18 -17.18 29.62 -24.65
N VAL B 19 -17.58 28.84 -23.65
CA VAL B 19 -18.11 27.52 -23.89
C VAL B 19 -19.37 27.35 -23.05
N GLN B 20 -20.35 26.62 -23.60
CA GLN B 20 -21.61 26.35 -22.91
C GLN B 20 -21.78 24.84 -22.79
N ILE B 21 -21.84 24.34 -21.57
CA ILE B 21 -21.99 22.91 -21.32
C ILE B 21 -23.46 22.63 -21.00
N ASN B 22 -24.11 21.77 -21.78
CA ASN B 22 -25.54 21.50 -21.65
C ASN B 22 -25.80 20.29 -20.76
N CYS B 23 -26.94 20.31 -20.08
CA CYS B 23 -27.40 19.22 -19.22
C CYS B 23 -28.91 19.14 -19.37
N THR B 24 -29.41 17.98 -19.80
CA THR B 24 -30.84 17.75 -19.86
CA THR B 24 -30.83 17.72 -19.91
C THR B 24 -31.22 16.63 -18.92
N TYR B 25 -32.40 16.74 -18.30
CA TYR B 25 -32.78 15.76 -17.30
C TYR B 25 -34.25 15.41 -17.42
N GLN B 26 -34.57 14.14 -17.14
CA GLN B 26 -35.93 13.65 -17.01
C GLN B 26 -35.99 12.93 -15.67
N THR B 27 -36.68 13.50 -14.71
CA THR B 27 -36.66 12.98 -13.35
C THR B 27 -38.08 12.93 -12.81
N SER B 28 -38.25 12.14 -11.76
CA SER B 28 -39.51 12.09 -11.03
CA SER B 28 -39.51 12.09 -11.03
C SER B 28 -39.47 13.20 -9.99
N GLY B 29 -39.93 14.38 -10.40
CA GLY B 29 -39.90 15.56 -9.55
C GLY B 29 -38.56 16.28 -9.61
N PHE B 30 -38.55 17.50 -9.07
CA PHE B 30 -37.38 18.37 -9.22
C PHE B 30 -37.22 19.24 -7.99
N ASN B 31 -36.04 19.14 -7.36
CA ASN B 31 -35.70 19.93 -6.19
C ASN B 31 -34.34 20.63 -6.36
N GLY B 32 -33.89 20.81 -7.59
CA GLY B 32 -32.73 21.66 -7.84
C GLY B 32 -31.70 20.92 -8.67
N LEU B 33 -30.87 21.70 -9.37
CA LEU B 33 -29.83 21.18 -10.25
C LEU B 33 -28.50 21.76 -9.82
N PHE B 34 -27.50 20.90 -9.69
CA PHE B 34 -26.16 21.27 -9.26
C PHE B 34 -25.16 21.11 -10.42
N TRP B 35 -24.15 21.98 -10.45
CA TRP B 35 -22.96 21.75 -11.25
C TRP B 35 -21.75 21.59 -10.32
N TYR B 36 -20.92 20.57 -10.60
CA TYR B 36 -19.66 20.37 -9.89
C TYR B 36 -18.50 20.38 -10.89
N GLN B 37 -17.35 20.90 -10.45
CA GLN B 37 -16.10 20.80 -11.22
C GLN B 37 -15.24 19.68 -10.63
N GLN B 38 -14.61 18.89 -11.50
CA GLN B 38 -13.72 17.83 -11.04
C GLN B 38 -12.48 17.81 -11.92
N HIS B 39 -11.39 18.36 -11.41
CA HIS B 39 -10.11 18.23 -12.11
C HIS B 39 -9.68 16.77 -12.13
N ALA B 40 -8.91 16.40 -13.14
CA ALA B 40 -8.48 15.02 -13.29
C ALA B 40 -7.74 14.55 -12.04
N GLY B 41 -8.12 13.39 -11.53
CA GLY B 41 -7.49 12.84 -10.35
C GLY B 41 -7.82 13.55 -9.06
N GLU B 42 -8.84 14.42 -9.04
CA GLU B 42 -9.15 15.21 -7.86
C GLU B 42 -10.62 15.01 -7.50
N ALA B 43 -11.03 15.61 -6.39
CA ALA B 43 -12.40 15.53 -5.90
C ALA B 43 -13.29 16.52 -6.64
N PRO B 44 -14.55 16.14 -6.88
CA PRO B 44 -15.53 17.13 -7.34
C PRO B 44 -15.66 18.26 -6.33
N THR B 45 -15.82 19.48 -6.83
CA THR B 45 -16.14 20.61 -5.95
C THR B 45 -17.37 21.33 -6.48
N PHE B 46 -18.17 21.84 -5.56
CA PHE B 46 -19.42 22.52 -5.88
C PHE B 46 -19.18 23.81 -6.67
N LEU B 47 -19.91 23.97 -7.78
CA LEU B 47 -19.88 25.21 -8.56
C LEU B 47 -21.15 26.04 -8.42
N SER B 48 -22.31 25.43 -8.62
CA SER B 48 -23.54 26.22 -8.73
C SER B 48 -24.76 25.37 -8.41
N TYR B 49 -25.84 26.07 -8.06
CA TYR B 49 -27.16 25.50 -7.81
C TYR B 49 -28.21 26.40 -8.45
N ASN B 50 -29.16 25.80 -9.17
CA ASN B 50 -30.35 26.49 -9.69
C ASN B 50 -31.59 25.67 -9.34
N VAL B 51 -32.68 26.37 -8.99
CA VAL B 51 -33.92 25.65 -8.71
C VAL B 51 -35.13 26.39 -9.30
N LEU B 52 -35.03 27.72 -9.44
CA LEU B 52 -36.00 28.47 -10.23
C LEU B 52 -35.43 28.79 -11.59
N ASP B 53 -36.30 29.23 -12.49
CA ASP B 53 -35.89 29.50 -13.86
C ASP B 53 -35.04 30.77 -13.91
N GLY B 54 -34.01 30.74 -14.76
CA GLY B 54 -33.23 31.93 -15.00
C GLY B 54 -31.75 31.65 -14.98
N LEU B 55 -30.98 32.72 -14.98
CA LEU B 55 -29.53 32.69 -15.07
C LEU B 55 -28.94 33.25 -13.79
N GLU B 56 -27.90 32.59 -13.26
CA GLU B 56 -27.20 33.07 -12.07
C GLU B 56 -25.71 33.12 -12.36
N GLU B 57 -25.07 34.23 -12.02
CA GLU B 57 -23.67 34.45 -12.32
CA GLU B 57 -23.67 34.45 -12.32
C GLU B 57 -22.82 34.32 -11.06
N LYS B 58 -21.60 33.80 -11.23
CA LYS B 58 -20.66 33.62 -10.13
C LYS B 58 -19.26 33.68 -10.72
N GLY B 59 -18.72 34.90 -10.81
CA GLY B 59 -17.40 35.08 -11.40
C GLY B 59 -17.47 34.94 -12.90
N ARG B 60 -16.53 34.18 -13.47
CA ARG B 60 -16.53 33.88 -14.89
C ARG B 60 -17.51 32.78 -15.27
N PHE B 61 -18.24 32.22 -14.31
CA PHE B 61 -19.17 31.12 -14.56
C PHE B 61 -20.59 31.60 -14.32
N SER B 62 -21.50 31.14 -15.18
N SER B 62 -21.51 31.12 -15.15
CA SER B 62 -22.92 31.36 -15.01
CA SER B 62 -22.93 31.37 -14.93
C SER B 62 -23.62 30.02 -15.16
C SER B 62 -23.69 30.10 -15.26
N SER B 63 -24.80 29.89 -14.54
CA SER B 63 -25.60 28.69 -14.69
CA SER B 63 -25.60 28.69 -14.69
C SER B 63 -27.03 29.09 -14.98
N PHE B 64 -27.63 28.44 -15.96
CA PHE B 64 -28.98 28.72 -16.42
C PHE B 64 -29.86 27.49 -16.20
N LEU B 65 -31.15 27.71 -15.89
CA LEU B 65 -32.10 26.63 -15.71
C LEU B 65 -33.42 26.96 -16.39
N SER B 66 -33.99 26.00 -17.09
CA SER B 66 -35.38 26.06 -17.57
C SER B 66 -36.10 24.81 -17.07
N ARG B 67 -36.95 24.98 -16.04
CA ARG B 67 -37.64 23.82 -15.49
C ARG B 67 -38.58 23.19 -16.52
N SER B 68 -39.24 24.02 -17.33
CA SER B 68 -40.22 23.48 -18.27
C SER B 68 -39.55 22.68 -19.37
N LYS B 69 -38.33 23.05 -19.77
CA LYS B 69 -37.58 22.32 -20.77
C LYS B 69 -36.70 21.23 -20.18
N GLY B 70 -36.58 21.17 -18.86
CA GLY B 70 -35.73 20.19 -18.22
C GLY B 70 -34.30 20.35 -18.69
N TYR B 71 -33.80 21.58 -18.67
CA TYR B 71 -32.54 21.91 -19.33
C TYR B 71 -31.75 22.89 -18.49
N SER B 72 -30.44 22.68 -18.41
CA SER B 72 -29.54 23.63 -17.77
C SER B 72 -28.28 23.74 -18.62
N TYR B 73 -27.62 24.90 -18.57
CA TYR B 73 -26.26 24.96 -19.08
C TYR B 73 -25.35 25.66 -18.07
N LEU B 74 -24.08 25.30 -18.14
CA LEU B 74 -23.02 25.97 -17.40
C LEU B 74 -22.19 26.78 -18.40
N LEU B 75 -22.11 28.09 -18.18
CA LEU B 75 -21.46 28.99 -19.13
C LEU B 75 -20.11 29.42 -18.57
N LEU B 76 -19.04 29.11 -19.29
CA LEU B 76 -17.68 29.52 -18.91
C LEU B 76 -17.18 30.57 -19.90
N LYS B 77 -16.91 31.77 -19.40
CA LYS B 77 -16.38 32.85 -20.23
CA LYS B 77 -16.38 32.84 -20.23
C LYS B 77 -14.89 33.03 -19.98
N GLU B 78 -14.22 33.63 -20.97
CA GLU B 78 -12.79 33.91 -20.90
C GLU B 78 -12.01 32.68 -20.42
N LEU B 79 -12.14 31.60 -21.18
CA LEU B 79 -11.56 30.32 -20.80
C LEU B 79 -10.06 30.44 -20.54
N GLN B 80 -9.62 29.79 -19.47
CA GLN B 80 -8.21 29.67 -19.11
C GLN B 80 -7.85 28.19 -19.06
N MET B 81 -6.55 27.89 -19.18
CA MET B 81 -6.12 26.49 -19.14
C MET B 81 -6.58 25.80 -17.87
N LYS B 82 -6.65 26.52 -16.75
CA LYS B 82 -7.05 25.89 -15.51
C LYS B 82 -8.51 25.45 -15.50
N ASP B 83 -9.30 25.88 -16.48
CA ASP B 83 -10.69 25.42 -16.61
C ASP B 83 -10.78 24.02 -17.19
N SER B 84 -9.67 23.47 -17.67
CA SER B 84 -9.65 22.08 -18.15
C SER B 84 -9.98 21.14 -17.00
N ALA B 85 -11.08 20.43 -17.12
CA ALA B 85 -11.64 19.62 -16.04
C ALA B 85 -12.86 18.88 -16.61
N SER B 86 -13.43 18.03 -15.78
CA SER B 86 -14.75 17.49 -16.07
C SER B 86 -15.79 18.28 -15.27
N TYR B 87 -16.96 18.45 -15.87
CA TYR B 87 -18.04 19.20 -15.25
C TYR B 87 -19.23 18.27 -15.12
N LEU B 88 -19.73 18.12 -13.89
CA LEU B 88 -20.74 17.13 -13.56
C LEU B 88 -22.03 17.85 -13.21
N CYS B 89 -23.12 17.46 -13.85
CA CYS B 89 -24.44 17.98 -13.55
CA CYS B 89 -24.40 18.00 -13.47
C CYS B 89 -25.19 16.93 -12.73
N ALA B 90 -26.01 17.38 -11.78
CA ALA B 90 -26.72 16.48 -10.90
C ALA B 90 -28.03 17.13 -10.47
N VAL B 91 -29.09 16.33 -10.38
CA VAL B 91 -30.43 16.82 -10.09
C VAL B 91 -31.00 16.06 -8.91
N LYS B 92 -31.61 16.79 -7.98
CA LYS B 92 -32.32 16.17 -6.87
CA LYS B 92 -32.33 16.18 -6.87
C LYS B 92 -33.76 15.89 -7.30
N ASP B 93 -34.21 14.64 -7.07
CA ASP B 93 -35.55 14.22 -7.47
C ASP B 93 -36.56 14.52 -6.37
N SER B 94 -37.79 13.99 -6.52
CA SER B 94 -38.85 14.29 -5.56
CA SER B 94 -38.85 14.29 -5.55
C SER B 94 -38.51 13.80 -4.16
N ASN B 95 -37.68 12.76 -4.06
CA ASN B 95 -37.30 12.25 -2.76
C ASN B 95 -35.89 12.68 -2.36
N TYR B 96 -35.41 13.78 -2.96
CA TYR B 96 -34.14 14.43 -2.63
CA TYR B 96 -34.13 14.42 -2.63
C TYR B 96 -32.95 13.52 -2.89
N GLN B 97 -33.11 12.55 -3.79
N GLN B 97 -33.10 12.58 -3.81
CA GLN B 97 -32.01 11.72 -4.26
CA GLN B 97 -31.99 11.71 -4.23
C GLN B 97 -31.32 12.41 -5.43
C GLN B 97 -31.32 12.32 -5.46
N LEU B 98 -29.99 12.39 -5.42
CA LEU B 98 -29.22 12.97 -6.52
C LEU B 98 -29.09 11.97 -7.66
N ILE B 99 -29.38 12.42 -8.87
CA ILE B 99 -29.11 11.65 -10.08
C ILE B 99 -27.99 12.37 -10.81
N TRP B 100 -26.89 11.66 -11.08
CA TRP B 100 -25.65 12.25 -11.59
C TRP B 100 -25.48 12.01 -13.09
N GLY B 101 -25.20 13.07 -13.83
CA GLY B 101 -24.75 12.90 -15.20
C GLY B 101 -23.35 12.27 -15.25
N ALA B 102 -22.98 11.76 -16.43
CA ALA B 102 -21.69 11.10 -16.57
C ALA B 102 -20.52 12.07 -16.70
N GLY B 103 -20.77 13.37 -16.79
CA GLY B 103 -19.73 14.37 -16.83
C GLY B 103 -19.32 14.74 -18.25
N THR B 104 -18.94 16.01 -18.41
CA THR B 104 -18.40 16.52 -19.66
C THR B 104 -16.95 16.87 -19.43
N LYS B 105 -16.05 16.26 -20.20
CA LYS B 105 -14.64 16.62 -20.14
C LYS B 105 -14.39 17.85 -21.00
N LEU B 106 -13.90 18.93 -20.40
CA LEU B 106 -13.60 20.16 -21.12
C LEU B 106 -12.11 20.23 -21.41
N ILE B 107 -11.75 20.24 -22.69
CA ILE B 107 -10.37 20.38 -23.14
C ILE B 107 -10.19 21.79 -23.70
N ILE B 108 -9.12 22.46 -23.30
CA ILE B 108 -8.86 23.84 -23.73
C ILE B 108 -7.61 23.86 -24.60
N LYS B 109 -7.72 24.49 -25.77
N LYS B 109 -7.73 24.47 -25.78
CA LYS B 109 -6.58 24.65 -26.66
CA LYS B 109 -6.58 24.66 -26.66
C LYS B 109 -5.89 25.97 -26.35
C LYS B 109 -5.89 25.97 -26.32
N PRO B 110 -4.60 25.96 -25.99
CA PRO B 110 -3.91 27.21 -25.70
C PRO B 110 -3.72 28.04 -26.97
N ASP B 111 -3.62 29.35 -26.77
CA ASP B 111 -3.28 30.27 -27.85
C ASP B 111 -1.76 30.31 -28.00
N ILE B 112 -1.25 29.71 -29.07
CA ILE B 112 0.19 29.70 -29.34
C ILE B 112 0.50 30.90 -30.22
N GLN B 113 1.18 31.90 -29.66
CA GLN B 113 1.38 33.15 -30.37
CA GLN B 113 1.39 33.16 -30.37
C GLN B 113 2.42 33.00 -31.50
N ASN B 114 3.48 32.23 -31.25
CA ASN B 114 4.56 32.08 -32.22
C ASN B 114 4.90 30.61 -32.40
N PRO B 115 4.13 29.88 -33.22
CA PRO B 115 4.38 28.45 -33.40
C PRO B 115 5.73 28.21 -34.03
N ASP B 116 6.42 27.18 -33.54
CA ASP B 116 7.77 26.83 -33.99
C ASP B 116 7.87 25.30 -34.02
N PRO B 117 7.00 24.64 -34.78
CA PRO B 117 6.92 23.16 -34.71
C PRO B 117 8.26 22.50 -35.04
N ALA B 118 8.64 21.52 -34.23
CA ALA B 118 9.91 20.83 -34.41
C ALA B 118 9.83 19.44 -33.79
N VAL B 119 10.62 18.51 -34.33
CA VAL B 119 10.81 17.19 -33.73
C VAL B 119 12.28 17.06 -33.36
N TYR B 120 12.56 16.91 -32.06
CA TYR B 120 13.91 16.86 -31.52
C TYR B 120 14.21 15.46 -30.99
N GLN B 121 15.46 15.04 -31.17
CA GLN B 121 15.95 13.79 -30.61
C GLN B 121 16.54 14.07 -29.23
N LEU B 122 15.97 13.49 -28.20
CA LEU B 122 16.55 13.66 -26.88
C LEU B 122 17.80 12.80 -26.74
N ARG B 123 18.64 13.16 -25.77
CA ARG B 123 19.87 12.41 -25.59
C ARG B 123 19.56 11.07 -24.91
N ASP B 124 20.24 10.02 -25.36
CA ASP B 124 20.04 8.71 -24.76
C ASP B 124 20.40 8.74 -23.28
N SER B 125 19.76 7.85 -22.51
CA SER B 125 20.14 7.58 -21.14
C SER B 125 20.96 6.30 -21.12
N LYS B 126 22.06 6.31 -20.36
CA LYS B 126 22.87 5.10 -20.27
C LYS B 126 22.13 3.97 -19.57
N SER B 127 21.01 4.26 -18.90
CA SER B 127 20.27 3.25 -18.17
C SER B 127 19.02 2.80 -18.91
N SER B 128 18.87 3.14 -20.19
CA SER B 128 17.68 2.78 -20.93
C SER B 128 18.07 2.46 -22.36
N ASP B 129 17.41 1.44 -22.94
CA ASP B 129 17.59 1.12 -24.35
C ASP B 129 16.68 1.93 -25.28
N LYS B 130 15.90 2.88 -24.75
CA LYS B 130 14.93 3.61 -25.54
C LYS B 130 15.56 4.80 -26.27
N SER B 131 15.07 5.05 -27.49
CA SER B 131 15.29 6.31 -28.18
CA SER B 131 15.29 6.31 -28.19
C SER B 131 14.03 7.17 -28.03
N VAL B 132 14.21 8.45 -27.72
CA VAL B 132 13.12 9.35 -27.36
C VAL B 132 13.12 10.58 -28.27
N CYS B 133 11.94 10.89 -28.83
CA CYS B 133 11.73 12.02 -29.72
C CYS B 133 10.64 12.92 -29.12
N LEU B 134 10.82 14.23 -29.28
CA LEU B 134 9.90 15.22 -28.74
C LEU B 134 9.37 16.08 -29.89
N PHE B 135 8.05 16.02 -30.12
CA PHE B 135 7.36 16.91 -31.05
C PHE B 135 6.85 18.08 -30.22
N THR B 136 7.28 19.30 -30.53
CA THR B 136 6.98 20.40 -29.62
C THR B 136 6.75 21.70 -30.38
N ASP B 137 6.10 22.65 -29.70
CA ASP B 137 5.97 24.04 -30.11
C ASP B 137 5.06 24.21 -31.33
N PHE B 138 4.19 23.24 -31.59
CA PHE B 138 3.23 23.33 -32.67
C PHE B 138 1.94 24.02 -32.20
N ASP B 139 1.21 24.54 -33.18
CA ASP B 139 -0.06 25.22 -32.95
C ASP B 139 -1.12 24.23 -32.47
N SER B 140 -2.10 24.76 -31.72
CA SER B 140 -3.03 23.87 -31.04
C SER B 140 -3.99 23.14 -31.99
N GLN B 141 -4.06 23.54 -33.26
CA GLN B 141 -4.91 22.82 -34.21
C GLN B 141 -4.32 21.45 -34.58
N THR B 142 -3.04 21.23 -34.33
CA THR B 142 -2.41 19.97 -34.68
C THR B 142 -2.85 18.86 -33.73
N ASN B 143 -3.19 17.71 -34.30
CA ASN B 143 -3.57 16.53 -33.53
C ASN B 143 -2.45 15.51 -33.62
N VAL B 144 -2.18 14.84 -32.50
CA VAL B 144 -1.12 13.83 -32.42
C VAL B 144 -1.79 12.46 -32.42
N SER B 145 -1.54 11.68 -33.46
CA SER B 145 -2.14 10.36 -33.58
C SER B 145 -1.32 9.32 -32.84
N GLN B 146 -2.03 8.32 -32.31
CA GLN B 146 -1.36 7.19 -31.67
CA GLN B 146 -1.34 7.21 -31.67
C GLN B 146 -0.50 6.44 -32.70
N SER B 147 0.39 5.61 -32.18
CA SER B 147 1.27 4.84 -33.04
CA SER B 147 1.27 4.84 -33.04
C SER B 147 0.54 3.66 -33.65
N LYS B 148 0.96 3.30 -34.88
CA LYS B 148 0.48 2.10 -35.55
C LYS B 148 1.53 1.00 -35.57
N ASP B 149 2.69 1.23 -34.97
CA ASP B 149 3.69 0.21 -34.70
C ASP B 149 3.54 -0.19 -33.24
N SER B 150 3.39 -1.50 -33.01
CA SER B 150 3.17 -2.00 -31.65
C SER B 150 4.37 -1.77 -30.73
N ASP B 151 5.57 -1.58 -31.30
CA ASP B 151 6.77 -1.34 -30.50
C ASP B 151 7.15 0.13 -30.44
N VAL B 152 6.26 1.03 -30.86
CA VAL B 152 6.47 2.47 -30.77
C VAL B 152 5.35 3.07 -29.91
N TYR B 153 5.72 3.94 -28.98
CA TYR B 153 4.79 4.51 -28.02
C TYR B 153 4.75 6.01 -28.20
N ILE B 154 3.54 6.56 -28.34
CA ILE B 154 3.35 7.99 -28.59
C ILE B 154 2.28 8.51 -27.63
N THR B 155 2.64 9.50 -26.83
CA THR B 155 1.70 10.08 -25.88
C THR B 155 0.95 11.23 -26.53
N ASP B 156 -0.17 11.60 -25.90
CA ASP B 156 -0.97 12.69 -26.44
C ASP B 156 -0.28 14.02 -26.16
N LYS B 157 -0.76 15.08 -26.79
CA LYS B 157 -0.14 16.37 -26.55
C LYS B 157 -0.46 16.85 -25.13
N CYS B 158 0.50 17.57 -24.55
CA CYS B 158 0.50 18.08 -23.20
C CYS B 158 0.81 19.56 -23.30
N VAL B 159 0.12 20.39 -22.52
CA VAL B 159 0.35 21.84 -22.53
C VAL B 159 1.20 22.20 -21.31
N LEU B 160 2.37 22.77 -21.56
N LEU B 160 2.41 22.71 -21.53
CA LEU B 160 3.32 23.15 -20.52
CA LEU B 160 3.24 23.14 -20.43
C LEU B 160 3.35 24.67 -20.41
C LEU B 160 3.30 24.65 -20.38
N ASP B 161 3.37 25.18 -19.16
CA ASP B 161 3.35 26.63 -18.92
C ASP B 161 4.65 27.01 -18.22
N MET B 162 5.46 27.82 -18.89
CA MET B 162 6.66 28.40 -18.28
C MET B 162 6.26 29.75 -17.72
N ARG B 163 5.96 29.77 -16.41
CA ARG B 163 5.27 30.92 -15.82
C ARG B 163 6.15 32.18 -15.86
N SER B 164 7.44 32.04 -15.57
CA SER B 164 8.34 33.19 -15.58
C SER B 164 8.28 33.93 -16.91
N MET B 165 8.33 33.20 -18.02
CA MET B 165 8.33 33.78 -19.35
C MET B 165 6.94 33.94 -19.93
N ASP B 166 5.89 33.58 -19.18
CA ASP B 166 4.52 33.57 -19.66
C ASP B 166 4.43 32.93 -21.04
N PHE B 167 4.94 31.70 -21.11
CA PHE B 167 5.13 30.99 -22.38
C PHE B 167 4.52 29.61 -22.25
N LYS B 168 3.60 29.27 -23.16
CA LYS B 168 2.97 27.96 -23.19
C LYS B 168 3.39 27.23 -24.45
N SER B 169 3.47 25.90 -24.36
CA SER B 169 3.80 25.13 -25.55
C SER B 169 3.17 23.75 -25.46
N ASN B 170 2.76 23.23 -26.61
CA ASN B 170 2.28 21.86 -26.76
C ASN B 170 3.47 20.93 -27.01
N SER B 171 3.37 19.70 -26.51
CA SER B 171 4.37 18.71 -26.86
C SER B 171 3.79 17.31 -26.74
N ALA B 172 4.37 16.41 -27.53
CA ALA B 172 4.08 14.98 -27.46
C ALA B 172 5.41 14.24 -27.54
N VAL B 173 5.46 13.07 -26.91
CA VAL B 173 6.67 12.26 -26.82
C VAL B 173 6.44 10.95 -27.55
N ALA B 174 7.45 10.51 -28.29
CA ALA B 174 7.46 9.18 -28.91
C ALA B 174 8.74 8.46 -28.51
N TRP B 175 8.64 7.15 -28.25
CA TRP B 175 9.84 6.39 -27.93
C TRP B 175 9.70 4.94 -28.40
N SER B 176 10.84 4.27 -28.51
CA SER B 176 10.92 2.88 -28.93
C SER B 176 12.35 2.39 -28.71
N ASN B 177 12.51 1.08 -28.54
CA ASN B 177 13.84 0.49 -28.52
C ASN B 177 14.18 -0.22 -29.82
N LYS B 178 13.35 -0.07 -30.85
CA LYS B 178 13.59 -0.73 -32.14
C LYS B 178 14.73 -0.09 -32.91
N SER B 179 15.40 -0.88 -33.74
CA SER B 179 16.58 -0.40 -34.45
C SER B 179 16.23 0.57 -35.56
N ASP B 180 15.06 0.42 -36.19
CA ASP B 180 14.68 1.27 -37.31
C ASP B 180 13.87 2.50 -36.86
N PHE B 181 13.76 2.75 -35.56
CA PHE B 181 13.06 3.92 -35.06
C PHE B 181 13.93 5.16 -35.22
N ALA B 182 13.37 6.21 -35.79
CA ALA B 182 14.05 7.48 -35.96
C ALA B 182 13.06 8.60 -35.79
N CYS B 183 13.53 9.74 -35.26
N CYS B 183 13.56 9.74 -35.29
CA CYS B 183 12.61 10.85 -35.06
CA CYS B 183 12.71 10.92 -35.10
C CYS B 183 12.07 11.39 -36.38
C CYS B 183 12.06 11.38 -36.39
N ALA B 184 12.77 11.21 -37.51
CA ALA B 184 12.24 11.64 -38.80
C ALA B 184 10.96 10.90 -39.18
N ASN B 185 10.75 9.70 -38.66
CA ASN B 185 9.55 8.93 -38.98
CA ASN B 185 9.56 8.91 -38.97
C ASN B 185 8.66 8.65 -37.77
N ALA B 186 9.04 9.10 -36.57
CA ALA B 186 8.29 8.76 -35.37
C ALA B 186 6.84 9.19 -35.47
N PHE B 187 6.58 10.39 -35.97
CA PHE B 187 5.23 10.94 -36.02
C PHE B 187 4.61 10.85 -37.43
N ASN B 188 5.02 9.84 -38.20
CA ASN B 188 4.53 9.70 -39.57
C ASN B 188 3.03 9.45 -39.65
N ASN B 189 2.42 8.94 -38.58
CA ASN B 189 0.99 8.70 -38.61
C ASN B 189 0.16 9.94 -38.27
N SER B 190 0.82 11.04 -37.92
CA SER B 190 0.13 12.29 -37.61
C SER B 190 0.22 13.24 -38.79
N ILE B 191 -0.75 14.15 -38.89
CA ILE B 191 -0.68 15.26 -39.83
C ILE B 191 0.05 16.40 -39.11
N ILE B 192 1.30 16.62 -39.49
CA ILE B 192 2.12 17.61 -38.78
C ILE B 192 2.32 18.81 -39.69
N PRO B 193 2.63 19.99 -39.15
CA PRO B 193 2.80 21.17 -40.00
C PRO B 193 3.87 20.97 -41.06
N GLU B 194 3.63 21.57 -42.23
CA GLU B 194 4.55 21.48 -43.37
C GLU B 194 5.92 22.05 -43.04
N ASP B 195 5.98 23.05 -42.15
CA ASP B 195 7.23 23.71 -41.81
C ASP B 195 7.88 23.14 -40.55
N THR B 196 7.44 21.95 -40.10
CA THR B 196 8.05 21.33 -38.92
C THR B 196 9.56 21.19 -39.12
N PHE B 197 10.32 21.62 -38.12
CA PHE B 197 11.78 21.62 -38.16
C PHE B 197 12.30 20.23 -37.75
N PHE B 198 13.08 19.60 -38.63
CA PHE B 198 13.75 18.34 -38.31
C PHE B 198 15.27 18.56 -38.34
N PRO B 199 15.92 18.78 -37.18
CA PRO B 199 17.38 18.98 -37.20
C PRO B 199 18.12 17.76 -37.71
N SER B 200 19.25 18.00 -38.38
CA SER B 200 19.96 16.90 -39.04
C SER B 200 20.58 15.95 -38.01
N PRO B 201 20.55 14.64 -38.28
CA PRO B 201 21.21 13.63 -37.44
C PRO B 201 22.72 13.60 -37.67
N MET C 1 18.57 16.25 6.87
CA MET C 1 19.88 15.76 6.46
C MET C 1 20.09 15.94 4.96
N ARG C 2 21.32 16.29 4.56
CA ARG C 2 21.64 16.45 3.15
C ARG C 2 21.74 15.08 2.48
N THR C 3 21.88 15.09 1.15
CA THR C 3 22.05 13.84 0.42
CA THR C 3 22.06 13.85 0.41
C THR C 3 23.46 13.31 0.64
N HIS C 4 23.58 11.98 0.72
CA HIS C 4 24.85 11.31 0.92
C HIS C 4 24.88 10.04 0.07
N SER C 5 26.09 9.57 -0.23
CA SER C 5 26.22 8.39 -1.07
C SER C 5 27.41 7.56 -0.64
N LEU C 6 27.31 6.26 -0.89
CA LEU C 6 28.37 5.30 -0.64
C LEU C 6 28.62 4.57 -1.95
N ARG C 7 29.88 4.42 -2.34
CA ARG C 7 30.14 3.70 -3.57
CA ARG C 7 30.16 3.72 -3.59
C ARG C 7 31.54 3.08 -3.52
N TYR C 8 31.69 1.96 -4.22
CA TYR C 8 32.96 1.25 -4.31
C TYR C 8 33.31 1.06 -5.79
N PHE C 9 34.57 1.32 -6.11
CA PHE C 9 35.09 1.14 -7.46
C PHE C 9 36.10 0.00 -7.47
N ARG C 10 36.15 -0.73 -8.58
CA ARG C 10 37.26 -1.63 -8.87
C ARG C 10 37.86 -1.25 -10.22
N LEU C 11 39.19 -1.35 -10.32
CA LEU C 11 39.92 -1.12 -11.56
C LEU C 11 40.88 -2.28 -11.76
N GLY C 12 40.73 -2.97 -12.89
CA GLY C 12 41.68 -4.00 -13.30
C GLY C 12 42.39 -3.56 -14.57
N VAL C 13 43.69 -3.86 -14.63
CA VAL C 13 44.51 -3.56 -15.80
C VAL C 13 45.29 -4.81 -16.17
N SER C 14 45.18 -5.22 -17.43
CA SER C 14 45.93 -6.36 -17.94
C SER C 14 47.30 -5.90 -18.42
N ASP C 15 48.29 -6.79 -18.29
CA ASP C 15 49.68 -6.52 -18.63
C ASP C 15 50.08 -5.09 -18.25
N PRO C 16 50.00 -4.73 -16.97
CA PRO C 16 50.31 -3.35 -16.58
C PRO C 16 51.79 -3.05 -16.69
N ILE C 17 52.10 -1.83 -17.14
CA ILE C 17 53.49 -1.38 -17.10
C ILE C 17 53.93 -1.20 -15.66
N HIS C 18 55.25 -1.10 -15.47
CA HIS C 18 55.83 -1.03 -14.14
C HIS C 18 55.24 0.13 -13.36
N GLY C 19 54.74 -0.16 -12.17
CA GLY C 19 54.15 0.87 -11.33
C GLY C 19 52.65 0.73 -11.15
N VAL C 20 51.94 0.51 -12.25
CA VAL C 20 50.47 0.42 -12.22
C VAL C 20 50.05 -0.94 -11.67
N PRO C 21 49.36 -0.98 -10.53
CA PRO C 21 48.88 -2.26 -10.00
C PRO C 21 47.93 -2.95 -10.96
N GLU C 22 47.89 -4.28 -10.86
CA GLU C 22 46.95 -5.05 -11.65
C GLU C 22 45.50 -4.82 -11.21
N PHE C 23 45.28 -4.53 -9.93
CA PHE C 23 43.93 -4.37 -9.40
C PHE C 23 43.94 -3.33 -8.28
N ILE C 24 42.94 -2.44 -8.29
CA ILE C 24 42.74 -1.45 -7.24
C ILE C 24 41.24 -1.40 -6.92
N SER C 25 40.89 -1.25 -5.64
CA SER C 25 39.50 -1.04 -5.25
C SER C 25 39.44 -0.02 -4.12
N VAL C 26 38.60 1.00 -4.29
CA VAL C 26 38.52 2.13 -3.37
C VAL C 26 37.05 2.41 -3.07
N GLY C 27 36.75 2.68 -1.79
CA GLY C 27 35.42 3.10 -1.37
C GLY C 27 35.37 4.59 -1.05
N TYR C 28 34.18 5.18 -1.22
CA TYR C 28 33.94 6.60 -0.95
C TYR C 28 32.62 6.77 -0.22
N VAL C 29 32.59 7.69 0.74
CA VAL C 29 31.34 8.30 1.19
C VAL C 29 31.36 9.75 0.72
N ASP C 30 30.39 10.12 -0.12
CA ASP C 30 30.40 11.42 -0.81
C ASP C 30 31.73 11.51 -1.56
N SER C 31 32.50 12.58 -1.42
CA SER C 31 33.78 12.72 -2.09
CA SER C 31 33.78 12.69 -2.10
C SER C 31 34.95 12.25 -1.23
N HIS C 32 34.70 11.63 -0.07
CA HIS C 32 35.77 11.24 0.84
C HIS C 32 36.16 9.80 0.61
N PRO C 33 37.42 9.49 0.30
CA PRO C 33 37.86 8.09 0.31
C PRO C 33 37.77 7.52 1.72
N ILE C 34 37.28 6.28 1.81
CA ILE C 34 37.13 5.63 3.11
C ILE C 34 37.96 4.35 3.19
N THR C 35 38.17 3.67 2.06
CA THR C 35 38.83 2.36 2.04
C THR C 35 39.66 2.22 0.78
N THR C 36 40.72 1.40 0.86
CA THR C 36 41.56 1.13 -0.30
C THR C 36 42.16 -0.27 -0.21
N TYR C 37 42.36 -0.87 -1.37
CA TYR C 37 42.96 -2.19 -1.52
C TYR C 37 43.63 -2.23 -2.88
N ASP C 38 44.79 -2.85 -2.98
CA ASP C 38 45.35 -3.08 -4.30
C ASP C 38 46.14 -4.38 -4.31
N SER C 39 46.53 -4.80 -5.52
CA SER C 39 47.22 -6.06 -5.72
C SER C 39 48.65 -6.04 -5.23
N VAL C 40 49.17 -4.88 -4.84
CA VAL C 40 50.52 -4.80 -4.30
C VAL C 40 50.45 -4.98 -2.78
N THR C 41 49.66 -4.16 -2.10
CA THR C 41 49.54 -4.31 -0.66
C THR C 41 48.79 -5.59 -0.29
N ARG C 42 47.80 -5.97 -1.10
CA ARG C 42 46.94 -7.12 -0.84
C ARG C 42 46.22 -7.01 0.50
N GLN C 43 46.00 -5.78 0.97
CA GLN C 43 45.34 -5.52 2.25
C GLN C 43 44.29 -4.43 2.06
N LYS C 44 43.13 -4.59 2.69
CA LYS C 44 42.16 -3.51 2.76
C LYS C 44 42.53 -2.61 3.93
N GLU C 45 42.63 -1.30 3.66
CA GLU C 45 43.07 -0.33 4.66
C GLU C 45 42.14 0.87 4.68
N PRO C 46 42.03 1.53 5.83
CA PRO C 46 41.22 2.75 5.89
C PRO C 46 41.88 3.92 5.19
N ARG C 47 41.04 4.78 4.60
CA ARG C 47 41.52 6.04 4.04
CA ARG C 47 41.50 6.04 4.02
C ARG C 47 40.93 7.25 4.75
N ALA C 48 40.27 7.03 5.89
CA ALA C 48 39.74 8.09 6.73
C ALA C 48 39.98 7.67 8.17
N PRO C 49 40.41 8.60 9.03
CA PRO C 49 40.65 8.23 10.43
C PRO C 49 39.39 7.81 11.18
N TRP C 50 38.22 8.35 10.82
CA TRP C 50 36.99 7.92 11.49
C TRP C 50 36.55 6.53 11.05
N MET C 51 37.05 6.02 9.93
CA MET C 51 36.85 4.61 9.59
C MET C 51 37.75 3.71 10.42
N ALA C 52 39.02 4.09 10.58
CA ALA C 52 39.95 3.28 11.35
C ALA C 52 39.53 3.21 12.81
N GLU C 53 39.02 4.31 13.36
CA GLU C 53 38.70 4.38 14.78
C GLU C 53 37.43 3.61 15.13
N ASN C 54 36.57 3.30 14.16
CA ASN C 54 35.28 2.70 14.45
C ASN C 54 35.10 1.28 13.93
N LEU C 55 36.02 0.76 13.12
CA LEU C 55 35.90 -0.59 12.58
C LEU C 55 37.06 -1.43 13.11
N ALA C 56 36.72 -2.52 13.80
CA ALA C 56 37.69 -3.39 14.44
C ALA C 56 38.56 -4.11 13.40
N PRO C 57 39.71 -4.66 13.82
CA PRO C 57 40.55 -5.41 12.86
C PRO C 57 39.81 -6.56 12.18
N ASP C 58 38.84 -7.18 12.84
CA ASP C 58 38.07 -8.25 12.21
C ASP C 58 37.46 -7.79 10.90
N HIS C 59 37.04 -6.52 10.83
CA HIS C 59 36.46 -6.00 9.60
C HIS C 59 37.50 -6.01 8.49
N TRP C 60 38.67 -5.41 8.74
CA TRP C 60 39.67 -5.27 7.69
C TRP C 60 40.24 -6.63 7.29
N GLU C 61 40.36 -7.55 8.24
CA GLU C 61 40.86 -8.89 7.92
C GLU C 61 39.88 -9.65 7.05
N ARG C 62 38.58 -9.56 7.37
CA ARG C 62 37.55 -10.27 6.62
C ARG C 62 37.45 -9.79 5.18
N TYR C 63 37.40 -8.46 4.97
CA TYR C 63 37.31 -7.95 3.61
C TYR C 63 38.62 -8.03 2.85
N THR C 64 39.77 -8.07 3.54
CA THR C 64 41.02 -8.36 2.84
C THR C 64 40.91 -9.68 2.09
N GLN C 65 40.32 -10.71 2.74
CA GLN C 65 40.17 -12.00 2.09
C GLN C 65 39.19 -11.92 0.92
N LEU C 66 38.05 -11.24 1.10
CA LEU C 66 37.10 -11.11 0.01
C LEU C 66 37.73 -10.35 -1.17
N LEU C 67 38.49 -9.30 -0.88
CA LEU C 67 39.10 -8.50 -1.95
C LEU C 67 40.15 -9.30 -2.72
N ARG C 68 40.89 -10.16 -2.03
CA ARG C 68 41.82 -11.05 -2.72
C ARG C 68 41.07 -11.93 -3.71
N GLY C 69 39.88 -12.40 -3.33
CA GLY C 69 39.06 -13.16 -4.26
C GLY C 69 38.52 -12.31 -5.39
N TRP C 70 37.95 -11.14 -5.05
CA TRP C 70 37.43 -10.25 -6.10
C TRP C 70 38.53 -9.85 -7.07
N GLN C 71 39.77 -9.70 -6.58
CA GLN C 71 40.89 -9.41 -7.46
C GLN C 71 41.07 -10.52 -8.49
N GLN C 72 41.09 -11.78 -8.03
CA GLN C 72 41.24 -12.90 -8.95
C GLN C 72 40.07 -12.97 -9.93
N MET C 73 38.85 -12.73 -9.44
CA MET C 73 37.68 -12.74 -10.31
CA MET C 73 37.68 -12.73 -10.31
C MET C 73 37.79 -11.64 -11.38
N PHE C 74 38.28 -10.47 -10.99
CA PHE C 74 38.43 -9.39 -11.97
CA PHE C 74 38.43 -9.39 -11.97
C PHE C 74 39.45 -9.77 -13.03
N LYS C 75 40.54 -10.42 -12.63
CA LYS C 75 41.58 -10.83 -13.58
C LYS C 75 41.00 -11.76 -14.65
N VAL C 76 40.23 -12.77 -14.24
CA VAL C 76 39.70 -13.74 -15.18
CA VAL C 76 39.72 -13.74 -15.21
C VAL C 76 38.61 -13.12 -16.05
N GLU C 77 37.76 -12.28 -15.45
CA GLU C 77 36.71 -11.64 -16.26
C GLU C 77 37.32 -10.77 -17.34
N LEU C 78 38.40 -10.04 -17.02
CA LEU C 78 39.01 -9.19 -18.04
C LEU C 78 39.68 -10.04 -19.11
N LYS C 79 40.25 -11.19 -18.73
CA LYS C 79 40.80 -12.10 -19.73
C LYS C 79 39.73 -12.62 -20.67
N ARG C 80 38.55 -12.97 -20.13
CA ARG C 80 37.45 -13.42 -20.97
C ARG C 80 36.96 -12.30 -21.88
N LEU C 81 36.89 -11.06 -21.36
CA LEU C 81 36.47 -9.93 -22.19
C LEU C 81 37.42 -9.73 -23.36
N GLN C 82 38.73 -9.75 -23.10
CA GLN C 82 39.67 -9.55 -24.19
C GLN C 82 39.57 -10.68 -25.22
N ARG C 83 39.30 -11.90 -24.77
CA ARG C 83 39.10 -13.01 -25.72
C ARG C 83 37.88 -12.76 -26.59
N HIS C 84 36.78 -12.30 -25.98
CA HIS C 84 35.57 -11.97 -26.74
C HIS C 84 35.84 -10.92 -27.80
N TYR C 85 36.61 -9.89 -27.45
CA TYR C 85 36.89 -8.79 -28.37
C TYR C 85 38.07 -9.06 -29.28
N ASN C 86 38.76 -10.20 -29.11
CA ASN C 86 40.01 -10.47 -29.83
CA ASN C 86 40.01 -10.47 -29.81
C ASN C 86 41.00 -9.32 -29.63
N HIS C 87 41.19 -8.93 -28.38
CA HIS C 87 42.06 -7.81 -28.02
C HIS C 87 43.32 -8.32 -27.36
N SER C 88 44.46 -7.80 -27.77
CA SER C 88 45.74 -8.06 -27.12
C SER C 88 46.21 -6.78 -26.43
N GLY C 89 47.34 -6.89 -25.73
CA GLY C 89 47.89 -5.72 -25.05
C GLY C 89 47.12 -5.40 -23.78
N SER C 90 47.33 -4.17 -23.29
CA SER C 90 46.82 -3.77 -21.99
C SER C 90 45.44 -3.14 -22.14
N HIS C 91 44.50 -3.62 -21.32
CA HIS C 91 43.13 -3.09 -21.34
C HIS C 91 42.66 -2.95 -19.90
N THR C 92 41.58 -2.18 -19.72
CA THR C 92 41.08 -1.89 -18.39
C THR C 92 39.64 -2.37 -18.26
N TYR C 93 39.29 -2.69 -17.02
CA TYR C 93 37.98 -3.20 -16.63
C TYR C 93 37.63 -2.49 -15.35
N GLN C 94 36.41 -1.95 -15.26
CA GLN C 94 36.04 -1.15 -14.10
C GLN C 94 34.62 -1.50 -13.68
N ARG C 95 34.37 -1.33 -12.39
CA ARG C 95 33.08 -1.59 -11.75
C ARG C 95 32.82 -0.46 -10.77
N MET C 96 31.55 -0.04 -10.68
CA MET C 96 31.13 0.91 -9.67
C MET C 96 29.79 0.43 -9.11
N ILE C 97 29.69 0.30 -7.79
CA ILE C 97 28.45 -0.06 -7.12
C ILE C 97 28.21 0.94 -6.01
N GLY C 98 26.94 1.23 -5.71
CA GLY C 98 26.70 2.16 -4.62
C GLY C 98 25.25 2.54 -4.51
N CYS C 99 25.00 3.46 -3.58
CA CYS C 99 23.64 3.86 -3.24
C CYS C 99 23.67 5.30 -2.75
N GLU C 100 22.52 5.96 -2.84
CA GLU C 100 22.34 7.32 -2.36
C GLU C 100 21.17 7.35 -1.39
N LEU C 101 21.32 8.10 -0.31
CA LEU C 101 20.21 8.41 0.58
C LEU C 101 19.90 9.89 0.35
N LEU C 102 18.76 10.17 -0.29
CA LEU C 102 18.45 11.52 -0.72
C LEU C 102 17.85 12.33 0.43
N GLU C 103 17.74 13.64 0.20
CA GLU C 103 17.31 14.56 1.24
C GLU C 103 15.91 14.23 1.74
N ASP C 104 15.01 13.83 0.84
CA ASP C 104 13.63 13.50 1.22
C ASP C 104 13.52 12.09 1.81
N GLY C 105 14.63 11.36 1.96
CA GLY C 105 14.61 10.03 2.54
C GLY C 105 14.44 8.91 1.55
N SER C 106 14.23 9.20 0.27
CA SER C 106 14.22 8.16 -0.73
C SER C 106 15.65 7.73 -1.05
N THR C 107 15.78 6.66 -1.83
CA THR C 107 17.08 6.04 -2.08
C THR C 107 17.24 5.75 -3.56
N THR C 108 18.50 5.60 -3.97
CA THR C 108 18.88 5.11 -5.29
C THR C 108 20.00 4.09 -5.12
N GLY C 109 20.16 3.25 -6.13
CA GLY C 109 21.22 2.25 -6.13
C GLY C 109 21.66 2.00 -7.55
N PHE C 110 22.92 1.64 -7.71
CA PHE C 110 23.47 1.50 -9.05
C PHE C 110 24.62 0.52 -9.02
N LEU C 111 24.81 -0.15 -10.15
CA LEU C 111 25.88 -1.14 -10.33
C LEU C 111 26.18 -1.16 -11.82
N GLN C 112 27.44 -0.89 -12.17
CA GLN C 112 27.83 -0.64 -13.54
C GLN C 112 29.24 -1.16 -13.78
N TYR C 113 29.50 -1.57 -15.02
CA TYR C 113 30.81 -2.03 -15.48
C TYR C 113 31.20 -1.25 -16.72
N ALA C 114 32.51 -1.02 -16.87
CA ALA C 114 33.08 -0.37 -18.04
C ALA C 114 34.28 -1.16 -18.53
N TYR C 115 34.51 -1.11 -19.84
CA TYR C 115 35.66 -1.74 -20.47
C TYR C 115 36.40 -0.67 -21.25
N ASP C 116 37.70 -0.52 -21.00
CA ASP C 116 38.49 0.53 -21.63
C ASP C 116 37.88 1.91 -21.40
N GLY C 117 37.32 2.12 -20.22
CA GLY C 117 36.83 3.44 -19.86
C GLY C 117 35.46 3.80 -20.39
N GLN C 118 34.76 2.89 -21.09
CA GLN C 118 33.46 3.18 -21.69
C GLN C 118 32.40 2.26 -21.12
N ASP C 119 31.16 2.77 -21.03
CA ASP C 119 30.04 1.98 -20.53
C ASP C 119 30.00 0.61 -21.19
N PHE C 120 29.76 -0.42 -20.37
CA PHE C 120 29.72 -1.79 -20.86
C PHE C 120 28.43 -2.49 -20.46
N LEU C 121 28.15 -2.55 -19.16
CA LEU C 121 26.95 -3.19 -18.63
C LEU C 121 26.40 -2.36 -17.49
N ILE C 122 25.09 -2.09 -17.51
CA ILE C 122 24.41 -1.28 -16.49
C ILE C 122 23.27 -2.11 -15.92
N PHE C 123 23.26 -2.29 -14.60
CA PHE C 123 22.26 -3.13 -13.95
C PHE C 123 20.96 -2.34 -13.74
N ASN C 124 19.84 -2.97 -14.05
CA ASN C 124 18.51 -2.38 -13.85
C ASN C 124 17.88 -3.16 -12.71
N LYS C 125 17.92 -2.59 -11.50
CA LYS C 125 17.40 -3.35 -10.36
C LYS C 125 15.88 -3.34 -10.30
N ASP C 126 15.21 -2.52 -11.12
CA ASP C 126 13.76 -2.51 -11.14
C ASP C 126 13.17 -3.59 -12.03
N THR C 127 13.91 -4.01 -13.07
CA THR C 127 13.49 -5.16 -13.87
C THR C 127 14.39 -6.38 -13.71
N LEU C 128 15.41 -6.29 -12.86
CA LEU C 128 16.39 -7.37 -12.68
C LEU C 128 17.00 -7.77 -14.02
N SER C 129 17.57 -6.79 -14.71
CA SER C 129 18.16 -7.05 -16.01
C SER C 129 19.39 -6.18 -16.20
N TRP C 130 20.22 -6.60 -17.13
CA TRP C 130 21.45 -5.89 -17.47
C TRP C 130 21.31 -5.29 -18.85
N LEU C 131 21.57 -3.99 -18.95
CA LEU C 131 21.65 -3.29 -20.22
C LEU C 131 23.05 -3.41 -20.81
N ALA C 132 23.16 -3.96 -22.02
CA ALA C 132 24.43 -4.22 -22.69
C ALA C 132 24.67 -3.25 -23.84
N VAL C 133 25.92 -2.80 -24.01
CA VAL C 133 26.20 -1.82 -25.05
C VAL C 133 26.45 -2.43 -26.42
N ASP C 134 26.88 -3.70 -26.49
CA ASP C 134 27.23 -4.30 -27.77
C ASP C 134 27.06 -5.80 -27.66
N ASN C 135 27.46 -6.52 -28.71
CA ASN C 135 27.23 -7.96 -28.73
C ASN C 135 28.05 -8.68 -27.67
N VAL C 136 29.25 -8.20 -27.35
CA VAL C 136 30.06 -8.83 -26.33
C VAL C 136 29.42 -8.65 -24.96
N ALA C 137 28.98 -7.43 -24.65
CA ALA C 137 28.27 -7.21 -23.40
C ALA C 137 27.00 -8.05 -23.34
N HIS C 138 26.35 -8.27 -24.50
CA HIS C 138 25.14 -9.09 -24.53
C HIS C 138 25.43 -10.53 -24.12
N THR C 139 26.58 -11.06 -24.55
CA THR C 139 26.96 -12.43 -24.14
C THR C 139 27.09 -12.52 -22.63
N ILE C 140 27.72 -11.52 -22.01
CA ILE C 140 27.84 -11.49 -20.56
C ILE C 140 26.46 -11.30 -19.91
N LYS C 141 25.65 -10.40 -20.46
CA LYS C 141 24.30 -10.17 -19.94
C LYS C 141 23.51 -11.47 -19.84
N GLN C 142 23.56 -12.30 -20.89
CA GLN C 142 22.77 -13.54 -20.88
C GLN C 142 23.22 -14.47 -19.76
N ALA C 143 24.54 -14.59 -19.56
CA ALA C 143 25.04 -15.44 -18.49
C ALA C 143 24.59 -14.94 -17.13
N TRP C 144 24.71 -13.64 -16.87
CA TRP C 144 24.34 -13.11 -15.57
C TRP C 144 22.83 -13.17 -15.34
N GLU C 145 22.04 -12.93 -16.37
CA GLU C 145 20.59 -12.93 -16.20
C GLU C 145 20.02 -14.33 -15.96
N ALA C 146 20.79 -15.38 -16.24
CA ALA C 146 20.35 -16.74 -15.97
C ALA C 146 20.39 -17.11 -14.48
N ASN C 147 21.06 -16.32 -13.65
CA ASN C 147 21.15 -16.60 -12.22
C ASN C 147 20.18 -15.68 -11.48
N GLN C 148 18.92 -16.12 -11.42
CA GLN C 148 17.86 -15.27 -10.86
C GLN C 148 18.17 -14.87 -9.42
N HIS C 149 18.65 -15.82 -8.60
CA HIS C 149 18.93 -15.52 -7.19
C HIS C 149 20.03 -14.47 -7.03
N GLU C 150 21.05 -14.48 -7.89
CA GLU C 150 22.06 -13.44 -7.78
C GLU C 150 21.52 -12.07 -8.13
N LEU C 151 20.59 -11.99 -9.08
CA LEU C 151 19.95 -10.71 -9.37
C LEU C 151 19.21 -10.20 -8.14
N LEU C 152 18.50 -11.09 -7.45
CA LEU C 152 17.75 -10.70 -6.26
C LEU C 152 18.69 -10.31 -5.13
N TYR C 153 19.80 -11.04 -4.98
CA TYR C 153 20.79 -10.68 -3.99
C TYR C 153 21.32 -9.28 -4.23
N GLN C 154 21.61 -8.94 -5.49
CA GLN C 154 22.15 -7.60 -5.76
CA GLN C 154 22.14 -7.60 -5.78
C GLN C 154 21.09 -6.52 -5.53
N LYS C 155 19.84 -6.79 -5.89
CA LYS C 155 18.79 -5.84 -5.58
C LYS C 155 18.71 -5.59 -4.09
N ASN C 156 18.75 -6.67 -3.30
CA ASN C 156 18.69 -6.52 -1.85
C ASN C 156 19.90 -5.73 -1.33
N TRP C 157 21.08 -5.99 -1.89
CA TRP C 157 22.27 -5.29 -1.38
C TRP C 157 22.18 -3.80 -1.68
N LEU C 158 21.79 -3.43 -2.89
CA LEU C 158 21.69 -2.02 -3.25
C LEU C 158 20.62 -1.31 -2.42
N GLU C 159 19.49 -1.96 -2.19
CA GLU C 159 18.36 -1.26 -1.57
C GLU C 159 18.39 -1.28 -0.04
N GLU C 160 18.94 -2.33 0.57
CA GLU C 160 18.92 -2.47 2.02
C GLU C 160 20.31 -2.39 2.63
N GLU C 161 21.22 -3.30 2.25
CA GLU C 161 22.52 -3.38 2.92
C GLU C 161 23.38 -2.15 2.64
N CYS C 162 23.41 -1.67 1.40
CA CYS C 162 24.23 -0.52 1.07
C CYS C 162 23.78 0.72 1.85
N ILE C 163 22.46 0.93 1.95
CA ILE C 163 21.97 2.08 2.71
C ILE C 163 22.31 1.93 4.18
N ALA C 164 22.22 0.71 4.71
CA ALA C 164 22.55 0.49 6.11
C ALA C 164 24.04 0.73 6.37
N TRP C 165 24.91 0.30 5.44
CA TRP C 165 26.32 0.67 5.55
C TRP C 165 26.49 2.18 5.52
N LEU C 166 25.80 2.86 4.59
CA LEU C 166 25.95 4.29 4.46
C LEU C 166 25.58 5.02 5.75
N LYS C 167 24.43 4.67 6.35
CA LYS C 167 24.02 5.31 7.59
C LYS C 167 25.03 5.07 8.70
N ARG C 168 25.63 3.87 8.71
CA ARG C 168 26.62 3.53 9.72
C ARG C 168 27.86 4.40 9.56
N PHE C 169 28.40 4.49 8.34
CA PHE C 169 29.55 5.34 8.09
C PHE C 169 29.23 6.82 8.30
N LEU C 170 28.00 7.25 7.98
CA LEU C 170 27.63 8.65 8.20
CA LEU C 170 27.62 8.64 8.19
C LEU C 170 27.72 9.02 9.66
N GLU C 171 27.41 8.08 10.56
CA GLU C 171 27.56 8.35 11.99
C GLU C 171 29.02 8.36 12.39
N TYR C 172 29.80 7.39 11.91
CA TYR C 172 31.24 7.36 12.18
C TYR C 172 31.88 8.70 11.85
N GLY C 173 31.61 9.23 10.65
CA GLY C 173 32.29 10.42 10.21
C GLY C 173 31.48 11.69 10.29
N LYS C 174 30.52 11.75 11.23
CA LYS C 174 29.58 12.86 11.25
C LYS C 174 30.28 14.20 11.47
N ASP C 175 31.34 14.24 12.29
CA ASP C 175 32.07 15.48 12.51
C ASP C 175 32.65 16.04 11.22
N THR C 176 32.94 15.17 10.25
CA THR C 176 33.41 15.61 8.93
C THR C 176 32.26 15.75 7.94
N LEU C 177 31.46 14.70 7.78
CA LEU C 177 30.51 14.61 6.67
C LEU C 177 29.28 15.51 6.87
N GLN C 178 28.94 15.82 8.12
CA GLN C 178 27.73 16.55 8.42
C GLN C 178 27.98 17.98 8.85
N ARG C 179 29.24 18.42 8.82
CA ARG C 179 29.57 19.79 9.19
C ARG C 179 29.24 20.75 8.04
N THR C 180 29.25 22.04 8.35
CA THR C 180 29.06 23.08 7.34
C THR C 180 30.13 24.13 7.52
N GLU C 181 30.83 24.45 6.43
CA GLU C 181 31.75 25.59 6.44
C GLU C 181 31.26 26.56 5.38
N PRO C 182 30.75 27.73 5.76
CA PRO C 182 30.11 28.59 4.76
C PRO C 182 31.13 29.19 3.83
N PRO C 183 30.74 29.51 2.60
CA PRO C 183 31.69 30.09 1.64
C PRO C 183 32.02 31.55 1.94
N LEU C 184 33.27 31.90 1.66
CA LEU C 184 33.71 33.28 1.55
C LEU C 184 33.57 33.68 0.09
N VAL C 185 32.79 34.72 -0.19
CA VAL C 185 32.44 35.07 -1.57
C VAL C 185 32.79 36.53 -1.83
N ARG C 186 33.37 36.78 -3.00
CA ARG C 186 33.73 38.14 -3.39
C ARG C 186 33.41 38.31 -4.86
N VAL C 187 33.19 39.56 -5.26
CA VAL C 187 32.98 39.90 -6.66
C VAL C 187 34.12 40.81 -7.10
N ASN C 188 34.75 40.47 -8.23
CA ASN C 188 35.84 41.24 -8.79
C ASN C 188 35.41 41.81 -10.14
N ARG C 189 35.76 43.07 -10.37
CA ARG C 189 35.45 43.78 -11.60
C ARG C 189 36.74 44.28 -12.24
N LYS C 190 36.82 44.18 -13.57
CA LYS C 190 38.03 44.57 -14.28
C LYS C 190 37.71 44.78 -15.75
N GLU C 191 38.25 45.84 -16.34
CA GLU C 191 38.18 46.00 -17.78
C GLU C 191 39.26 45.14 -18.41
N THR C 192 38.87 44.31 -19.39
CA THR C 192 39.80 43.36 -19.98
C THR C 192 40.16 43.85 -21.37
N PHE C 193 39.64 43.24 -22.44
CA PHE C 193 39.74 43.80 -23.77
C PHE C 193 39.11 45.20 -23.77
N PRO C 194 39.65 46.17 -24.53
CA PRO C 194 39.07 47.51 -24.57
C PRO C 194 37.55 47.51 -24.76
N GLY C 195 36.85 48.14 -23.83
CA GLY C 195 35.40 48.17 -23.85
C GLY C 195 34.71 46.95 -23.27
N VAL C 196 35.47 45.99 -22.73
CA VAL C 196 34.91 44.75 -22.19
C VAL C 196 35.18 44.71 -20.69
N THR C 197 34.11 44.72 -19.89
CA THR C 197 34.22 44.60 -18.44
C THR C 197 33.77 43.21 -18.02
N ALA C 198 34.62 42.52 -17.26
CA ALA C 198 34.32 41.19 -16.78
C ALA C 198 34.06 41.24 -15.27
N LEU C 199 33.05 40.48 -14.84
CA LEU C 199 32.71 40.32 -13.43
C LEU C 199 32.97 38.89 -13.02
N PHE C 200 33.74 38.69 -11.95
CA PHE C 200 34.05 37.37 -11.42
C PHE C 200 33.47 37.25 -10.03
N CYS C 201 32.62 36.25 -9.82
CA CYS C 201 32.09 35.91 -8.50
C CYS C 201 32.83 34.66 -8.02
N LYS C 202 33.64 34.81 -6.98
CA LYS C 202 34.54 33.74 -6.56
C LYS C 202 34.21 33.33 -5.14
N ALA C 203 34.11 32.02 -4.91
CA ALA C 203 33.79 31.45 -3.61
C ALA C 203 34.88 30.48 -3.20
N HIS C 204 35.25 30.48 -1.92
CA HIS C 204 36.21 29.52 -1.44
C HIS C 204 35.96 29.24 0.04
N GLY C 205 36.59 28.18 0.54
CA GLY C 205 36.50 27.86 1.95
C GLY C 205 35.26 27.10 2.37
N PHE C 206 34.50 26.56 1.41
CA PHE C 206 33.21 25.97 1.78
C PHE C 206 33.26 24.45 1.81
N TYR C 207 32.44 23.89 2.71
CA TYR C 207 32.12 22.47 2.80
C TYR C 207 30.66 22.35 3.23
N PRO C 208 29.89 21.46 2.61
CA PRO C 208 30.21 20.50 1.54
C PRO C 208 30.46 21.17 0.18
N PRO C 209 30.97 20.42 -0.81
CA PRO C 209 31.28 21.03 -2.10
C PRO C 209 30.06 21.45 -2.91
N GLU C 210 28.89 20.90 -2.62
CA GLU C 210 27.69 21.26 -3.34
C GLU C 210 27.36 22.73 -3.10
N ILE C 211 27.36 23.52 -4.17
CA ILE C 211 27.09 24.95 -4.08
C ILE C 211 26.41 25.37 -5.37
N TYR C 212 25.61 26.43 -5.31
CA TYR C 212 24.96 26.98 -6.49
C TYR C 212 25.38 28.43 -6.62
N MET C 213 25.84 28.81 -7.82
CA MET C 213 26.29 30.17 -8.10
CA MET C 213 26.28 30.17 -8.10
C MET C 213 25.68 30.61 -9.42
N THR C 214 25.04 31.77 -9.42
CA THR C 214 24.40 32.30 -10.61
CA THR C 214 24.48 32.29 -10.65
C THR C 214 24.60 33.81 -10.66
N TRP C 215 24.50 34.38 -11.85
CA TRP C 215 24.47 35.82 -12.04
C TRP C 215 23.05 36.22 -12.41
N MET C 216 22.60 37.35 -11.88
CA MET C 216 21.26 37.85 -12.15
CA MET C 216 21.27 37.85 -12.17
C MET C 216 21.35 39.32 -12.57
N LYS C 217 20.55 39.70 -13.55
CA LYS C 217 20.49 41.07 -14.05
C LYS C 217 19.10 41.64 -13.75
N ASN C 218 19.08 42.79 -13.08
CA ASN C 218 17.83 43.45 -12.68
C ASN C 218 16.92 42.52 -11.89
N GLY C 219 17.52 41.60 -11.12
CA GLY C 219 16.74 40.66 -10.34
C GLY C 219 16.23 39.46 -11.09
N GLU C 220 16.56 39.31 -12.37
CA GLU C 220 16.14 38.15 -13.14
C GLU C 220 17.35 37.44 -13.75
N GLU C 221 17.13 36.19 -14.14
CA GLU C 221 18.18 35.40 -14.78
C GLU C 221 18.71 36.10 -16.03
N ILE C 222 20.04 36.13 -16.19
CA ILE C 222 20.64 36.75 -17.37
C ILE C 222 20.83 35.68 -18.44
N VAL C 223 20.63 36.07 -19.70
CA VAL C 223 20.69 35.14 -20.81
C VAL C 223 22.04 35.14 -21.51
N GLN C 224 22.96 36.00 -21.08
CA GLN C 224 24.28 36.10 -21.68
C GLN C 224 25.10 34.83 -21.41
N GLU C 225 26.25 34.76 -22.07
CA GLU C 225 27.18 33.66 -21.87
C GLU C 225 27.79 33.76 -20.48
N ILE C 226 27.71 32.68 -19.71
CA ILE C 226 28.27 32.61 -18.37
C ILE C 226 29.35 31.53 -18.36
N ASP C 227 30.52 31.87 -17.81
CA ASP C 227 31.60 30.91 -17.63
CA ASP C 227 31.61 30.92 -17.63
C ASP C 227 31.62 30.44 -16.18
N TYR C 228 31.86 29.14 -15.99
CA TYR C 228 31.86 28.51 -14.67
C TYR C 228 33.21 27.87 -14.38
N GLY C 229 33.69 28.04 -13.15
CA GLY C 229 34.83 27.31 -12.69
C GLY C 229 34.40 26.00 -12.04
N ASP C 230 35.24 24.98 -12.19
CA ASP C 230 35.00 23.71 -11.52
C ASP C 230 34.99 23.90 -10.01
N ILE C 231 34.29 23.00 -9.32
CA ILE C 231 34.40 22.88 -7.87
C ILE C 231 35.71 22.15 -7.58
N LEU C 232 36.70 22.87 -7.08
CA LEU C 232 38.04 22.33 -6.89
C LEU C 232 38.37 22.18 -5.41
N PRO C 233 39.01 21.08 -5.01
CA PRO C 233 39.43 20.93 -3.62
C PRO C 233 40.60 21.85 -3.32
N SER C 234 40.54 22.51 -2.17
CA SER C 234 41.60 23.46 -1.84
C SER C 234 42.76 22.82 -1.09
N GLY C 235 42.64 21.54 -0.72
CA GLY C 235 43.67 20.81 -0.04
C GLY C 235 43.48 20.71 1.46
N ASP C 236 42.65 21.57 2.05
CA ASP C 236 42.39 21.58 3.48
C ASP C 236 41.03 21.01 3.86
N GLY C 237 40.38 20.28 2.95
CA GLY C 237 39.05 19.78 3.22
C GLY C 237 37.91 20.69 2.78
N THR C 238 38.22 21.89 2.28
CA THR C 238 37.24 22.81 1.72
C THR C 238 37.45 22.94 0.21
N TYR C 239 36.55 23.68 -0.44
CA TYR C 239 36.48 23.75 -1.89
C TYR C 239 36.35 25.20 -2.33
N GLN C 240 36.56 25.43 -3.63
CA GLN C 240 36.45 26.75 -4.22
C GLN C 240 35.81 26.63 -5.60
N ALA C 241 35.18 27.72 -6.04
CA ALA C 241 34.53 27.76 -7.34
C ALA C 241 34.30 29.22 -7.73
N TRP C 242 33.88 29.43 -8.97
CA TRP C 242 33.58 30.79 -9.43
C TRP C 242 32.67 30.74 -10.65
N ALA C 243 32.10 31.90 -10.96
CA ALA C 243 31.32 32.11 -12.18
C ALA C 243 31.56 33.53 -12.66
N SER C 244 31.61 33.71 -13.98
CA SER C 244 31.91 35.02 -14.53
C SER C 244 30.98 35.37 -15.67
N ILE C 245 30.78 36.68 -15.87
CA ILE C 245 29.99 37.23 -16.97
C ILE C 245 30.68 38.49 -17.48
N GLU C 246 30.17 39.00 -18.61
CA GLU C 246 30.53 40.31 -19.14
C GLU C 246 29.50 41.33 -18.70
N LEU C 247 29.95 42.46 -18.18
CA LEU C 247 29.04 43.54 -17.82
C LEU C 247 28.65 44.29 -19.08
N ASP C 248 27.35 44.41 -19.33
CA ASP C 248 26.85 45.10 -20.52
C ASP C 248 27.07 46.60 -20.40
N SER C 251 25.45 48.93 -21.95
CA SER C 251 24.48 49.86 -21.37
C SER C 251 24.64 49.93 -19.85
N SER C 252 23.54 50.15 -19.14
CA SER C 252 23.54 50.30 -17.69
C SER C 252 22.47 49.41 -17.10
N ASN C 253 22.90 48.36 -16.38
CA ASN C 253 22.00 47.46 -15.67
C ASN C 253 22.66 47.06 -14.36
N LEU C 254 21.88 46.45 -13.47
CA LEU C 254 22.33 46.12 -12.12
C LEU C 254 22.53 44.61 -12.01
N TYR C 255 23.78 44.19 -11.81
CA TYR C 255 24.12 42.78 -11.73
C TYR C 255 24.33 42.34 -10.29
N SER C 256 23.98 41.09 -10.00
CA SER C 256 24.20 40.53 -8.68
C SER C 256 24.58 39.06 -8.80
N CYS C 257 25.47 38.63 -7.91
CA CYS C 257 25.87 37.22 -7.81
C CYS C 257 25.09 36.57 -6.68
N HIS C 258 24.48 35.42 -6.97
CA HIS C 258 23.67 34.69 -6.01
C HIS C 258 24.33 33.36 -5.69
N VAL C 259 24.54 33.10 -4.41
CA VAL C 259 25.21 31.88 -3.95
C VAL C 259 24.29 31.20 -2.95
N GLU C 260 23.98 29.93 -3.20
CA GLU C 260 23.23 29.14 -2.22
C GLU C 260 24.12 28.01 -1.73
N HIS C 261 24.22 27.87 -0.42
CA HIS C 261 25.06 26.83 0.15
C HIS C 261 24.46 26.36 1.48
N SER C 262 24.18 25.06 1.56
CA SER C 262 23.72 24.43 2.80
CA SER C 262 23.71 24.42 2.78
C SER C 262 22.59 25.21 3.46
N GLY C 263 21.58 25.58 2.66
CA GLY C 263 20.41 26.26 3.20
C GLY C 263 20.56 27.74 3.50
N VAL C 264 21.64 28.37 3.05
CA VAL C 264 21.83 29.80 3.22
C VAL C 264 21.98 30.42 1.84
N HIS C 265 21.25 31.50 1.57
CA HIS C 265 21.36 32.22 0.31
CA HIS C 265 21.33 32.23 0.32
C HIS C 265 22.13 33.52 0.54
N MET C 266 23.01 33.83 -0.40
CA MET C 266 23.83 35.03 -0.33
CA MET C 266 23.84 35.03 -0.33
C MET C 266 23.71 35.80 -1.63
N VAL C 267 23.60 37.13 -1.52
CA VAL C 267 23.52 38.01 -2.68
C VAL C 267 24.63 39.04 -2.57
N LEU C 268 25.40 39.23 -3.64
CA LEU C 268 26.41 40.27 -3.73
C LEU C 268 26.03 41.17 -4.92
N GLN C 269 25.63 42.40 -4.61
CA GLN C 269 25.22 43.36 -5.63
CA GLN C 269 25.22 43.34 -5.64
C GLN C 269 26.42 44.12 -6.13
N VAL C 270 26.55 44.25 -7.45
CA VAL C 270 27.66 44.97 -8.06
C VAL C 270 27.28 46.45 -8.13
N PRO C 271 28.08 47.36 -7.54
CA PRO C 271 27.80 48.80 -7.54
C PRO C 271 28.26 49.50 -8.83
N GLY D 2 25.75 -12.17 20.54
CA GLY D 2 25.84 -11.41 19.31
C GLY D 2 24.81 -11.82 18.28
N GLN D 3 25.26 -12.49 17.23
CA GLN D 3 24.36 -12.97 16.18
C GLN D 3 23.84 -14.35 16.54
N ASN D 4 22.59 -14.61 16.16
CA ASN D 4 21.91 -15.82 16.61
C ASN D 4 20.93 -16.30 15.55
N ILE D 5 20.77 -17.61 15.47
CA ILE D 5 19.83 -18.22 14.54
C ILE D 5 19.18 -19.41 15.23
N ASP D 6 17.86 -19.48 15.19
CA ASP D 6 17.10 -20.43 16.00
C ASP D 6 16.15 -21.24 15.14
N GLN D 7 16.18 -22.55 15.30
CA GLN D 7 15.22 -23.43 14.67
C GLN D 7 14.97 -24.57 15.65
N PRO D 8 13.77 -25.18 15.63
CA PRO D 8 13.48 -26.25 16.59
C PRO D 8 14.47 -27.40 16.49
N THR D 9 14.70 -28.04 17.64
CA THR D 9 15.64 -29.16 17.69
C THR D 9 15.11 -30.36 16.91
N GLU D 10 13.81 -30.62 17.03
CA GLU D 10 13.22 -31.80 16.43
C GLU D 10 11.76 -31.52 16.13
N MET D 11 11.26 -32.14 15.05
CA MET D 11 9.85 -32.10 14.73
C MET D 11 9.41 -33.47 14.28
N THR D 12 8.16 -33.81 14.57
CA THR D 12 7.56 -35.07 14.17
C THR D 12 6.22 -34.80 13.49
N ALA D 13 6.02 -35.40 12.32
CA ALA D 13 4.76 -35.28 11.59
C ALA D 13 4.44 -36.61 10.93
N THR D 14 3.23 -36.71 10.39
CA THR D 14 2.74 -37.97 9.84
C THR D 14 2.94 -38.00 8.33
N GLU D 15 3.30 -39.19 7.83
CA GLU D 15 3.47 -39.42 6.41
C GLU D 15 2.23 -38.96 5.63
N GLY D 16 2.46 -38.28 4.52
CA GLY D 16 1.39 -37.75 3.70
C GLY D 16 0.86 -36.39 4.12
N ALA D 17 1.25 -35.91 5.31
CA ALA D 17 0.75 -34.64 5.80
C ALA D 17 1.74 -33.53 5.42
N ILE D 18 1.70 -32.41 6.15
CA ILE D 18 2.55 -31.25 5.89
CA ILE D 18 2.59 -31.28 5.88
C ILE D 18 3.34 -30.93 7.15
N VAL D 19 4.50 -30.29 6.97
CA VAL D 19 5.27 -29.82 8.12
C VAL D 19 5.96 -28.52 7.73
N GLN D 20 6.02 -27.58 8.68
CA GLN D 20 6.62 -26.28 8.47
C GLN D 20 7.72 -26.08 9.51
N ILE D 21 8.95 -25.94 9.04
CA ILE D 21 10.12 -25.80 9.90
C ILE D 21 10.49 -24.32 9.93
N ASN D 22 10.36 -23.70 11.10
CA ASN D 22 10.61 -22.27 11.24
C ASN D 22 12.09 -22.01 11.53
N CYS D 23 12.56 -20.85 11.07
CA CYS D 23 13.94 -20.41 11.34
C CYS D 23 13.93 -18.90 11.56
N THR D 24 14.29 -18.46 12.76
CA THR D 24 14.41 -17.02 13.04
C THR D 24 15.88 -16.66 13.22
N TYR D 25 16.26 -15.48 12.76
CA TYR D 25 17.66 -15.06 12.81
C TYR D 25 17.75 -13.64 13.33
N GLN D 26 18.82 -13.36 14.08
CA GLN D 26 19.19 -12.01 14.50
C GLN D 26 20.65 -11.82 14.12
N THR D 27 20.90 -11.08 13.05
CA THR D 27 22.25 -10.95 12.52
C THR D 27 22.62 -9.49 12.32
N SER D 28 23.92 -9.25 12.18
CA SER D 28 24.43 -7.94 11.75
C SER D 28 24.41 -7.95 10.24
N GLY D 29 23.31 -7.46 9.68
CA GLY D 29 23.12 -7.46 8.24
C GLY D 29 22.56 -8.77 7.72
N PHE D 30 22.17 -8.75 6.44
CA PHE D 30 21.49 -9.89 5.85
C PHE D 30 21.79 -9.93 4.37
N ASN D 31 22.31 -11.07 3.90
CA ASN D 31 22.62 -11.24 2.49
C ASN D 31 22.02 -12.54 1.94
N GLY D 32 21.05 -13.11 2.63
CA GLY D 32 20.34 -14.29 2.14
C GLY D 32 20.27 -15.37 3.20
N LEU D 33 19.29 -16.25 3.05
CA LEU D 33 19.04 -17.35 3.97
C LEU D 33 18.98 -18.64 3.17
N PHE D 34 19.68 -19.65 3.65
CA PHE D 34 19.82 -20.94 2.99
C PHE D 34 19.16 -22.03 3.81
N TRP D 35 18.60 -23.02 3.12
CA TRP D 35 18.19 -24.27 3.75
C TRP D 35 18.99 -25.40 3.13
N TYR D 36 19.50 -26.29 3.97
CA TYR D 36 20.20 -27.51 3.56
C TYR D 36 19.51 -28.71 4.17
N GLN D 37 19.51 -29.83 3.43
CA GLN D 37 19.05 -31.12 3.92
C GLN D 37 20.25 -32.01 4.19
N GLN D 38 20.27 -32.66 5.34
CA GLN D 38 21.36 -33.58 5.70
C GLN D 38 20.76 -34.87 6.24
N HIS D 39 20.77 -35.91 5.41
CA HIS D 39 20.40 -37.23 5.87
C HIS D 39 21.43 -37.76 6.86
N ALA D 40 20.97 -38.68 7.71
CA ALA D 40 21.83 -39.25 8.74
C ALA D 40 23.07 -39.87 8.13
N GLY D 41 24.23 -39.48 8.66
CA GLY D 41 25.49 -40.00 8.17
C GLY D 41 25.93 -39.52 6.81
N GLU D 42 25.24 -38.54 6.23
CA GLU D 42 25.56 -38.03 4.90
C GLU D 42 25.93 -36.55 4.96
N ALA D 43 26.35 -36.00 3.81
CA ALA D 43 26.69 -34.60 3.66
C ALA D 43 25.42 -33.75 3.54
N PRO D 44 25.47 -32.49 3.99
CA PRO D 44 24.38 -31.57 3.68
C PRO D 44 24.35 -31.27 2.20
N THR D 45 23.13 -31.03 1.68
CA THR D 45 22.93 -30.66 0.28
C THR D 45 21.99 -29.46 0.21
N PHE D 46 22.27 -28.57 -0.73
CA PHE D 46 21.53 -27.33 -0.86
C PHE D 46 20.08 -27.61 -1.22
N LEU D 47 19.16 -26.92 -0.54
CA LEU D 47 17.73 -26.96 -0.84
C LEU D 47 17.21 -25.67 -1.43
N SER D 48 17.47 -24.53 -0.79
CA SER D 48 16.82 -23.29 -1.22
C SER D 48 17.62 -22.08 -0.74
N TYR D 49 17.38 -20.96 -1.43
CA TYR D 49 17.93 -19.67 -1.05
C TYR D 49 16.83 -18.61 -1.18
N ASN D 50 16.68 -17.77 -0.15
CA ASN D 50 15.79 -16.62 -0.22
C ASN D 50 16.54 -15.39 0.23
N VAL D 51 16.33 -14.26 -0.46
CA VAL D 51 16.94 -13.02 -0.01
C VAL D 51 15.92 -11.88 -0.03
N LEU D 52 14.92 -11.96 -0.89
CA LEU D 52 13.81 -11.00 -0.88
C LEU D 52 12.56 -11.67 -0.32
N ASP D 53 11.55 -10.84 -0.05
CA ASP D 53 10.34 -11.36 0.58
C ASP D 53 9.55 -12.17 -0.43
N GLY D 54 9.11 -13.34 -0.02
CA GLY D 54 8.22 -14.15 -0.83
C GLY D 54 8.37 -15.62 -0.52
N LEU D 55 7.72 -16.42 -1.36
CA LEU D 55 7.63 -17.87 -1.22
C LEU D 55 8.04 -18.49 -2.55
N GLU D 56 9.03 -19.38 -2.52
CA GLU D 56 9.46 -20.09 -3.72
C GLU D 56 9.28 -21.59 -3.53
N GLU D 57 8.70 -22.23 -4.54
CA GLU D 57 8.37 -23.65 -4.50
C GLU D 57 9.31 -24.43 -5.42
N LYS D 58 9.88 -25.52 -4.89
CA LYS D 58 10.71 -26.46 -5.65
C LYS D 58 10.19 -27.87 -5.38
N GLY D 59 9.26 -28.33 -6.20
CA GLY D 59 8.67 -29.65 -5.98
C GLY D 59 7.74 -29.62 -4.79
N ARG D 60 7.94 -30.56 -3.86
CA ARG D 60 7.16 -30.59 -2.62
C ARG D 60 7.70 -29.64 -1.56
N PHE D 61 8.81 -28.95 -1.84
CA PHE D 61 9.49 -28.09 -0.88
C PHE D 61 9.24 -26.63 -1.25
N SER D 62 8.78 -25.85 -0.28
CA SER D 62 8.61 -24.40 -0.44
C SER D 62 9.43 -23.69 0.62
N SER D 63 10.00 -22.54 0.27
CA SER D 63 10.78 -21.75 1.21
CA SER D 63 10.78 -21.76 1.22
C SER D 63 10.27 -20.33 1.23
N PHE D 64 9.97 -19.83 2.42
CA PHE D 64 9.41 -18.52 2.65
C PHE D 64 10.40 -17.65 3.39
N LEU D 65 10.37 -16.34 3.12
CA LEU D 65 11.18 -15.38 3.85
C LEU D 65 10.38 -14.12 4.13
N SER D 66 10.49 -13.62 5.37
CA SER D 66 10.04 -12.26 5.70
C SER D 66 11.22 -11.52 6.30
N ARG D 67 11.76 -10.54 5.56
CA ARG D 67 12.96 -9.84 6.00
CA ARG D 67 12.95 -9.84 6.01
C ARG D 67 12.67 -8.97 7.22
N SER D 68 11.48 -8.37 7.29
CA SER D 68 11.18 -7.46 8.39
C SER D 68 11.07 -8.21 9.71
N LYS D 69 10.52 -9.42 9.68
CA LYS D 69 10.40 -10.25 10.87
C LYS D 69 11.65 -11.10 11.14
N GLY D 70 12.62 -11.13 10.23
CA GLY D 70 13.79 -11.97 10.41
C GLY D 70 13.38 -13.42 10.58
N TYR D 71 12.60 -13.91 9.62
CA TYR D 71 11.90 -15.17 9.78
C TYR D 71 11.81 -15.88 8.44
N SER D 72 12.05 -17.19 8.45
CA SER D 72 11.85 -18.02 7.26
C SER D 72 11.26 -19.35 7.69
N TYR D 73 10.52 -19.98 6.78
CA TYR D 73 10.15 -21.37 7.05
C TYR D 73 10.40 -22.20 5.80
N LEU D 74 10.62 -23.50 6.03
CA LEU D 74 10.71 -24.53 5.01
C LEU D 74 9.47 -25.41 5.12
N LEU D 75 8.71 -25.50 4.03
CA LEU D 75 7.42 -26.17 4.03
C LEU D 75 7.50 -27.43 3.17
N LEU D 76 7.24 -28.58 3.79
CA LEU D 76 7.24 -29.86 3.08
C LEU D 76 5.82 -30.38 3.00
N LYS D 77 5.33 -30.62 1.79
CA LYS D 77 4.00 -31.16 1.60
CA LYS D 77 4.00 -31.15 1.55
C LYS D 77 4.07 -32.62 1.18
N GLU D 78 2.98 -33.34 1.42
CA GLU D 78 2.87 -34.75 1.07
CA GLU D 78 2.85 -34.76 1.09
C GLU D 78 4.08 -35.53 1.55
N LEU D 79 4.29 -35.48 2.86
CA LEU D 79 5.49 -36.02 3.49
C LEU D 79 5.69 -37.50 3.15
N GLN D 80 6.94 -37.85 2.87
CA GLN D 80 7.35 -39.22 2.63
C GLN D 80 8.35 -39.63 3.70
N MET D 81 8.50 -40.95 3.88
CA MET D 81 9.46 -41.44 4.85
C MET D 81 10.88 -40.98 4.51
N LYS D 82 11.18 -40.81 3.22
CA LYS D 82 12.52 -40.39 2.82
C LYS D 82 12.79 -38.93 3.16
N ASP D 83 11.79 -38.19 3.63
CA ASP D 83 12.02 -36.83 4.09
C ASP D 83 12.64 -36.77 5.48
N SER D 84 12.72 -37.91 6.17
CA SER D 84 13.38 -37.97 7.46
C SER D 84 14.85 -37.60 7.31
N ALA D 85 15.23 -36.51 7.97
CA ALA D 85 16.56 -35.93 7.83
C ALA D 85 16.64 -34.76 8.79
N SER D 86 17.83 -34.20 8.91
CA SER D 86 17.97 -32.91 9.55
C SER D 86 17.93 -31.82 8.50
N TYR D 87 17.35 -30.69 8.88
CA TYR D 87 17.22 -29.54 7.98
C TYR D 87 17.95 -28.38 8.63
N LEU D 88 18.96 -27.87 7.94
CA LEU D 88 19.81 -26.80 8.45
C LEU D 88 19.46 -25.48 7.79
N CYS D 89 19.28 -24.45 8.60
CA CYS D 89 19.08 -23.08 8.16
CA CYS D 89 19.12 -23.10 8.09
C CYS D 89 20.37 -22.29 8.40
N ALA D 90 20.75 -21.44 7.44
CA ALA D 90 21.97 -20.65 7.59
C ALA D 90 21.78 -19.29 6.93
N VAL D 91 22.35 -18.26 7.54
CA VAL D 91 22.20 -16.88 7.10
C VAL D 91 23.56 -16.26 6.82
N LYS D 92 23.68 -15.51 5.73
CA LYS D 92 24.88 -14.72 5.45
C LYS D 92 24.73 -13.33 6.04
N ASP D 93 25.69 -12.93 6.88
CA ASP D 93 25.60 -11.62 7.53
C ASP D 93 26.19 -10.52 6.65
N SER D 94 26.40 -9.34 7.22
N SER D 94 26.40 -9.34 7.22
CA SER D 94 26.87 -8.19 6.44
CA SER D 94 26.87 -8.20 6.42
C SER D 94 28.26 -8.41 5.87
C SER D 94 28.25 -8.45 5.83
N ASN D 95 29.05 -9.29 6.47
CA ASN D 95 30.40 -9.60 6.00
C ASN D 95 30.47 -10.91 5.26
N TYR D 96 29.32 -11.41 4.81
CA TYR D 96 29.18 -12.64 4.05
C TYR D 96 29.63 -13.87 4.82
N GLN D 97 29.70 -13.76 6.14
CA GLN D 97 29.93 -14.94 6.96
C GLN D 97 28.62 -15.73 7.09
N LEU D 98 28.73 -17.04 6.95
CA LEU D 98 27.57 -17.92 7.04
C LEU D 98 27.38 -18.32 8.50
N ILE D 99 26.21 -17.99 9.06
CA ILE D 99 25.88 -18.35 10.44
C ILE D 99 24.93 -19.53 10.40
N TRP D 100 25.27 -20.61 11.09
CA TRP D 100 24.55 -21.88 10.97
C TRP D 100 23.63 -22.12 12.16
N GLY D 101 22.37 -22.44 11.88
CA GLY D 101 21.49 -22.97 12.91
C GLY D 101 21.85 -24.40 13.27
N ALA D 102 21.40 -24.82 14.45
CA ALA D 102 21.81 -26.13 14.97
C ALA D 102 21.11 -27.29 14.26
N GLY D 103 20.15 -27.01 13.39
CA GLY D 103 19.48 -28.07 12.66
C GLY D 103 18.21 -28.55 13.32
N THR D 104 17.26 -28.96 12.49
CA THR D 104 16.01 -29.57 12.94
C THR D 104 15.94 -31.00 12.45
N LYS D 105 15.93 -31.96 13.37
CA LYS D 105 15.71 -33.35 13.01
C LYS D 105 14.22 -33.58 12.75
N LEU D 106 13.87 -33.95 11.52
CA LEU D 106 12.48 -34.21 11.14
C LEU D 106 12.24 -35.71 11.15
N ILE D 107 11.26 -36.15 11.92
CA ILE D 107 10.89 -37.55 12.06
C ILE D 107 9.51 -37.73 11.45
N ILE D 108 9.38 -38.69 10.54
CA ILE D 108 8.13 -38.94 9.82
C ILE D 108 7.53 -40.22 10.37
N LYS D 109 6.32 -40.11 10.93
CA LYS D 109 5.61 -41.28 11.44
C LYS D 109 4.83 -41.94 10.32
N PRO D 110 5.09 -43.20 10.00
CA PRO D 110 4.37 -43.86 8.91
C PRO D 110 2.90 -44.08 9.27
N ASP D 111 2.08 -44.19 8.23
CA ASP D 111 0.65 -44.43 8.38
C ASP D 111 0.43 -45.94 8.42
N ILE D 112 0.29 -46.48 9.62
CA ILE D 112 0.10 -47.91 9.80
C ILE D 112 -1.35 -48.25 9.46
N GLN D 113 -1.54 -49.00 8.35
CA GLN D 113 -2.88 -49.28 7.87
C GLN D 113 -3.62 -50.23 8.81
N ASN D 114 -3.03 -51.39 9.09
CA ASN D 114 -3.65 -52.41 9.94
C ASN D 114 -2.66 -52.82 11.01
N PRO D 115 -2.66 -52.13 12.16
CA PRO D 115 -1.70 -52.47 13.22
C PRO D 115 -1.95 -53.86 13.77
N ASP D 116 -0.88 -54.47 14.27
CA ASP D 116 -0.93 -55.81 14.82
C ASP D 116 0.19 -55.98 15.84
N PRO D 117 0.13 -55.28 16.98
CA PRO D 117 1.26 -55.29 17.90
C PRO D 117 1.58 -56.69 18.42
N ALA D 118 2.87 -57.01 18.46
CA ALA D 118 3.30 -58.34 18.90
C ALA D 118 4.76 -58.26 19.33
N VAL D 119 5.13 -59.18 20.22
CA VAL D 119 6.51 -59.32 20.69
C VAL D 119 6.95 -60.75 20.41
N TYR D 120 7.95 -60.90 19.55
CA TYR D 120 8.45 -62.21 19.16
C TYR D 120 9.84 -62.43 19.73
N GLN D 121 10.16 -63.70 19.98
CA GLN D 121 11.51 -64.10 20.40
C GLN D 121 12.20 -64.78 19.23
N LEU D 122 13.44 -64.38 18.97
CA LEU D 122 14.22 -64.91 17.86
C LEU D 122 15.44 -65.64 18.43
N ARG D 123 15.71 -66.83 17.90
CA ARG D 123 16.83 -67.64 18.33
C ARG D 123 18.03 -67.40 17.42
N ASP D 124 19.23 -67.47 18.00
CA ASP D 124 20.45 -67.27 17.24
C ASP D 124 20.56 -68.33 16.15
N SER D 125 21.10 -67.92 14.99
CA SER D 125 21.30 -68.85 13.89
C SER D 125 22.30 -69.94 14.26
N LYS D 126 23.31 -69.62 15.07
CA LYS D 126 24.33 -70.59 15.44
C LYS D 126 24.15 -71.17 16.83
N SER D 127 23.53 -70.43 17.75
CA SER D 127 23.36 -70.93 19.12
C SER D 127 21.96 -70.62 19.65
N LYS D 130 21.32 -67.47 23.50
CA LYS D 130 21.38 -66.13 22.93
C LYS D 130 20.13 -65.83 22.11
N SER D 131 19.31 -64.90 22.61
CA SER D 131 18.05 -64.57 21.96
C SER D 131 17.86 -63.07 21.94
N VAL D 132 16.93 -62.62 21.09
CA VAL D 132 16.52 -61.23 21.02
C VAL D 132 14.99 -61.18 20.95
N CYS D 133 14.43 -60.10 21.48
CA CYS D 133 12.98 -59.88 21.45
C CYS D 133 12.67 -58.76 20.46
N LEU D 134 11.63 -58.97 19.65
CA LEU D 134 11.25 -58.05 18.58
C LEU D 134 9.84 -57.56 18.84
N PHE D 135 9.73 -56.31 19.29
CA PHE D 135 8.43 -55.62 19.32
C PHE D 135 8.18 -55.02 17.94
N THR D 136 7.09 -55.41 17.30
CA THR D 136 6.88 -55.03 15.91
C THR D 136 5.40 -54.82 15.62
N ASP D 137 5.13 -54.16 14.50
CA ASP D 137 3.81 -54.01 13.91
C ASP D 137 2.86 -53.17 14.75
N PHE D 138 3.38 -52.41 15.70
CA PHE D 138 2.51 -51.51 16.47
C PHE D 138 2.28 -50.22 15.69
N ASP D 139 1.26 -49.47 16.12
CA ASP D 139 0.92 -48.21 15.47
CA ASP D 139 0.92 -48.22 15.46
C ASP D 139 1.90 -47.12 15.85
N SER D 140 2.02 -46.11 14.98
CA SER D 140 3.03 -45.07 15.13
C SER D 140 2.83 -44.23 16.39
N GLN D 141 1.66 -44.26 17.00
CA GLN D 141 1.45 -43.50 18.23
C GLN D 141 2.23 -44.08 19.41
N THR D 142 2.66 -45.33 19.32
CA THR D 142 3.35 -45.99 20.42
C THR D 142 4.79 -45.50 20.54
N ASN D 143 5.20 -45.18 21.76
CA ASN D 143 6.56 -44.80 22.06
C ASN D 143 7.28 -45.94 22.77
N VAL D 144 8.54 -46.15 22.43
CA VAL D 144 9.38 -47.18 23.03
C VAL D 144 10.37 -46.50 23.97
N SER D 145 10.24 -46.78 25.27
CA SER D 145 11.13 -46.18 26.24
C SER D 145 12.43 -46.98 26.36
N GLN D 146 13.45 -46.31 26.86
CA GLN D 146 14.78 -46.91 27.00
C GLN D 146 14.79 -47.92 28.14
N SER D 147 15.82 -48.78 28.13
CA SER D 147 15.86 -49.92 29.04
C SER D 147 15.87 -49.48 30.50
N LYS D 148 16.52 -48.37 30.81
CA LYS D 148 16.66 -47.89 32.20
C LYS D 148 17.22 -49.00 33.10
N ASP D 149 18.10 -49.81 32.53
CA ASP D 149 18.76 -50.92 33.23
C ASP D 149 19.93 -51.31 32.33
N SER D 150 21.15 -51.01 32.79
CA SER D 150 22.32 -51.08 31.92
C SER D 150 22.55 -52.46 31.32
N ASP D 151 21.97 -53.52 31.90
CA ASP D 151 22.21 -54.88 31.42
C ASP D 151 21.21 -55.34 30.36
N VAL D 152 20.15 -54.57 30.11
CA VAL D 152 19.23 -54.84 29.02
C VAL D 152 19.33 -53.70 28.01
N TYR D 153 19.28 -54.04 26.72
CA TYR D 153 19.51 -53.09 25.65
C TYR D 153 18.26 -52.97 24.78
N ILE D 154 17.77 -51.74 24.62
CA ILE D 154 16.55 -51.47 23.87
C ILE D 154 16.85 -50.39 22.84
N THR D 155 16.59 -50.69 21.57
CA THR D 155 16.87 -49.75 20.50
C THR D 155 15.68 -48.80 20.29
N ASP D 156 15.95 -47.71 19.58
CA ASP D 156 14.87 -46.83 19.14
C ASP D 156 14.00 -47.57 18.14
N LYS D 157 12.76 -47.10 18.00
CA LYS D 157 11.87 -47.74 17.04
C LYS D 157 12.30 -47.43 15.62
N CYS D 158 12.19 -48.43 14.75
CA CYS D 158 12.70 -48.39 13.39
C CYS D 158 11.57 -48.70 12.42
N VAL D 159 11.51 -47.95 11.32
CA VAL D 159 10.48 -48.13 10.31
C VAL D 159 11.10 -48.80 9.09
N LEU D 160 10.57 -49.95 8.71
CA LEU D 160 11.02 -50.63 7.51
C LEU D 160 9.93 -50.58 6.45
N ASP D 161 10.35 -50.49 5.19
CA ASP D 161 9.45 -50.36 4.05
C ASP D 161 9.66 -51.55 3.12
N MET D 162 8.64 -52.40 3.02
CA MET D 162 8.63 -53.46 2.01
C MET D 162 7.94 -52.91 0.78
N ARG D 163 8.73 -52.28 -0.09
CA ARG D 163 8.16 -51.59 -1.26
C ARG D 163 7.58 -52.56 -2.29
N SER D 164 7.91 -53.85 -2.21
CA SER D 164 7.26 -54.83 -3.07
C SER D 164 5.76 -54.85 -2.85
N MET D 165 5.33 -54.80 -1.59
CA MET D 165 3.96 -54.54 -1.22
C MET D 165 3.81 -53.05 -0.90
N ASP D 166 2.74 -52.69 -0.20
CA ASP D 166 2.56 -51.34 0.29
C ASP D 166 2.71 -51.27 1.81
N PHE D 167 3.56 -52.13 2.36
CA PHE D 167 3.58 -52.41 3.80
C PHE D 167 4.78 -51.76 4.46
N LYS D 168 4.53 -50.86 5.40
CA LYS D 168 5.52 -50.37 6.33
C LYS D 168 5.17 -50.85 7.74
N SER D 169 6.19 -51.01 8.58
CA SER D 169 5.97 -51.46 9.95
C SER D 169 7.02 -50.89 10.87
N ASN D 170 6.61 -50.58 12.10
CA ASN D 170 7.53 -50.19 13.15
C ASN D 170 8.10 -51.42 13.86
N SER D 171 9.26 -51.24 14.47
CA SER D 171 9.85 -52.31 15.26
C SER D 171 10.88 -51.71 16.20
N ALA D 172 11.16 -52.44 17.28
CA ALA D 172 12.21 -52.13 18.22
C ALA D 172 12.75 -53.44 18.77
N VAL D 173 14.06 -53.53 18.93
CA VAL D 173 14.72 -54.76 19.35
C VAL D 173 15.20 -54.60 20.78
N ALA D 174 15.01 -55.64 21.58
CA ALA D 174 15.48 -55.67 22.96
C ALA D 174 16.22 -56.97 23.20
N TRP D 175 17.37 -56.89 23.86
CA TRP D 175 18.12 -58.08 24.22
C TRP D 175 18.92 -57.81 25.48
N SER D 176 19.28 -58.88 26.18
CA SER D 176 19.99 -58.78 27.44
C SER D 176 20.60 -60.14 27.75
N ASN D 177 21.68 -60.11 28.53
CA ASN D 177 22.34 -61.34 28.97
C ASN D 177 22.00 -61.71 30.39
N LYS D 178 21.05 -61.01 31.02
CA LYS D 178 20.56 -61.43 32.32
C LYS D 178 19.86 -62.78 32.20
N SER D 179 19.93 -63.56 33.28
CA SER D 179 19.27 -64.86 33.29
C SER D 179 17.76 -64.75 33.46
N ASP D 180 17.27 -63.66 34.06
CA ASP D 180 15.85 -63.49 34.29
C ASP D 180 15.12 -62.89 33.09
N PHE D 181 15.80 -62.06 32.30
CA PHE D 181 15.17 -61.32 31.22
C PHE D 181 14.58 -62.26 30.17
N ALA D 182 13.32 -61.99 29.79
CA ALA D 182 12.66 -62.68 28.69
C ALA D 182 11.71 -61.69 28.03
N CYS D 183 11.15 -62.10 26.88
CA CYS D 183 10.38 -61.17 26.07
C CYS D 183 9.09 -60.71 26.73
N ALA D 184 8.64 -61.41 27.78
CA ALA D 184 7.41 -60.99 28.45
C ALA D 184 7.58 -59.67 29.17
N ASN D 185 8.76 -59.40 29.72
CA ASN D 185 9.02 -58.17 30.46
C ASN D 185 10.02 -57.26 29.76
N ALA D 186 10.33 -57.54 28.49
CA ALA D 186 11.39 -56.80 27.80
C ALA D 186 11.02 -55.34 27.63
N PHE D 187 9.77 -55.05 27.26
CA PHE D 187 9.33 -53.70 26.96
C PHE D 187 8.40 -53.14 28.02
N ASN D 188 8.58 -53.58 29.27
CA ASN D 188 7.71 -53.14 30.36
C ASN D 188 7.87 -51.65 30.64
N ASN D 189 9.04 -51.07 30.34
CA ASN D 189 9.25 -49.65 30.57
C ASN D 189 8.41 -48.79 29.63
N SER D 190 7.98 -49.34 28.50
CA SER D 190 7.18 -48.59 27.53
C SER D 190 5.70 -48.81 27.78
N ILE D 191 4.89 -47.89 27.24
CA ILE D 191 3.43 -47.97 27.35
C ILE D 191 2.96 -48.76 26.13
N ILE D 192 2.84 -50.07 26.31
CA ILE D 192 2.50 -51.00 25.22
C ILE D 192 1.00 -50.94 24.93
N PRO D 193 0.57 -51.32 23.73
CA PRO D 193 -0.87 -51.45 23.47
C PRO D 193 -1.46 -52.61 24.26
N GLU D 194 -2.74 -52.44 24.65
CA GLU D 194 -3.41 -53.47 25.43
C GLU D 194 -3.57 -54.77 24.64
N ASP D 195 -3.72 -54.67 23.33
CA ASP D 195 -3.94 -55.81 22.45
C ASP D 195 -2.63 -56.43 21.95
N THR D 196 -1.50 -56.14 22.60
CA THR D 196 -0.22 -56.65 22.14
C THR D 196 -0.18 -58.18 22.25
N PHE D 197 0.28 -58.82 21.18
CA PHE D 197 0.29 -60.28 21.09
C PHE D 197 1.61 -60.80 21.67
N PHE D 198 1.51 -61.51 22.80
CA PHE D 198 2.65 -62.19 23.42
C PHE D 198 2.46 -63.70 23.25
N PRO D 199 3.02 -64.31 22.20
CA PRO D 199 2.88 -65.76 21.98
C PRO D 199 3.63 -66.58 23.04
N GLY E 4 31.22 -34.07 -6.66
CA GLY E 4 31.95 -32.85 -6.95
C GLY E 4 33.13 -32.62 -6.03
N VAL E 5 32.92 -32.83 -4.74
CA VAL E 5 33.93 -32.61 -3.71
C VAL E 5 34.36 -33.96 -3.16
N THR E 6 35.66 -34.25 -3.22
CA THR E 6 36.23 -35.51 -2.77
C THR E 6 37.15 -35.25 -1.58
N GLN E 7 36.78 -35.76 -0.40
CA GLN E 7 37.63 -35.66 0.78
C GLN E 7 37.94 -37.05 1.35
N THR E 8 39.12 -37.17 1.94
CA THR E 8 39.61 -38.42 2.51
C THR E 8 40.37 -38.13 3.79
N PRO E 9 40.39 -39.07 4.75
CA PRO E 9 39.71 -40.37 4.74
C PRO E 9 38.28 -40.27 5.29
N LYS E 10 37.46 -41.30 5.05
CA LYS E 10 36.12 -41.31 5.61
C LYS E 10 36.12 -41.55 7.12
N PHE E 11 37.06 -42.37 7.61
CA PHE E 11 37.19 -42.69 9.03
C PHE E 11 38.66 -42.74 9.40
N GLN E 12 38.96 -42.33 10.63
CA GLN E 12 40.35 -42.37 11.10
C GLN E 12 40.36 -42.42 12.62
N VAL E 13 41.11 -43.37 13.17
CA VAL E 13 41.38 -43.45 14.61
C VAL E 13 42.76 -42.88 14.86
N LEU E 14 42.88 -42.03 15.88
CA LEU E 14 44.13 -41.37 16.20
C LEU E 14 44.44 -41.47 17.68
N LYS E 15 45.71 -41.63 18.00
CA LYS E 15 46.15 -41.49 19.38
C LYS E 15 46.47 -40.02 19.64
N THR E 16 46.20 -39.59 20.86
CA THR E 16 46.54 -38.24 21.29
C THR E 16 48.00 -37.92 20.95
N GLY E 17 48.22 -36.77 20.32
CA GLY E 17 49.55 -36.35 19.95
C GLY E 17 49.97 -36.70 18.54
N GLN E 18 49.21 -37.54 17.84
CA GLN E 18 49.55 -37.87 16.47
C GLN E 18 49.12 -36.74 15.53
N SER E 19 49.83 -36.62 14.42
CA SER E 19 49.49 -35.68 13.37
C SER E 19 48.67 -36.37 12.30
N MET E 20 47.90 -35.58 11.56
CA MET E 20 47.03 -36.14 10.53
CA MET E 20 47.02 -36.14 10.54
C MET E 20 46.65 -35.04 9.55
N THR E 21 46.61 -35.41 8.26
CA THR E 21 46.20 -34.50 7.21
C THR E 21 44.95 -35.05 6.52
N LEU E 22 43.94 -34.20 6.37
CA LEU E 22 42.74 -34.54 5.63
C LEU E 22 42.84 -33.89 4.25
N GLN E 23 42.50 -34.66 3.21
CA GLN E 23 42.57 -34.18 1.84
C GLN E 23 41.20 -33.75 1.36
N CYS E 24 41.17 -32.73 0.50
CA CYS E 24 39.93 -32.30 -0.14
C CYS E 24 40.26 -31.73 -1.51
N ALA E 25 39.54 -32.20 -2.52
CA ALA E 25 39.77 -31.79 -3.89
C ALA E 25 38.43 -31.63 -4.59
N GLN E 26 38.30 -30.57 -5.38
CA GLN E 26 37.11 -30.35 -6.19
C GLN E 26 37.53 -29.98 -7.60
N ASP E 27 36.78 -30.47 -8.57
CA ASP E 27 37.07 -30.19 -9.97
CA ASP E 27 37.03 -30.24 -9.99
C ASP E 27 35.96 -29.37 -10.63
N MET E 28 35.27 -28.55 -9.84
CA MET E 28 34.21 -27.70 -10.33
C MET E 28 34.70 -26.28 -10.65
N ASN E 29 36.01 -26.06 -10.65
CA ASN E 29 36.61 -24.73 -10.88
C ASN E 29 36.14 -23.72 -9.86
N HIS E 30 35.81 -24.18 -8.65
CA HIS E 30 35.37 -23.26 -7.60
C HIS E 30 36.57 -22.51 -7.05
N ASN E 31 36.33 -21.27 -6.62
CA ASN E 31 37.41 -20.47 -6.07
C ASN E 31 37.55 -20.59 -4.56
N SER E 32 36.45 -20.79 -3.86
CA SER E 32 36.44 -20.78 -2.40
C SER E 32 36.30 -22.21 -1.86
N MET E 33 37.06 -22.51 -0.82
CA MET E 33 36.98 -23.81 -0.16
C MET E 33 36.99 -23.60 1.35
N TYR E 34 36.40 -24.56 2.07
CA TYR E 34 36.13 -24.40 3.49
C TYR E 34 36.34 -25.73 4.20
N TRP E 35 36.72 -25.66 5.46
CA TRP E 35 36.76 -26.82 6.34
C TRP E 35 35.87 -26.54 7.55
N TYR E 36 34.89 -27.41 7.77
CA TYR E 36 33.96 -27.32 8.89
C TYR E 36 34.12 -28.55 9.78
N ARG E 37 33.78 -28.40 11.06
CA ARG E 37 33.53 -29.55 11.92
C ARG E 37 32.07 -29.51 12.38
N GLN E 38 31.48 -30.69 12.53
CA GLN E 38 30.10 -30.82 12.96
C GLN E 38 30.07 -31.64 14.25
N ASP E 39 29.55 -31.05 15.31
CA ASP E 39 29.43 -31.66 16.62
C ASP E 39 27.97 -31.67 17.06
N PRO E 40 27.55 -32.68 17.83
CA PRO E 40 26.14 -32.75 18.25
C PRO E 40 25.71 -31.48 18.98
N GLY E 41 24.49 -31.03 18.68
CA GLY E 41 23.86 -29.96 19.42
C GLY E 41 24.17 -28.55 18.95
N MET E 42 25.04 -28.38 17.97
CA MET E 42 25.42 -27.03 17.55
C MET E 42 25.52 -26.98 16.03
N GLY E 43 25.45 -25.77 15.49
CA GLY E 43 25.61 -25.58 14.07
C GLY E 43 27.05 -25.78 13.65
N LEU E 44 27.23 -25.95 12.34
CA LEU E 44 28.56 -26.10 11.77
C LEU E 44 29.47 -24.96 12.21
N ARG E 45 30.72 -25.29 12.51
CA ARG E 45 31.70 -24.28 12.90
C ARG E 45 32.85 -24.31 11.90
N LEU E 46 33.13 -23.16 11.29
CA LEU E 46 34.20 -23.02 10.32
C LEU E 46 35.54 -23.06 11.01
N ILE E 47 36.46 -23.88 10.51
CA ILE E 47 37.80 -24.01 11.08
C ILE E 47 38.75 -23.05 10.39
N TYR E 48 38.85 -23.18 9.07
CA TYR E 48 39.65 -22.33 8.20
C TYR E 48 38.94 -22.28 6.86
N TYR E 49 39.22 -21.25 6.08
CA TYR E 49 38.70 -21.17 4.73
C TYR E 49 39.72 -20.53 3.82
N SER E 50 39.43 -20.61 2.53
CA SER E 50 40.32 -20.10 1.48
C SER E 50 39.41 -19.42 0.47
N ALA E 51 39.38 -18.08 0.52
CA ALA E 51 38.45 -17.34 -0.35
C ALA E 51 38.81 -17.50 -1.81
N SER E 52 40.09 -17.72 -2.11
CA SER E 52 40.55 -17.87 -3.47
CA SER E 52 40.53 -17.93 -3.48
C SER E 52 41.89 -18.59 -3.43
N GLU E 53 42.35 -19.04 -4.59
CA GLU E 53 43.67 -19.62 -4.67
C GLU E 53 44.70 -18.59 -4.20
N GLY E 54 45.64 -19.02 -3.37
CA GLY E 54 46.67 -18.13 -2.90
C GLY E 54 46.37 -17.35 -1.63
N THR E 55 45.24 -17.63 -0.97
CA THR E 55 44.96 -17.00 0.31
C THR E 55 44.15 -17.96 1.18
N THR E 56 44.42 -17.93 2.48
CA THR E 56 43.65 -18.67 3.46
C THR E 56 43.47 -17.77 4.67
N ASP E 57 42.51 -18.10 5.53
CA ASP E 57 42.35 -17.35 6.78
C ASP E 57 41.58 -18.20 7.78
N LYS E 58 41.71 -17.83 9.05
CA LYS E 58 41.08 -18.58 10.13
C LYS E 58 39.57 -18.41 10.10
N GLY E 59 38.88 -19.45 10.58
CA GLY E 59 37.46 -19.40 10.85
C GLY E 59 37.19 -19.21 12.32
N GLU E 60 36.09 -19.79 12.78
CA GLU E 60 35.66 -19.64 14.17
C GLU E 60 36.49 -20.47 15.14
N VAL E 61 36.97 -21.64 14.72
CA VAL E 61 37.68 -22.52 15.65
C VAL E 61 39.02 -22.97 15.06
N PRO E 62 39.98 -22.06 14.85
CA PRO E 62 41.24 -22.47 14.20
C PRO E 62 42.26 -23.15 15.10
N ASN E 63 42.15 -23.01 16.42
CA ASN E 63 43.20 -23.52 17.31
C ASN E 63 43.32 -25.03 17.21
N GLY E 64 44.54 -25.51 17.02
CA GLY E 64 44.82 -26.93 16.87
C GLY E 64 44.88 -27.40 15.43
N TYR E 65 44.62 -26.51 14.47
CA TYR E 65 44.58 -26.90 13.08
C TYR E 65 45.37 -25.92 12.23
N ASN E 66 45.74 -26.38 11.04
CA ASN E 66 46.24 -25.50 10.00
CA ASN E 66 46.28 -25.52 9.99
C ASN E 66 45.79 -26.05 8.65
N VAL E 67 45.88 -25.21 7.62
CA VAL E 67 45.46 -25.59 6.28
C VAL E 67 46.50 -25.16 5.25
N SER E 68 46.43 -25.81 4.08
CA SER E 68 47.19 -25.38 2.91
C SER E 68 46.28 -25.41 1.70
N ARG E 69 46.14 -24.28 1.02
CA ARG E 69 45.50 -24.22 -0.29
C ARG E 69 46.57 -24.57 -1.32
N LEU E 70 46.68 -25.86 -1.63
CA LEU E 70 47.80 -26.34 -2.44
C LEU E 70 47.74 -25.79 -3.86
N ASN E 71 46.54 -25.64 -4.39
CA ASN E 71 46.28 -25.10 -5.73
C ASN E 71 44.80 -24.79 -5.77
N LYS E 72 44.26 -24.49 -6.96
CA LYS E 72 42.84 -24.16 -7.04
C LYS E 72 41.96 -25.34 -6.63
N ARG E 73 42.41 -26.57 -6.88
CA ARG E 73 41.57 -27.73 -6.63
C ARG E 73 41.61 -28.20 -5.17
N GLU E 74 42.72 -28.03 -4.46
CA GLU E 74 42.96 -28.80 -3.25
C GLU E 74 43.14 -27.92 -2.02
N PHE E 75 42.55 -28.36 -0.90
CA PHE E 75 42.57 -27.60 0.35
C PHE E 75 42.73 -28.63 1.47
N SER E 76 43.96 -28.76 1.99
CA SER E 76 44.25 -29.77 3.01
CA SER E 76 44.24 -29.77 3.00
C SER E 76 44.09 -29.19 4.40
N LEU E 77 43.62 -30.03 5.32
CA LEU E 77 43.45 -29.70 6.72
C LEU E 77 44.41 -30.55 7.54
N ARG E 78 45.19 -29.91 8.40
CA ARG E 78 46.21 -30.58 9.20
CA ARG E 78 46.20 -30.59 9.20
C ARG E 78 45.86 -30.46 10.67
N LEU E 79 45.92 -31.58 11.40
CA LEU E 79 45.87 -31.61 12.85
C LEU E 79 47.30 -31.76 13.35
N GLU E 80 47.79 -30.74 14.06
CA GLU E 80 49.19 -30.70 14.47
C GLU E 80 49.50 -31.79 15.50
N SER E 81 48.83 -31.73 16.65
CA SER E 81 48.97 -32.73 17.71
CA SER E 81 48.97 -32.73 17.71
C SER E 81 47.56 -33.07 18.17
N ALA E 82 47.04 -34.20 17.69
CA ALA E 82 45.64 -34.54 17.91
C ALA E 82 45.29 -34.57 19.39
N ALA E 83 44.18 -33.92 19.73
CA ALA E 83 43.63 -33.89 21.07
C ALA E 83 42.23 -34.50 21.08
N PRO E 84 41.80 -35.09 22.20
CA PRO E 84 40.45 -35.70 22.23
C PRO E 84 39.34 -34.74 21.87
N SER E 85 39.50 -33.44 22.13
CA SER E 85 38.46 -32.47 21.79
C SER E 85 38.26 -32.35 20.29
N GLN E 86 39.20 -32.84 19.50
CA GLN E 86 39.11 -32.80 18.04
C GLN E 86 38.36 -34.00 17.46
N THR E 87 37.95 -34.96 18.31
CA THR E 87 36.99 -35.96 17.88
C THR E 87 35.73 -35.27 17.34
N SER E 88 35.44 -35.46 16.05
CA SER E 88 34.34 -34.74 15.42
C SER E 88 34.10 -35.31 14.02
N VAL E 89 33.13 -34.74 13.32
CA VAL E 89 32.91 -35.03 11.91
C VAL E 89 33.34 -33.79 11.12
N TYR E 90 34.29 -33.96 10.21
CA TYR E 90 34.88 -32.86 9.46
C TYR E 90 34.30 -32.85 8.05
N PHE E 91 33.87 -31.67 7.60
CA PHE E 91 33.35 -31.49 6.25
C PHE E 91 34.15 -30.42 5.52
N CYS E 92 34.62 -30.76 4.33
CA CYS E 92 35.15 -29.79 3.40
CA CYS E 92 35.12 -29.73 3.43
C CYS E 92 34.04 -29.38 2.44
N ALA E 93 34.06 -28.11 2.01
CA ALA E 93 33.03 -27.60 1.12
C ALA E 93 33.67 -26.58 0.18
N SER E 94 32.96 -26.29 -0.90
CA SER E 94 33.45 -25.32 -1.87
C SER E 94 32.27 -24.54 -2.44
N SER E 95 32.58 -23.35 -2.96
CA SER E 95 31.58 -22.54 -3.64
C SER E 95 32.26 -21.80 -4.77
N VAL E 96 31.45 -21.42 -5.77
CA VAL E 96 32.00 -20.82 -6.99
C VAL E 96 32.85 -19.60 -6.64
N TRP E 97 32.30 -18.70 -5.85
CA TRP E 97 33.03 -17.57 -5.29
C TRP E 97 32.56 -17.39 -3.85
N THR E 98 33.15 -16.43 -3.14
CA THR E 98 32.59 -16.03 -1.86
C THR E 98 32.43 -14.51 -1.85
N GLY E 99 31.41 -14.07 -1.11
CA GLY E 99 30.98 -12.69 -1.22
C GLY E 99 30.06 -12.43 -2.38
N GLU E 100 29.41 -13.48 -2.92
CA GLU E 100 28.41 -13.32 -3.97
C GLU E 100 26.99 -13.45 -3.45
N GLY E 101 26.80 -13.90 -2.22
CA GLY E 101 25.48 -13.91 -1.62
C GLY E 101 24.67 -15.15 -1.89
N SER E 102 24.34 -15.41 -3.15
CA SER E 102 23.44 -16.51 -3.47
C SER E 102 24.15 -17.83 -3.73
N GLY E 103 25.47 -17.81 -3.91
CA GLY E 103 26.18 -19.05 -4.16
C GLY E 103 26.11 -20.00 -2.98
N GLU E 104 25.67 -21.22 -3.23
CA GLU E 104 25.57 -22.23 -2.17
C GLU E 104 26.88 -22.98 -2.01
N LEU E 105 26.97 -23.74 -0.92
CA LEU E 105 28.10 -24.61 -0.68
C LEU E 105 27.82 -26.01 -1.24
N PHE E 106 28.90 -26.64 -1.71
CA PHE E 106 28.90 -28.04 -2.13
C PHE E 106 29.81 -28.79 -1.17
N PHE E 107 29.27 -29.82 -0.51
CA PHE E 107 29.95 -30.49 0.60
C PHE E 107 30.60 -31.80 0.17
N GLY E 108 31.81 -32.06 0.67
CA GLY E 108 32.36 -33.40 0.64
C GLY E 108 31.60 -34.35 1.54
N GLU E 109 31.97 -35.64 1.48
CA GLU E 109 31.20 -36.70 2.13
C GLU E 109 31.43 -36.80 3.63
N GLY E 110 32.44 -36.11 4.17
CA GLY E 110 32.65 -36.09 5.60
C GLY E 110 33.76 -37.03 6.01
N SER E 111 34.43 -36.67 7.12
CA SER E 111 35.53 -37.45 7.67
C SER E 111 35.31 -37.64 9.16
N ARG E 112 35.12 -38.89 9.58
CA ARG E 112 34.87 -39.23 10.98
C ARG E 112 36.20 -39.47 11.68
N LEU E 113 36.57 -38.59 12.61
CA LEU E 113 37.82 -38.71 13.36
C LEU E 113 37.52 -38.96 14.84
N THR E 114 38.21 -39.94 15.42
CA THR E 114 38.15 -40.18 16.85
C THR E 114 39.57 -40.18 17.40
N VAL E 115 39.84 -39.27 18.34
CA VAL E 115 41.15 -39.17 18.98
C VAL E 115 41.07 -39.81 20.36
N LEU E 116 41.96 -40.76 20.63
CA LEU E 116 41.92 -41.55 21.85
C LEU E 116 43.23 -41.42 22.62
N GLU E 117 43.13 -41.49 23.96
CA GLU E 117 44.33 -41.49 24.79
C GLU E 117 45.25 -42.65 24.42
N ASP E 118 44.67 -43.83 24.20
CA ASP E 118 45.41 -44.99 23.71
C ASP E 118 44.44 -45.85 22.90
N LEU E 119 45.00 -46.84 22.20
CA LEU E 119 44.22 -47.69 21.31
C LEU E 119 43.78 -49.00 21.97
N LYS E 120 44.05 -49.17 23.27
CA LYS E 120 43.85 -50.45 23.92
C LYS E 120 42.37 -50.84 24.03
N ASN E 121 41.45 -49.90 23.86
CA ASN E 121 40.03 -50.23 23.96
C ASN E 121 39.38 -50.39 22.58
N VAL E 122 40.14 -50.28 21.49
CA VAL E 122 39.56 -50.44 20.17
C VAL E 122 39.23 -51.91 19.94
N PHE E 123 38.00 -52.18 19.52
CA PHE E 123 37.51 -53.54 19.30
C PHE E 123 36.65 -53.57 18.05
N PRO E 124 36.81 -54.58 17.21
CA PRO E 124 35.87 -54.78 16.11
C PRO E 124 34.57 -55.38 16.64
N PRO E 125 33.49 -55.31 15.89
CA PRO E 125 32.23 -55.90 16.36
C PRO E 125 32.21 -57.41 16.22
N GLU E 126 31.43 -58.05 17.09
CA GLU E 126 30.93 -59.39 16.84
C GLU E 126 29.56 -59.26 16.17
N VAL E 127 29.31 -60.09 15.16
CA VAL E 127 28.12 -60.00 14.33
C VAL E 127 27.38 -61.33 14.37
N ALA E 128 26.06 -61.26 14.58
CA ALA E 128 25.23 -62.45 14.65
C ALA E 128 23.88 -62.17 14.01
N VAL E 129 23.30 -63.20 13.39
CA VAL E 129 21.98 -63.14 12.78
C VAL E 129 21.04 -64.00 13.61
N PHE E 130 19.81 -63.50 13.80
CA PHE E 130 18.79 -64.21 14.56
C PHE E 130 17.62 -64.52 13.62
N GLU E 131 17.24 -65.81 13.56
CA GLU E 131 16.25 -66.27 12.60
C GLU E 131 14.84 -65.89 13.06
N PRO E 132 13.92 -65.71 12.12
CA PRO E 132 12.58 -65.21 12.47
C PRO E 132 11.84 -66.17 13.38
N SER E 133 11.00 -65.60 14.24
CA SER E 133 10.17 -66.40 15.13
C SER E 133 9.13 -67.17 14.32
N GLU E 134 8.91 -68.43 14.72
CA GLU E 134 7.85 -69.22 14.09
C GLU E 134 6.48 -68.60 14.34
N ALA E 135 6.31 -67.92 15.47
CA ALA E 135 5.04 -67.25 15.75
C ALA E 135 4.77 -66.13 14.75
N GLU E 136 5.82 -65.40 14.34
CA GLU E 136 5.62 -64.35 13.33
C GLU E 136 5.25 -64.95 11.99
N ILE E 137 5.76 -66.14 11.67
CA ILE E 137 5.38 -66.82 10.42
C ILE E 137 3.88 -67.10 10.42
N SER E 138 3.37 -67.64 11.53
CA SER E 138 1.96 -68.04 11.58
C SER E 138 1.03 -66.84 11.66
N HIS E 139 1.45 -65.76 12.31
CA HIS E 139 0.53 -64.66 12.60
C HIS E 139 0.44 -63.69 11.43
N THR E 140 1.59 -63.28 10.88
CA THR E 140 1.64 -62.20 9.90
C THR E 140 1.99 -62.67 8.50
N GLN E 141 2.34 -63.94 8.32
CA GLN E 141 2.84 -64.48 7.05
C GLN E 141 4.09 -63.76 6.57
N LYS E 142 4.82 -63.13 7.49
CA LYS E 142 6.07 -62.44 7.17
C LYS E 142 7.14 -62.89 8.15
N ALA E 143 8.40 -62.64 7.78
CA ALA E 143 9.55 -63.11 8.56
C ALA E 143 10.56 -61.99 8.68
N THR E 144 10.91 -61.65 9.92
CA THR E 144 11.87 -60.59 10.20
C THR E 144 13.18 -61.21 10.69
N LEU E 145 14.25 -60.97 9.96
CA LEU E 145 15.60 -61.29 10.42
C LEU E 145 16.15 -60.13 11.24
N VAL E 146 17.02 -60.45 12.19
CA VAL E 146 17.64 -59.45 13.04
C VAL E 146 19.15 -59.69 13.05
N CYS E 147 19.91 -58.61 12.85
CA CYS E 147 21.36 -58.62 12.91
C CYS E 147 21.83 -57.78 14.08
N LEU E 148 22.77 -58.31 14.87
CA LEU E 148 23.35 -57.59 15.99
C LEU E 148 24.85 -57.46 15.82
N ALA E 149 25.35 -56.23 15.87
CA ALA E 149 26.79 -55.96 15.99
C ALA E 149 27.03 -55.42 17.39
N THR E 150 27.90 -56.08 18.14
CA THR E 150 28.06 -55.80 19.55
C THR E 150 29.54 -55.69 19.93
N GLY E 151 29.80 -54.89 20.96
CA GLY E 151 31.12 -54.81 21.54
C GLY E 151 32.17 -54.07 20.73
N PHE E 152 31.78 -53.24 19.77
CA PHE E 152 32.77 -52.54 18.97
C PHE E 152 33.07 -51.17 19.54
N TYR E 153 34.27 -50.67 19.22
CA TYR E 153 34.73 -49.35 19.64
C TYR E 153 35.91 -48.93 18.77
N PRO E 154 35.93 -47.67 18.29
CA PRO E 154 34.88 -46.66 18.46
C PRO E 154 33.68 -46.95 17.57
N ASP E 155 32.72 -46.04 17.51
CA ASP E 155 31.52 -46.22 16.69
CA ASP E 155 31.53 -46.26 16.68
C ASP E 155 31.86 -45.84 15.25
N HIS E 156 32.58 -46.72 14.57
CA HIS E 156 32.99 -46.54 13.18
C HIS E 156 32.52 -47.75 12.39
N VAL E 157 31.21 -47.88 12.19
CA VAL E 157 30.66 -49.07 11.55
C VAL E 157 29.63 -48.68 10.50
N GLU E 158 29.53 -49.52 9.47
CA GLU E 158 28.49 -49.43 8.45
C GLU E 158 27.94 -50.82 8.25
N LEU E 159 26.65 -51.01 8.55
CA LEU E 159 25.97 -52.29 8.43
C LEU E 159 25.19 -52.35 7.12
N SER E 160 25.14 -53.53 6.54
CA SER E 160 24.45 -53.75 5.27
C SER E 160 23.91 -55.17 5.23
N TRP E 161 22.81 -55.36 4.49
CA TRP E 161 22.21 -56.66 4.27
C TRP E 161 22.50 -57.14 2.85
N TRP E 162 22.75 -58.44 2.72
CA TRP E 162 23.06 -59.05 1.43
C TRP E 162 22.28 -60.35 1.32
N VAL E 163 21.32 -60.39 0.39
CA VAL E 163 20.48 -61.57 0.17
C VAL E 163 20.87 -62.19 -1.16
N ASN E 164 21.35 -63.44 -1.11
CA ASN E 164 21.76 -64.18 -2.30
C ASN E 164 22.83 -63.43 -3.10
N GLY E 165 23.80 -62.86 -2.39
CA GLY E 165 24.92 -62.19 -3.03
C GLY E 165 24.67 -60.78 -3.49
N LYS E 166 23.48 -60.22 -3.26
CA LYS E 166 23.15 -58.87 -3.70
C LYS E 166 22.64 -58.06 -2.51
N GLU E 167 23.08 -56.80 -2.44
CA GLU E 167 22.67 -55.94 -1.34
C GLU E 167 21.20 -55.53 -1.51
N VAL E 168 20.49 -55.46 -0.40
CA VAL E 168 19.08 -55.10 -0.40
C VAL E 168 18.89 -53.85 0.43
N HIS E 169 17.87 -53.07 0.07
CA HIS E 169 17.45 -51.91 0.85
C HIS E 169 15.99 -51.97 1.27
N SER E 170 15.14 -52.65 0.51
CA SER E 170 13.73 -52.74 0.85
C SER E 170 13.52 -53.76 1.95
N GLY E 171 12.69 -53.40 2.92
CA GLY E 171 12.47 -54.24 4.09
C GLY E 171 13.59 -54.19 5.10
N VAL E 172 14.41 -53.14 5.07
CA VAL E 172 15.58 -53.01 5.93
C VAL E 172 15.48 -51.71 6.72
N CYS E 173 15.81 -51.78 8.01
CA CYS E 173 15.92 -50.58 8.85
CA CYS E 173 15.95 -50.58 8.81
C CYS E 173 16.99 -50.83 9.88
N THR E 174 18.01 -49.99 9.89
CA THR E 174 19.13 -50.09 10.82
C THR E 174 19.08 -48.91 11.79
N ASP E 175 19.45 -49.17 13.04
CA ASP E 175 19.44 -48.12 14.04
C ASP E 175 20.27 -46.93 13.56
N PRO E 176 19.73 -45.71 13.63
CA PRO E 176 20.52 -44.54 13.22
C PRO E 176 21.79 -44.35 14.03
N GLN E 177 21.72 -44.58 15.34
CA GLN E 177 22.88 -44.52 16.20
C GLN E 177 22.99 -45.81 17.01
N PRO E 178 24.20 -46.27 17.30
CA PRO E 178 24.36 -47.41 18.20
C PRO E 178 24.07 -46.99 19.63
N LEU E 179 23.89 -47.99 20.49
CA LEU E 179 23.70 -47.73 21.91
CA LEU E 179 23.68 -47.76 21.91
C LEU E 179 24.93 -48.16 22.69
N LYS E 180 25.10 -47.55 23.85
CA LYS E 180 26.24 -47.84 24.71
C LYS E 180 25.96 -49.08 25.53
N GLU E 181 26.85 -50.07 25.44
CA GLU E 181 26.69 -51.30 26.21
C GLU E 181 27.00 -51.08 27.70
N GLN E 182 27.76 -50.04 28.03
CA GLN E 182 28.09 -49.73 29.42
C GLN E 182 27.93 -48.22 29.57
N PRO E 183 26.70 -47.73 29.65
CA PRO E 183 26.45 -46.29 29.53
C PRO E 183 27.12 -45.45 30.61
N ALA E 184 27.55 -46.04 31.71
CA ALA E 184 28.23 -45.30 32.77
C ALA E 184 29.73 -45.17 32.55
N LEU E 185 30.29 -45.84 31.55
CA LEU E 185 31.72 -45.81 31.29
C LEU E 185 32.04 -44.77 30.22
N ASN E 186 33.13 -44.02 30.44
CA ASN E 186 33.53 -43.01 29.48
CA ASN E 186 33.53 -43.01 29.47
C ASN E 186 33.94 -43.64 28.14
N ASP E 187 34.42 -44.87 28.16
CA ASP E 187 34.87 -45.57 26.96
C ASP E 187 34.00 -46.78 26.65
N SER E 188 32.69 -46.64 26.88
CA SER E 188 31.76 -47.73 26.62
C SER E 188 31.87 -48.21 25.18
N ARG E 189 31.76 -49.53 25.00
CA ARG E 189 31.65 -50.12 23.68
C ARG E 189 30.21 -50.03 23.20
N TYR E 190 30.01 -50.33 21.92
CA TYR E 190 28.74 -50.02 21.25
C TYR E 190 28.10 -51.28 20.70
N ALA E 191 26.78 -51.20 20.51
CA ALA E 191 25.97 -52.23 19.88
C ALA E 191 25.07 -51.60 18.84
N LEU E 192 24.83 -52.31 17.75
CA LEU E 192 23.98 -51.83 16.67
C LEU E 192 23.10 -52.98 16.19
N SER E 193 21.84 -52.68 15.92
CA SER E 193 20.89 -53.68 15.46
C SER E 193 20.29 -53.25 14.12
N SER E 194 19.88 -54.24 13.34
CA SER E 194 19.15 -53.99 12.10
C SER E 194 18.16 -55.13 11.89
N ARG E 195 17.11 -54.84 11.13
CA ARG E 195 16.10 -55.84 10.80
C ARG E 195 15.94 -55.94 9.29
N LEU E 196 15.64 -57.15 8.83
CA LEU E 196 15.32 -57.42 7.43
C LEU E 196 14.05 -58.26 7.38
N ARG E 197 12.96 -57.69 6.90
CA ARG E 197 11.68 -58.37 6.85
C ARG E 197 11.39 -58.82 5.43
N VAL E 198 11.10 -60.11 5.26
CA VAL E 198 10.73 -60.69 3.98
C VAL E 198 9.44 -61.48 4.17
N SER E 199 8.87 -61.92 3.05
CA SER E 199 7.68 -62.76 3.11
C SER E 199 8.02 -64.13 3.67
N ALA E 200 7.00 -64.79 4.25
CA ALA E 200 7.22 -66.09 4.87
C ALA E 200 7.66 -67.12 3.83
N THR E 201 7.08 -67.06 2.64
CA THR E 201 7.47 -67.99 1.58
C THR E 201 8.91 -67.77 1.15
N PHE E 202 9.40 -66.53 1.24
CA PHE E 202 10.80 -66.26 0.92
C PHE E 202 11.73 -66.88 1.95
N TRP E 203 11.37 -66.81 3.23
CA TRP E 203 12.21 -67.37 4.28
C TRP E 203 12.16 -68.90 4.29
N GLN E 204 11.02 -69.48 3.95
CA GLN E 204 10.88 -70.93 3.98
C GLN E 204 11.67 -71.62 2.87
N ASN E 205 11.96 -70.92 1.79
CA ASN E 205 12.75 -71.49 0.69
C ASN E 205 14.19 -71.68 1.14
N PRO E 206 14.71 -72.91 1.14
CA PRO E 206 16.11 -73.13 1.55
C PRO E 206 17.14 -72.68 0.53
N ARG E 207 16.73 -72.08 -0.58
CA ARG E 207 17.65 -71.63 -1.61
C ARG E 207 18.01 -70.15 -1.48
N ASN E 208 17.60 -69.50 -0.40
CA ASN E 208 17.89 -68.09 -0.16
C ASN E 208 18.94 -67.96 0.94
N HIS E 209 19.97 -67.17 0.68
CA HIS E 209 21.08 -66.96 1.62
C HIS E 209 21.03 -65.53 2.13
N PHE E 210 20.92 -65.38 3.44
CA PHE E 210 20.88 -64.08 4.09
C PHE E 210 22.17 -63.86 4.85
N ARG E 211 22.80 -62.71 4.64
CA ARG E 211 24.07 -62.40 5.30
C ARG E 211 24.12 -60.92 5.62
N CYS E 212 24.30 -60.59 6.88
CA CYS E 212 24.47 -59.22 7.34
CA CYS E 212 24.48 -59.21 7.31
C CYS E 212 25.96 -58.96 7.55
N GLN E 213 26.50 -57.95 6.89
CA GLN E 213 27.91 -57.63 6.95
C GLN E 213 28.11 -56.27 7.60
N VAL E 214 29.15 -56.17 8.44
CA VAL E 214 29.43 -54.96 9.18
C VAL E 214 30.87 -54.54 8.87
N GLN E 215 31.01 -53.43 8.15
CA GLN E 215 32.33 -52.86 7.89
C GLN E 215 32.76 -52.06 9.12
N PHE E 216 33.90 -52.41 9.69
CA PHE E 216 34.44 -51.73 10.85
C PHE E 216 35.68 -50.94 10.46
N TYR E 217 35.80 -49.72 10.96
CA TYR E 217 36.93 -48.85 10.68
C TYR E 217 37.73 -48.68 11.97
N GLY E 218 38.89 -49.31 12.03
CA GLY E 218 39.69 -49.30 13.24
C GLY E 218 41.11 -48.85 12.99
N LEU E 219 42.08 -49.66 13.40
CA LEU E 219 43.47 -49.29 13.27
C LEU E 219 43.97 -49.52 11.85
N SER E 220 45.12 -48.94 11.55
CA SER E 220 45.77 -49.06 10.26
C SER E 220 46.94 -50.03 10.34
N GLU E 221 47.57 -50.28 9.19
CA GLU E 221 48.72 -51.18 9.18
C GLU E 221 49.89 -50.58 9.95
N ASN E 222 50.07 -49.26 9.88
CA ASN E 222 51.18 -48.60 10.54
C ASN E 222 50.99 -48.46 12.06
N ASP E 223 49.79 -48.73 12.57
CA ASP E 223 49.54 -48.59 14.00
C ASP E 223 50.29 -49.67 14.77
N GLU E 224 51.01 -49.25 15.80
CA GLU E 224 51.70 -50.20 16.68
C GLU E 224 50.67 -50.94 17.53
N TRP E 225 51.02 -52.18 17.88
CA TRP E 225 50.13 -53.02 18.67
C TRP E 225 50.94 -54.02 19.45
N THR E 226 50.63 -54.19 20.72
CA THR E 226 51.40 -55.04 21.64
C THR E 226 50.60 -56.20 22.18
N GLN E 227 49.31 -56.01 22.46
CA GLN E 227 48.54 -56.96 23.23
C GLN E 227 48.39 -58.29 22.48
N ASP E 228 48.07 -59.34 23.25
CA ASP E 228 48.00 -60.67 22.69
C ASP E 228 46.79 -60.84 21.77
N ARG E 229 45.71 -60.12 22.05
CA ARG E 229 44.54 -60.19 21.18
C ARG E 229 44.85 -59.59 19.81
N ALA E 230 44.15 -60.08 18.79
CA ALA E 230 44.43 -59.69 17.43
C ALA E 230 44.23 -58.18 17.25
N LYS E 231 45.12 -57.57 16.47
CA LYS E 231 45.08 -56.13 16.25
C LYS E 231 43.75 -55.72 15.64
N PRO E 232 43.03 -54.77 16.23
CA PRO E 232 41.69 -54.41 15.73
C PRO E 232 41.75 -53.50 14.52
N VAL E 233 42.10 -54.10 13.37
CA VAL E 233 42.25 -53.35 12.14
C VAL E 233 40.89 -53.12 11.49
N THR E 234 40.86 -52.18 10.55
CA THR E 234 39.71 -52.03 9.66
C THR E 234 39.42 -53.36 8.98
N GLN E 235 38.17 -53.81 9.09
CA GLN E 235 37.83 -55.16 8.66
C GLN E 235 36.32 -55.27 8.51
N ILE E 236 35.89 -56.40 7.93
CA ILE E 236 34.49 -56.72 7.74
C ILE E 236 34.18 -57.98 8.54
N VAL E 237 33.15 -57.89 9.38
CA VAL E 237 32.67 -59.03 10.15
C VAL E 237 31.23 -59.30 9.73
N SER E 238 30.96 -60.54 9.30
CA SER E 238 29.66 -60.90 8.76
C SER E 238 29.06 -62.07 9.52
N ALA E 239 27.76 -62.27 9.33
CA ALA E 239 27.04 -63.40 9.88
C ALA E 239 25.98 -63.83 8.87
N GLU E 240 25.72 -65.14 8.82
CA GLU E 240 24.89 -65.72 7.78
C GLU E 240 23.77 -66.56 8.39
N ALA E 241 22.82 -66.93 7.54
CA ALA E 241 21.70 -67.77 7.90
C ALA E 241 21.02 -68.24 6.62
N TRP E 242 20.60 -69.51 6.60
CA TRP E 242 19.88 -70.08 5.47
C TRP E 242 18.41 -70.24 5.81
N GLY E 243 17.57 -70.23 4.77
CA GLY E 243 16.15 -70.41 4.97
C GLY E 243 15.82 -71.86 5.29
N ARG E 244 14.87 -72.04 6.22
CA ARG E 244 14.42 -73.37 6.62
C ARG E 244 12.90 -73.40 6.63
N ALA E 245 12.36 -74.61 6.50
CA ALA E 245 10.91 -74.81 6.45
C ALA E 245 10.47 -75.87 7.46
N MET F 1 39.86 2.07 -28.99
CA MET F 1 40.25 2.38 -27.61
C MET F 1 40.33 3.89 -27.42
N ILE F 2 39.38 4.43 -26.66
CA ILE F 2 39.30 5.88 -26.44
C ILE F 2 40.15 6.25 -25.23
N GLN F 3 41.13 7.11 -25.45
CA GLN F 3 41.95 7.66 -24.39
C GLN F 3 41.59 9.12 -24.19
N ARG F 4 41.69 9.59 -22.95
CA ARG F 4 41.29 10.94 -22.60
C ARG F 4 42.46 11.64 -21.90
N THR F 5 42.88 12.79 -22.45
CA THR F 5 44.05 13.47 -21.92
C THR F 5 43.67 14.25 -20.65
N PRO F 6 44.59 14.41 -19.71
CA PRO F 6 44.21 15.02 -18.43
C PRO F 6 43.93 16.51 -18.54
N LYS F 7 42.89 16.94 -17.84
CA LYS F 7 42.72 18.34 -17.51
C LYS F 7 43.64 18.69 -16.36
N ILE F 8 44.26 19.87 -16.41
CA ILE F 8 45.29 20.25 -15.46
C ILE F 8 45.02 21.67 -14.98
N GLN F 9 44.76 21.83 -13.68
CA GLN F 9 44.40 23.13 -13.13
C GLN F 9 45.31 23.46 -11.96
N VAL F 10 45.89 24.65 -11.97
CA VAL F 10 46.89 25.07 -10.99
C VAL F 10 46.37 26.33 -10.30
N TYR F 11 46.32 26.28 -8.97
CA TYR F 11 45.63 27.30 -8.20
C TYR F 11 46.09 27.21 -6.75
N SER F 12 45.96 28.31 -6.04
CA SER F 12 46.38 28.35 -4.64
C SER F 12 45.21 28.02 -3.72
N ARG F 13 45.54 27.57 -2.51
CA ARG F 13 44.49 27.20 -1.57
C ARG F 13 43.66 28.41 -1.16
N HIS F 14 44.33 29.50 -0.79
CA HIS F 14 43.71 30.76 -0.41
C HIS F 14 44.01 31.82 -1.46
N PRO F 15 43.19 32.88 -1.55
CA PRO F 15 43.56 34.03 -2.40
C PRO F 15 44.99 34.48 -2.15
N ALA F 16 45.80 34.50 -3.21
CA ALA F 16 47.24 34.62 -3.04
C ALA F 16 47.67 36.05 -2.76
N GLU F 17 48.71 36.20 -1.94
CA GLU F 17 49.32 37.48 -1.66
CA GLU F 17 49.33 37.48 -1.68
C GLU F 17 50.81 37.27 -1.44
N ASN F 18 51.63 38.05 -2.14
CA ASN F 18 53.08 37.91 -1.99
C ASN F 18 53.49 38.13 -0.54
N GLY F 19 54.37 37.25 -0.05
CA GLY F 19 54.86 37.33 1.30
C GLY F 19 54.05 36.58 2.34
N LYS F 20 52.91 36.00 1.97
CA LYS F 20 52.07 35.27 2.89
C LYS F 20 52.06 33.79 2.51
N SER F 21 52.34 32.93 3.49
CA SER F 21 52.39 31.50 3.26
C SER F 21 51.05 31.00 2.71
N ASN F 22 51.11 30.01 1.83
CA ASN F 22 49.94 29.51 1.12
C ASN F 22 50.21 28.06 0.73
N PHE F 23 49.29 27.47 -0.04
CA PHE F 23 49.48 26.16 -0.64
C PHE F 23 49.19 26.24 -2.12
N LEU F 24 50.04 25.60 -2.92
CA LEU F 24 49.86 25.55 -4.36
C LEU F 24 49.31 24.17 -4.73
N ASN F 25 48.19 24.16 -5.44
CA ASN F 25 47.49 22.94 -5.80
C ASN F 25 47.63 22.68 -7.30
N CYS F 26 47.75 21.41 -7.67
CA CYS F 26 47.63 21.00 -9.06
C CYS F 26 46.64 19.85 -9.12
N TYR F 27 45.46 20.12 -9.68
CA TYR F 27 44.38 19.16 -9.80
C TYR F 27 44.38 18.60 -11.21
N VAL F 28 44.57 17.29 -11.32
CA VAL F 28 44.73 16.61 -12.60
C VAL F 28 43.57 15.62 -12.70
N SER F 29 42.74 15.77 -13.74
CA SER F 29 41.44 15.10 -13.72
C SER F 29 41.01 14.68 -15.11
N GLY F 30 40.04 13.77 -15.13
CA GLY F 30 39.35 13.37 -16.34
C GLY F 30 40.18 12.57 -17.33
N PHE F 31 41.26 11.93 -16.89
CA PHE F 31 42.11 11.18 -17.80
C PHE F 31 41.80 9.69 -17.73
N HIS F 32 42.15 8.99 -18.81
CA HIS F 32 42.07 7.54 -18.95
C HIS F 32 43.08 7.14 -20.02
N PRO F 33 43.88 6.08 -19.81
CA PRO F 33 43.96 5.19 -18.65
C PRO F 33 44.66 5.82 -17.45
N SER F 34 44.99 5.03 -16.43
CA SER F 34 45.31 5.55 -15.10
C SER F 34 46.76 5.94 -14.90
N ASP F 35 47.69 5.46 -15.72
CA ASP F 35 49.09 5.78 -15.51
C ASP F 35 49.33 7.27 -15.75
N ILE F 36 49.93 7.94 -14.77
CA ILE F 36 50.16 9.38 -14.85
C ILE F 36 51.39 9.73 -14.02
N GLU F 37 52.08 10.79 -14.41
CA GLU F 37 53.20 11.34 -13.65
C GLU F 37 52.99 12.83 -13.45
N VAL F 38 53.11 13.30 -12.21
CA VAL F 38 52.88 14.70 -11.88
C VAL F 38 54.03 15.21 -11.03
N ASP F 39 54.54 16.40 -11.37
CA ASP F 39 55.54 17.10 -10.58
C ASP F 39 55.14 18.56 -10.45
N LEU F 40 55.48 19.15 -9.32
CA LEU F 40 55.34 20.59 -9.12
C LEU F 40 56.71 21.24 -9.29
N LEU F 41 56.75 22.34 -10.04
CA LEU F 41 58.00 23.01 -10.40
C LEU F 41 58.06 24.40 -9.80
N LYS F 42 59.22 24.77 -9.28
CA LYS F 42 59.53 26.14 -8.88
C LYS F 42 60.69 26.62 -9.75
N ASN F 43 60.41 27.65 -10.57
CA ASN F 43 61.40 28.18 -11.51
C ASN F 43 62.01 27.07 -12.38
N GLY F 44 61.15 26.16 -12.85
CA GLY F 44 61.59 25.09 -13.72
C GLY F 44 62.19 23.89 -13.03
N GLU F 45 62.47 23.98 -11.73
CA GLU F 45 63.08 22.87 -11.00
C GLU F 45 62.03 22.15 -10.15
N ARG F 46 62.15 20.83 -10.08
CA ARG F 46 61.19 20.02 -9.36
C ARG F 46 61.23 20.32 -7.86
N ILE F 47 60.05 20.48 -7.26
CA ILE F 47 59.94 20.67 -5.81
C ILE F 47 59.90 19.30 -5.16
N GLU F 48 60.68 19.12 -4.08
CA GLU F 48 60.82 17.81 -3.45
C GLU F 48 59.72 17.53 -2.41
N LYS F 49 59.36 18.52 -1.60
CA LYS F 49 58.35 18.31 -0.55
C LYS F 49 56.97 18.57 -1.13
N VAL F 50 56.44 17.57 -1.84
CA VAL F 50 55.11 17.65 -2.44
CA VAL F 50 55.11 17.65 -2.46
C VAL F 50 54.29 16.45 -2.01
N GLU F 51 53.04 16.70 -1.63
CA GLU F 51 52.13 15.64 -1.24
CA GLU F 51 52.10 15.68 -1.20
C GLU F 51 51.05 15.46 -2.29
N HIS F 52 50.41 14.31 -2.26
CA HIS F 52 49.39 14.02 -3.25
C HIS F 52 48.38 13.03 -2.69
N SER F 53 47.14 13.16 -3.15
CA SER F 53 46.13 12.17 -2.85
C SER F 53 46.38 10.91 -3.69
N ASP F 54 45.77 9.81 -3.26
CA ASP F 54 45.76 8.61 -4.07
C ASP F 54 44.93 8.82 -5.34
N LEU F 55 45.25 8.03 -6.36
CA LEU F 55 44.42 7.94 -7.55
C LEU F 55 42.95 7.81 -7.15
N SER F 56 42.10 8.64 -7.74
CA SER F 56 40.69 8.68 -7.39
C SER F 56 39.84 8.40 -8.63
N PHE F 57 38.61 7.93 -8.38
CA PHE F 57 37.74 7.40 -9.43
C PHE F 57 36.52 8.28 -9.62
N SER F 58 36.23 8.64 -10.87
CA SER F 58 35.02 9.38 -11.22
C SER F 58 33.97 8.43 -11.81
N LYS F 59 32.70 8.84 -11.72
CA LYS F 59 31.65 7.96 -12.22
C LYS F 59 31.61 7.88 -13.74
N ASP F 60 32.31 8.75 -14.47
CA ASP F 60 32.42 8.60 -15.92
C ASP F 60 33.60 7.71 -16.33
N TRP F 61 34.17 6.99 -15.37
CA TRP F 61 35.26 6.00 -15.50
C TRP F 61 36.63 6.65 -15.67
N SER F 62 36.74 7.98 -15.63
CA SER F 62 38.05 8.62 -15.68
C SER F 62 38.60 8.74 -14.26
N PHE F 63 39.80 9.30 -14.13
CA PHE F 63 40.52 9.35 -12.86
C PHE F 63 40.91 10.79 -12.55
N TYR F 64 41.24 11.03 -11.27
CA TYR F 64 41.74 12.34 -10.88
C TYR F 64 42.63 12.20 -9.64
N LEU F 65 43.45 13.24 -9.42
CA LEU F 65 44.36 13.31 -8.28
CA LEU F 65 44.23 13.33 -8.19
C LEU F 65 44.66 14.77 -7.97
N LEU F 66 45.12 15.02 -6.75
CA LEU F 66 45.50 16.35 -6.30
C LEU F 66 46.92 16.31 -5.78
N TYR F 67 47.78 17.16 -6.33
CA TYR F 67 49.14 17.39 -5.85
C TYR F 67 49.24 18.78 -5.26
N TYR F 68 49.96 18.92 -4.13
CA TYR F 68 50.04 20.22 -3.49
C TYR F 68 51.32 20.36 -2.70
N THR F 69 51.71 21.61 -2.47
CA THR F 69 52.90 21.90 -1.68
C THR F 69 52.70 23.24 -0.98
N GLU F 70 53.31 23.37 0.20
CA GLU F 70 53.30 24.63 0.92
C GLU F 70 54.29 25.57 0.27
N PHE F 71 53.88 26.82 0.05
CA PHE F 71 54.79 27.80 -0.55
C PHE F 71 54.37 29.20 -0.12
N THR F 72 55.34 30.12 -0.21
CA THR F 72 55.10 31.54 0.00
C THR F 72 55.33 32.26 -1.31
N PRO F 73 54.28 32.68 -2.01
CA PRO F 73 54.48 33.27 -3.34
C PRO F 73 55.23 34.59 -3.28
N THR F 74 56.10 34.79 -4.27
CA THR F 74 56.80 36.05 -4.47
C THR F 74 56.60 36.50 -5.91
N GLU F 75 56.91 37.77 -6.18
CA GLU F 75 56.75 38.29 -7.52
C GLU F 75 57.74 37.68 -8.50
N LYS F 76 58.88 37.18 -8.02
CA LYS F 76 59.93 36.68 -8.89
C LYS F 76 59.84 35.19 -9.19
N ASP F 77 59.13 34.42 -8.35
CA ASP F 77 59.11 32.97 -8.47
C ASP F 77 57.98 32.53 -9.39
N GLU F 78 58.31 31.67 -10.35
CA GLU F 78 57.33 31.06 -11.25
C GLU F 78 57.10 29.62 -10.83
N TYR F 79 55.83 29.25 -10.68
CA TYR F 79 55.45 27.88 -10.31
C TYR F 79 54.67 27.24 -11.45
N ALA F 80 54.77 25.92 -11.53
CA ALA F 80 54.15 25.19 -12.63
C ALA F 80 53.85 23.77 -12.20
N CYS F 81 52.97 23.12 -12.96
CA CYS F 81 52.65 21.72 -12.79
C CYS F 81 53.02 20.97 -14.06
N ARG F 82 53.83 19.90 -13.93
CA ARG F 82 54.33 19.15 -15.07
C ARG F 82 53.72 17.75 -15.04
N VAL F 83 53.09 17.36 -16.15
CA VAL F 83 52.29 16.16 -16.20
C VAL F 83 52.67 15.34 -17.42
N ASN F 84 52.76 14.02 -17.25
CA ASN F 84 52.96 13.14 -18.39
C ASN F 84 51.93 12.02 -18.35
N HIS F 85 51.47 11.63 -19.54
CA HIS F 85 50.36 10.69 -19.71
C HIS F 85 50.50 10.11 -21.12
N VAL F 86 49.93 8.92 -21.31
CA VAL F 86 50.15 8.22 -22.57
C VAL F 86 49.62 9.03 -23.75
N THR F 87 48.62 9.89 -23.50
CA THR F 87 48.07 10.75 -24.55
C THR F 87 48.99 11.90 -24.93
N LEU F 88 50.07 12.13 -24.20
CA LEU F 88 50.97 13.25 -24.44
C LEU F 88 52.31 12.73 -24.97
N SER F 89 52.76 13.31 -26.09
CA SER F 89 54.06 12.91 -26.64
CA SER F 89 54.06 12.92 -26.64
C SER F 89 55.21 13.35 -25.75
N GLN F 90 55.07 14.50 -25.09
CA GLN F 90 56.08 15.03 -24.17
CA GLN F 90 56.08 14.99 -24.16
C GLN F 90 55.36 15.54 -22.94
N PRO F 91 56.08 15.66 -21.81
CA PRO F 91 55.44 16.19 -20.59
C PRO F 91 54.90 17.59 -20.82
N LYS F 92 53.73 17.86 -20.25
CA LYS F 92 53.08 19.15 -20.38
C LYS F 92 53.33 19.97 -19.11
N ILE F 93 53.86 21.19 -19.29
CA ILE F 93 54.17 22.08 -18.18
C ILE F 93 53.13 23.19 -18.17
N VAL F 94 52.32 23.24 -17.11
CA VAL F 94 51.21 24.18 -17.00
C VAL F 94 51.57 25.20 -15.93
N LYS F 95 51.67 26.47 -16.33
CA LYS F 95 52.12 27.51 -15.43
C LYS F 95 50.99 27.96 -14.51
N TRP F 96 51.33 28.24 -13.25
CA TRP F 96 50.39 28.89 -12.35
C TRP F 96 50.13 30.32 -12.81
N ASP F 97 48.86 30.70 -12.87
CA ASP F 97 48.44 32.00 -13.37
CA ASP F 97 48.48 32.01 -13.38
C ASP F 97 48.57 33.11 -12.32
N ARG F 98 49.22 32.84 -11.19
CA ARG F 98 49.41 33.81 -10.11
C ARG F 98 48.08 34.36 -9.60
N ASP F 99 47.06 33.49 -9.57
CA ASP F 99 45.73 33.80 -9.01
C ASP F 99 45.08 34.98 -9.73
N MET F 100 45.40 35.16 -11.02
CA MET F 100 44.81 36.25 -11.80
C MET F 100 43.34 36.00 -12.10
N ASN G 2 -9.97 21.80 10.59
CA ASN G 2 -10.20 22.57 9.37
C ASN G 2 -9.77 21.80 8.13
N ALA G 3 -9.79 20.47 8.23
CA ALA G 3 -9.32 19.62 7.14
C ALA G 3 -10.40 19.28 6.13
N GLY G 4 -11.68 19.41 6.48
CA GLY G 4 -12.75 19.06 5.55
C GLY G 4 -13.04 17.58 5.63
N VAL G 5 -13.03 16.89 4.49
CA VAL G 5 -13.31 15.47 4.42
C VAL G 5 -12.00 14.73 4.18
N THR G 6 -11.64 13.84 5.11
CA THR G 6 -10.38 13.10 5.06
C THR G 6 -10.69 11.61 4.87
N GLN G 7 -10.33 11.06 3.72
CA GLN G 7 -10.50 9.64 3.50
C GLN G 7 -9.17 8.97 3.18
N THR G 8 -9.08 7.70 3.53
CA THR G 8 -7.88 6.89 3.32
C THR G 8 -8.33 5.48 2.97
N PRO G 9 -7.48 4.71 2.27
CA PRO G 9 -6.21 5.12 1.66
C PRO G 9 -6.42 5.72 0.30
N LYS G 10 -5.41 6.43 -0.21
CA LYS G 10 -5.50 7.01 -1.54
C LYS G 10 -5.47 5.93 -2.62
N PHE G 11 -4.67 4.88 -2.42
CA PHE G 11 -4.53 3.79 -3.38
C PHE G 11 -4.53 2.45 -2.65
N GLN G 12 -5.06 1.42 -3.31
CA GLN G 12 -5.00 0.09 -2.72
C GLN G 12 -5.19 -0.98 -3.80
N VAL G 13 -4.31 -1.98 -3.80
CA VAL G 13 -4.46 -3.18 -4.62
CA VAL G 13 -4.48 -3.17 -4.62
C VAL G 13 -4.94 -4.31 -3.73
N LEU G 14 -5.88 -5.11 -4.24
CA LEU G 14 -6.46 -6.21 -3.48
C LEU G 14 -6.53 -7.44 -4.36
N LYS G 15 -6.42 -8.60 -3.73
CA LYS G 15 -6.71 -9.86 -4.40
C LYS G 15 -8.16 -10.22 -4.20
N THR G 16 -8.77 -10.84 -5.21
CA THR G 16 -10.14 -11.32 -5.09
C THR G 16 -10.32 -12.10 -3.79
N GLY G 17 -11.36 -11.75 -3.03
CA GLY G 17 -11.64 -12.40 -1.77
C GLY G 17 -11.09 -11.70 -0.55
N GLN G 18 -10.18 -10.75 -0.73
CA GLN G 18 -9.57 -10.01 0.38
C GLN G 18 -10.55 -8.99 0.95
N SER G 19 -10.42 -8.73 2.26
CA SER G 19 -11.23 -7.73 2.93
CA SER G 19 -11.23 -7.73 2.93
C SER G 19 -10.52 -6.37 2.93
N MET G 20 -11.32 -5.31 3.04
CA MET G 20 -10.76 -3.96 3.03
CA MET G 20 -10.76 -3.96 3.05
C MET G 20 -11.76 -3.00 3.67
N THR G 21 -11.25 -2.06 4.46
CA THR G 21 -12.05 -0.99 5.02
C THR G 21 -11.49 0.36 4.58
N LEU G 22 -12.35 1.18 3.98
CA LEU G 22 -12.03 2.56 3.66
CA LEU G 22 -12.03 2.57 3.65
C LEU G 22 -12.52 3.46 4.79
N GLN G 23 -11.66 4.36 5.24
CA GLN G 23 -11.99 5.27 6.33
C GLN G 23 -12.39 6.63 5.79
N CYS G 24 -13.31 7.29 6.49
CA CYS G 24 -13.68 8.65 6.15
C CYS G 24 -14.07 9.40 7.42
N ALA G 25 -13.53 10.60 7.59
CA ALA G 25 -13.91 11.48 8.68
C ALA G 25 -14.11 12.88 8.14
N GLN G 26 -15.05 13.61 8.74
CA GLN G 26 -15.26 15.01 8.42
C GLN G 26 -15.28 15.82 9.70
N ASP G 27 -14.64 16.98 9.67
CA ASP G 27 -14.53 17.85 10.84
C ASP G 27 -15.32 19.14 10.66
N MET G 28 -16.37 19.11 9.84
CA MET G 28 -17.17 20.28 9.56
C MET G 28 -18.48 20.28 10.34
N ASN G 29 -18.64 19.36 11.28
CA ASN G 29 -19.86 19.19 12.07
C ASN G 29 -21.08 18.92 11.17
N HIS G 30 -20.85 18.24 10.04
CA HIS G 30 -21.90 17.85 9.11
C HIS G 30 -22.70 16.68 9.66
N ASN G 31 -23.97 16.57 9.25
CA ASN G 31 -24.81 15.49 9.74
C ASN G 31 -24.93 14.30 8.80
N SER G 32 -24.85 14.50 7.49
CA SER G 32 -25.10 13.45 6.50
C SER G 32 -23.78 13.09 5.81
N MET G 33 -23.56 11.78 5.60
CA MET G 33 -22.34 11.31 4.95
C MET G 33 -22.71 10.24 3.92
N TYR G 34 -21.82 10.05 2.94
CA TYR G 34 -22.13 9.34 1.72
C TYR G 34 -20.90 8.60 1.24
N TRP G 35 -21.11 7.42 0.64
CA TRP G 35 -20.04 6.72 -0.08
C TRP G 35 -20.49 6.51 -1.52
N TYR G 36 -19.71 7.01 -2.46
CA TYR G 36 -19.96 6.92 -3.89
C TYR G 36 -18.86 6.11 -4.56
N ARG G 37 -19.19 5.48 -5.67
CA ARG G 37 -18.14 4.98 -6.58
C ARG G 37 -18.28 5.69 -7.92
N GLN G 38 -17.13 5.92 -8.56
CA GLN G 38 -17.07 6.59 -9.84
C GLN G 38 -16.36 5.68 -10.84
N ASP G 39 -17.01 5.43 -11.96
CA ASP G 39 -16.51 4.52 -12.98
C ASP G 39 -16.60 5.20 -14.35
N PRO G 40 -15.69 4.87 -15.27
CA PRO G 40 -15.70 5.53 -16.58
C PRO G 40 -17.04 5.37 -17.29
N GLY G 41 -17.54 6.47 -17.84
CA GLY G 41 -18.70 6.43 -18.69
C GLY G 41 -20.04 6.49 -17.98
N MET G 42 -20.06 6.68 -16.66
CA MET G 42 -21.32 6.76 -15.94
CA MET G 42 -21.31 6.75 -15.93
C MET G 42 -21.20 7.78 -14.81
N GLY G 43 -22.35 8.26 -14.36
CA GLY G 43 -22.37 9.18 -13.25
C GLY G 43 -22.08 8.49 -11.94
N LEU G 44 -21.71 9.30 -10.94
CA LEU G 44 -21.49 8.79 -9.60
C LEU G 44 -22.66 7.92 -9.15
N ARG G 45 -22.35 6.81 -8.50
CA ARG G 45 -23.39 5.92 -7.99
C ARG G 45 -23.24 5.77 -6.49
N LEU G 46 -24.35 6.00 -5.77
CA LEU G 46 -24.33 5.94 -4.32
C LEU G 46 -24.31 4.49 -3.85
N ILE G 47 -23.42 4.18 -2.90
CA ILE G 47 -23.30 2.82 -2.37
C ILE G 47 -24.14 2.69 -1.11
N TYR G 48 -23.83 3.50 -0.10
CA TYR G 48 -24.55 3.61 1.16
C TYR G 48 -24.50 5.07 1.60
N TYR G 49 -25.44 5.46 2.44
CA TYR G 49 -25.41 6.80 2.99
C TYR G 49 -25.88 6.77 4.44
N SER G 50 -25.70 7.89 5.11
CA SER G 50 -26.04 8.02 6.53
C SER G 50 -26.61 9.43 6.71
N ALA G 51 -27.94 9.52 6.78
CA ALA G 51 -28.61 10.82 6.81
C ALA G 51 -28.29 11.58 8.08
N SER G 52 -27.97 10.87 9.14
CA SER G 52 -27.61 11.51 10.40
CA SER G 52 -27.70 11.48 10.44
C SER G 52 -26.90 10.47 11.26
N GLU G 53 -26.27 10.96 12.33
CA GLU G 53 -25.65 10.05 13.27
C GLU G 53 -26.67 9.02 13.74
N GLY G 54 -26.25 7.75 13.79
CA GLY G 54 -27.14 6.71 14.27
C GLY G 54 -28.07 6.09 13.26
N THR G 55 -27.95 6.42 11.97
CA THR G 55 -28.74 5.72 10.96
C THR G 55 -27.95 5.64 9.67
N THR G 56 -28.16 4.54 8.94
CA THR G 56 -27.55 4.31 7.63
C THR G 56 -28.57 3.58 6.77
N ASP G 57 -28.38 3.65 5.46
CA ASP G 57 -29.24 2.88 4.57
C ASP G 57 -28.53 2.68 3.23
N LYS G 58 -29.04 1.71 2.48
CA LYS G 58 -28.46 1.36 1.19
CA LYS G 58 -28.45 1.37 1.20
C LYS G 58 -28.68 2.47 0.17
N GLY G 59 -27.73 2.60 -0.76
CA GLY G 59 -27.89 3.48 -1.90
C GLY G 59 -28.36 2.69 -3.11
N GLU G 60 -27.81 3.05 -4.27
CA GLU G 60 -28.13 2.38 -5.53
C GLU G 60 -27.35 1.08 -5.74
N VAL G 61 -26.12 0.97 -5.24
CA VAL G 61 -25.32 -0.24 -5.49
C VAL G 61 -24.72 -0.77 -4.20
N PRO G 62 -25.55 -1.25 -3.26
CA PRO G 62 -25.02 -1.68 -1.96
C PRO G 62 -24.42 -3.07 -1.93
N ASN G 63 -24.62 -3.90 -2.97
CA ASN G 63 -24.23 -5.30 -2.89
C ASN G 63 -22.71 -5.43 -2.94
N GLY G 64 -22.15 -6.18 -2.00
CA GLY G 64 -20.71 -6.31 -1.85
C GLY G 64 -20.09 -5.38 -0.83
N TYR G 65 -20.88 -4.49 -0.24
CA TYR G 65 -20.40 -3.45 0.66
C TYR G 65 -21.23 -3.43 1.94
N ASN G 66 -20.65 -2.82 2.97
CA ASN G 66 -21.43 -2.41 4.13
CA ASN G 66 -21.36 -2.47 4.20
C ASN G 66 -20.73 -1.20 4.74
N VAL G 67 -21.44 -0.52 5.64
CA VAL G 67 -20.94 0.72 6.22
C VAL G 67 -21.16 0.75 7.72
N SER G 68 -20.39 1.61 8.38
CA SER G 68 -20.56 1.87 9.80
CA SER G 68 -20.57 1.87 9.80
C SER G 68 -20.45 3.37 10.03
N ARG G 69 -21.53 3.99 10.52
CA ARG G 69 -21.50 5.38 10.95
C ARG G 69 -21.07 5.32 12.41
N LEU G 70 -19.76 5.33 12.62
CA LEU G 70 -19.22 5.08 13.97
CA LEU G 70 -19.21 5.09 13.96
C LEU G 70 -19.59 6.20 14.93
N ASN G 71 -19.68 7.43 14.44
CA ASN G 71 -20.01 8.59 15.24
C ASN G 71 -20.35 9.71 14.27
N LYS G 72 -20.50 10.93 14.78
CA LYS G 72 -20.93 12.01 13.90
C LYS G 72 -19.88 12.32 12.84
N ARG G 73 -18.61 12.05 13.15
CA ARG G 73 -17.50 12.40 12.27
CA ARG G 73 -17.52 12.41 12.26
C ARG G 73 -17.17 11.31 11.26
N GLU G 74 -17.37 10.04 11.58
CA GLU G 74 -16.75 8.96 10.82
C GLU G 74 -17.76 8.03 10.16
N PHE G 75 -17.45 7.64 8.93
CA PHE G 75 -18.34 6.80 8.13
C PHE G 75 -17.45 5.87 7.31
N SER G 76 -17.30 4.62 7.74
CA SER G 76 -16.37 3.72 7.09
C SER G 76 -17.11 2.81 6.10
N LEU G 77 -16.39 2.38 5.07
CA LEU G 77 -16.93 1.53 4.03
C LEU G 77 -16.17 0.21 4.02
N ARG G 78 -16.89 -0.89 4.10
CA ARG G 78 -16.28 -2.21 4.23
C ARG G 78 -16.54 -3.04 2.97
N LEU G 79 -15.48 -3.62 2.42
CA LEU G 79 -15.55 -4.63 1.37
C LEU G 79 -15.12 -5.94 2.02
N GLU G 80 -16.09 -6.80 2.33
CA GLU G 80 -15.76 -8.01 3.08
C GLU G 80 -15.00 -9.00 2.21
N SER G 81 -15.38 -9.14 0.94
CA SER G 81 -14.78 -10.11 0.01
C SER G 81 -14.66 -9.43 -1.36
N ALA G 82 -13.51 -8.80 -1.61
CA ALA G 82 -13.37 -7.94 -2.79
C ALA G 82 -13.55 -8.75 -4.08
N ALA G 83 -14.18 -8.11 -5.06
CA ALA G 83 -14.38 -8.69 -6.37
C ALA G 83 -13.84 -7.76 -7.43
N PRO G 84 -13.38 -8.30 -8.56
CA PRO G 84 -12.83 -7.45 -9.64
C PRO G 84 -13.77 -6.33 -10.07
N SER G 85 -15.09 -6.52 -9.99
CA SER G 85 -16.02 -5.48 -10.37
C SER G 85 -16.02 -4.30 -9.41
N GLN G 86 -15.44 -4.45 -8.23
CA GLN G 86 -15.31 -3.37 -7.27
C GLN G 86 -14.05 -2.53 -7.50
N THR G 87 -13.26 -2.84 -8.53
CA THR G 87 -12.25 -1.92 -9.01
C THR G 87 -12.93 -0.62 -9.43
N SER G 88 -12.57 0.48 -8.78
CA SER G 88 -13.27 1.75 -8.99
C SER G 88 -12.53 2.83 -8.21
N VAL G 89 -13.02 4.05 -8.30
CA VAL G 89 -12.57 5.15 -7.45
C VAL G 89 -13.70 5.48 -6.49
N TYR G 90 -13.41 5.43 -5.19
CA TYR G 90 -14.42 5.63 -4.15
C TYR G 90 -14.30 7.03 -3.57
N PHE G 91 -15.43 7.72 -3.46
CA PHE G 91 -15.47 9.05 -2.87
C PHE G 91 -16.40 9.04 -1.67
N CYS G 92 -15.90 9.52 -0.53
CA CYS G 92 -16.73 9.86 0.60
CA CYS G 92 -16.82 9.83 0.53
C CYS G 92 -17.15 11.32 0.48
N ALA G 93 -18.35 11.64 0.94
CA ALA G 93 -18.83 13.02 0.86
C ALA G 93 -19.73 13.27 2.06
N SER G 94 -19.96 14.55 2.37
CA SER G 94 -20.82 14.91 3.49
C SER G 94 -21.55 16.20 3.15
N SER G 95 -22.67 16.44 3.83
CA SER G 95 -23.40 17.70 3.68
C SER G 95 -23.91 18.10 5.05
N VAL G 96 -24.25 19.38 5.19
CA VAL G 96 -24.62 19.90 6.52
C VAL G 96 -25.81 19.15 7.08
N TRP G 97 -26.89 19.06 6.30
CA TRP G 97 -28.04 18.26 6.68
C TRP G 97 -28.39 17.26 5.59
N THR G 98 -29.57 16.65 5.70
CA THR G 98 -29.96 15.58 4.80
C THR G 98 -29.95 16.08 3.36
N GLY G 99 -30.09 15.13 2.43
CA GLY G 99 -30.24 15.51 1.03
C GLY G 99 -31.41 16.43 0.75
N GLU G 100 -32.27 16.68 1.73
CA GLU G 100 -33.42 17.58 1.58
C GLU G 100 -32.97 19.03 1.72
N GLY G 101 -33.08 19.81 0.63
CA GLY G 101 -32.69 21.21 0.61
C GLY G 101 -31.69 21.51 -0.50
N SER G 102 -31.14 22.72 -0.46
CA SER G 102 -30.21 23.23 -1.47
C SER G 102 -28.75 22.97 -1.13
N GLY G 103 -28.45 22.28 -0.04
CA GLY G 103 -27.08 22.17 0.43
C GLY G 103 -26.26 21.25 -0.47
N GLU G 104 -25.01 21.67 -0.71
CA GLU G 104 -24.13 20.94 -1.61
C GLU G 104 -23.38 19.83 -0.87
N LEU G 105 -22.70 19.00 -1.65
CA LEU G 105 -21.83 17.96 -1.11
C LEU G 105 -20.39 18.47 -1.05
N PHE G 106 -19.67 17.98 -0.05
CA PHE G 106 -18.24 18.18 0.12
C PHE G 106 -17.57 16.83 0.02
N PHE G 107 -16.63 16.69 -0.90
CA PHE G 107 -16.03 15.42 -1.27
C PHE G 107 -14.63 15.25 -0.65
N GLY G 108 -14.32 14.02 -0.26
CA GLY G 108 -12.96 13.61 0.03
C GLY G 108 -12.13 13.44 -1.24
N GLU G 109 -10.83 13.16 -1.04
CA GLU G 109 -9.89 13.12 -2.15
C GLU G 109 -10.05 11.88 -3.03
N GLY G 110 -10.80 10.88 -2.61
CA GLY G 110 -10.94 9.68 -3.41
C GLY G 110 -9.98 8.58 -2.98
N SER G 111 -10.39 7.33 -3.22
CA SER G 111 -9.58 6.14 -2.95
C SER G 111 -9.63 5.25 -4.17
N ARG G 112 -8.48 5.00 -4.79
CA ARG G 112 -8.48 4.21 -6.02
C ARG G 112 -8.17 2.76 -5.66
N LEU G 113 -9.13 1.87 -5.92
CA LEU G 113 -9.00 0.45 -5.62
C LEU G 113 -8.92 -0.36 -6.91
N THR G 114 -7.98 -1.29 -6.96
CA THR G 114 -7.90 -2.26 -8.05
C THR G 114 -7.93 -3.64 -7.44
N VAL G 115 -8.89 -4.47 -7.84
CA VAL G 115 -9.07 -5.82 -7.31
C VAL G 115 -8.67 -6.79 -8.41
N LEU G 116 -7.71 -7.67 -8.13
CA LEU G 116 -7.12 -8.57 -9.12
C LEU G 116 -7.32 -10.04 -8.73
N GLU G 117 -7.55 -10.88 -9.73
CA GLU G 117 -7.60 -12.33 -9.48
C GLU G 117 -6.26 -12.88 -9.02
N ASP G 118 -5.16 -12.30 -9.50
CA ASP G 118 -3.80 -12.75 -9.17
CA ASP G 118 -3.83 -12.73 -9.08
C ASP G 118 -2.89 -11.54 -9.11
N LEU G 119 -2.09 -11.43 -8.06
CA LEU G 119 -1.17 -10.30 -7.94
C LEU G 119 0.04 -10.40 -8.87
N LYS G 120 0.16 -11.47 -9.67
CA LYS G 120 1.30 -11.56 -10.58
C LYS G 120 1.23 -10.55 -11.72
N ASN G 121 0.15 -9.78 -11.83
CA ASN G 121 0.07 -8.72 -12.82
C ASN G 121 0.57 -7.37 -12.29
N VAL G 122 1.03 -7.30 -11.04
CA VAL G 122 1.44 -6.04 -10.45
C VAL G 122 2.91 -5.81 -10.75
N PHE G 123 3.23 -4.62 -11.30
CA PHE G 123 4.62 -4.25 -11.64
C PHE G 123 4.90 -2.82 -11.22
N PRO G 124 6.07 -2.54 -10.65
CA PRO G 124 6.50 -1.15 -10.46
C PRO G 124 6.96 -0.55 -11.78
N PRO G 125 7.10 0.77 -11.86
CA PRO G 125 7.61 1.37 -13.10
C PRO G 125 9.13 1.29 -13.18
N GLU G 126 9.63 1.19 -14.41
CA GLU G 126 10.99 1.63 -14.72
C GLU G 126 10.95 3.13 -14.93
N VAL G 127 11.94 3.85 -14.41
CA VAL G 127 11.97 5.30 -14.58
C VAL G 127 13.29 5.69 -15.24
N ALA G 128 13.21 6.49 -16.30
CA ALA G 128 14.41 6.99 -16.98
C ALA G 128 14.23 8.46 -17.34
N VAL G 129 15.34 9.21 -17.30
CA VAL G 129 15.38 10.62 -17.65
C VAL G 129 16.24 10.81 -18.90
N PHE G 130 15.74 11.61 -19.84
CA PHE G 130 16.43 11.89 -21.10
C PHE G 130 16.75 13.37 -21.18
N GLU G 131 18.02 13.70 -21.43
CA GLU G 131 18.50 15.06 -21.40
C GLU G 131 18.12 15.81 -22.66
N PRO G 132 18.09 17.13 -22.61
CA PRO G 132 17.56 17.93 -23.72
C PRO G 132 18.40 17.83 -24.99
N SER G 133 17.71 17.98 -26.10
CA SER G 133 18.34 18.06 -27.42
C SER G 133 19.14 19.35 -27.57
N GLU G 134 20.40 19.23 -28.02
CA GLU G 134 21.18 20.43 -28.29
C GLU G 134 20.60 21.25 -29.42
N ALA G 135 19.92 20.62 -30.37
CA ALA G 135 19.24 21.37 -31.41
C ALA G 135 18.11 22.23 -30.84
N GLU G 136 17.37 21.70 -29.87
CA GLU G 136 16.32 22.50 -29.23
C GLU G 136 16.91 23.71 -28.53
N ILE G 137 18.01 23.49 -27.81
CA ILE G 137 18.67 24.58 -27.10
C ILE G 137 19.11 25.68 -28.06
N SER G 138 19.72 25.30 -29.20
CA SER G 138 20.22 26.31 -30.12
CA SER G 138 20.22 26.31 -30.14
C SER G 138 19.09 27.01 -30.87
N HIS G 139 18.00 26.29 -31.16
CA HIS G 139 16.89 26.85 -31.93
C HIS G 139 15.92 27.67 -31.08
N THR G 140 15.74 27.33 -29.80
CA THR G 140 14.69 27.94 -28.98
C THR G 140 15.18 28.63 -27.72
N GLN G 141 16.45 28.46 -27.34
CA GLN G 141 16.98 28.93 -26.06
C GLN G 141 16.24 28.31 -24.88
N LYS G 142 15.65 27.15 -25.08
CA LYS G 142 14.97 26.41 -24.02
CA LYS G 142 14.97 26.41 -24.02
C LYS G 142 15.42 24.96 -24.09
N ALA G 143 15.17 24.23 -23.00
CA ALA G 143 15.65 22.87 -22.87
C ALA G 143 14.59 22.00 -22.21
N THR G 144 14.13 20.97 -22.90
CA THR G 144 13.09 20.09 -22.39
C THR G 144 13.72 18.76 -21.97
N LEU G 145 13.64 18.44 -20.67
CA LEU G 145 13.93 17.11 -20.19
C LEU G 145 12.66 16.27 -20.23
N VAL G 146 12.82 14.98 -20.47
CA VAL G 146 11.70 14.06 -20.50
C VAL G 146 11.96 12.93 -19.52
N CYS G 147 10.94 12.59 -18.76
CA CYS G 147 10.95 11.44 -17.87
CA CYS G 147 10.95 11.43 -17.89
C CYS G 147 9.94 10.42 -18.39
N LEU G 148 10.34 9.15 -18.43
CA LEU G 148 9.46 8.06 -18.85
C LEU G 148 9.35 7.06 -17.71
N ALA G 149 8.12 6.78 -17.29
CA ALA G 149 7.83 5.75 -16.31
C ALA G 149 7.04 4.67 -17.05
N THR G 150 7.61 3.49 -17.18
CA THR G 150 7.09 2.50 -18.11
C THR G 150 6.94 1.14 -17.45
N GLY G 151 5.98 0.37 -17.97
CA GLY G 151 5.78 -1.01 -17.57
C GLY G 151 5.10 -1.23 -16.23
N PHE G 152 4.40 -0.23 -15.68
CA PHE G 152 3.83 -0.38 -14.35
C PHE G 152 2.37 -0.83 -14.42
N TYR G 153 1.92 -1.51 -13.37
CA TYR G 153 0.52 -1.93 -13.24
C TYR G 153 0.23 -2.24 -11.78
N PRO G 154 -0.90 -1.81 -11.21
CA PRO G 154 -1.95 -0.99 -11.87
C PRO G 154 -1.57 0.48 -11.94
N ASP G 155 -2.49 1.32 -12.39
CA ASP G 155 -2.17 2.75 -12.58
C ASP G 155 -2.32 3.48 -11.25
N HIS G 156 -1.39 3.19 -10.35
CA HIS G 156 -1.30 3.80 -9.02
C HIS G 156 0.08 4.45 -8.88
N VAL G 157 0.30 5.60 -9.53
CA VAL G 157 1.60 6.25 -9.48
C VAL G 157 1.44 7.76 -9.26
N GLU G 158 2.49 8.36 -8.70
CA GLU G 158 2.59 9.81 -8.55
C GLU G 158 3.99 10.23 -8.99
N LEU G 159 4.07 10.99 -10.08
CA LEU G 159 5.35 11.41 -10.64
C LEU G 159 5.64 12.85 -10.20
N SER G 160 6.89 13.12 -9.82
CA SER G 160 7.28 14.46 -9.42
C SER G 160 8.67 14.79 -9.94
N TRP G 161 8.90 16.07 -10.20
CA TRP G 161 10.23 16.55 -10.59
C TRP G 161 10.87 17.28 -9.42
N TRP G 162 12.18 17.10 -9.27
CA TRP G 162 12.96 17.72 -8.21
C TRP G 162 14.16 18.40 -8.83
N VAL G 163 14.29 19.71 -8.59
CA VAL G 163 15.41 20.48 -9.10
C VAL G 163 16.19 21.00 -7.90
N ASN G 164 17.46 20.63 -7.82
CA ASN G 164 18.33 21.04 -6.71
C ASN G 164 17.71 20.67 -5.36
N GLY G 165 17.17 19.46 -5.28
CA GLY G 165 16.63 18.93 -4.05
C GLY G 165 15.26 19.45 -3.64
N LYS G 166 14.59 20.25 -4.47
CA LYS G 166 13.26 20.76 -4.15
C LYS G 166 12.30 20.40 -5.27
N GLU G 167 11.11 19.97 -4.90
CA GLU G 167 10.10 19.65 -5.90
C GLU G 167 9.64 20.91 -6.61
N VAL G 168 9.44 20.80 -7.92
CA VAL G 168 9.01 21.93 -8.74
C VAL G 168 7.76 21.53 -9.50
N HIS G 169 6.95 22.51 -9.83
CA HIS G 169 5.75 22.33 -10.64
CA HIS G 169 5.79 22.29 -10.69
C HIS G 169 5.71 23.26 -11.84
N SER G 170 6.36 24.43 -11.74
CA SER G 170 6.39 25.34 -12.87
C SER G 170 7.25 24.76 -13.98
N GLY G 171 6.76 24.86 -15.21
CA GLY G 171 7.45 24.30 -16.35
C GLY G 171 7.33 22.81 -16.50
N VAL G 172 6.42 22.16 -15.77
CA VAL G 172 6.22 20.71 -15.80
C VAL G 172 4.89 20.40 -16.49
N CYS G 173 4.88 19.37 -17.32
CA CYS G 173 3.62 18.80 -17.83
CA CYS G 173 3.59 18.80 -17.72
C CYS G 173 3.74 17.29 -17.84
N THR G 174 2.90 16.60 -17.11
CA THR G 174 2.83 15.15 -17.04
C THR G 174 1.54 14.72 -17.71
N ASP G 175 1.60 13.65 -18.52
CA ASP G 175 0.39 13.16 -19.17
C ASP G 175 -0.73 13.01 -18.15
N PRO G 176 -1.93 13.57 -18.40
CA PRO G 176 -3.04 13.37 -17.45
C PRO G 176 -3.52 11.93 -17.38
N GLN G 177 -3.36 11.16 -18.45
CA GLN G 177 -3.75 9.76 -18.45
CA GLN G 177 -3.74 9.76 -18.43
C GLN G 177 -2.56 8.91 -18.89
N PRO G 178 -2.38 7.73 -18.32
CA PRO G 178 -1.30 6.85 -18.76
C PRO G 178 -1.64 6.22 -20.10
N LEU G 179 -0.60 5.72 -20.75
CA LEU G 179 -0.70 5.03 -22.02
CA LEU G 179 -0.70 5.03 -22.02
C LEU G 179 -0.71 3.53 -21.79
N LYS G 180 -1.66 2.83 -22.42
CA LYS G 180 -1.67 1.37 -22.36
C LYS G 180 -0.60 0.85 -23.31
N GLU G 181 0.39 0.13 -22.77
CA GLU G 181 1.48 -0.37 -23.62
C GLU G 181 0.96 -1.39 -24.63
N GLN G 182 -0.07 -2.14 -24.27
CA GLN G 182 -0.74 -3.06 -25.18
C GLN G 182 -2.23 -2.77 -25.11
N PRO G 183 -2.73 -1.84 -25.92
CA PRO G 183 -4.11 -1.35 -25.74
C PRO G 183 -5.18 -2.43 -25.87
N ALA G 184 -4.89 -3.56 -26.52
CA ALA G 184 -5.91 -4.60 -26.68
C ALA G 184 -6.13 -5.38 -25.39
N LEU G 185 -5.13 -5.49 -24.53
CA LEU G 185 -5.22 -6.32 -23.34
C LEU G 185 -5.88 -5.57 -22.19
N ASN G 186 -6.73 -6.28 -21.44
CA ASN G 186 -7.48 -5.64 -20.35
C ASN G 186 -6.56 -5.28 -19.19
N ASP G 187 -5.55 -6.11 -18.92
CA ASP G 187 -4.61 -5.88 -17.82
C ASP G 187 -3.27 -5.33 -18.30
N SER G 188 -3.30 -4.55 -19.38
CA SER G 188 -2.07 -4.02 -19.97
C SER G 188 -1.29 -3.21 -18.96
N ARG G 189 0.04 -3.35 -18.99
CA ARG G 189 0.89 -2.45 -18.22
C ARG G 189 0.88 -1.07 -18.86
N TYR G 190 1.24 -0.06 -18.06
CA TYR G 190 1.07 1.34 -18.46
C TYR G 190 2.40 2.04 -18.68
N ALA G 191 2.32 3.14 -19.41
CA ALA G 191 3.44 4.07 -19.53
C ALA G 191 2.95 5.48 -19.29
N LEU G 192 3.83 6.31 -18.74
CA LEU G 192 3.52 7.69 -18.41
C LEU G 192 4.73 8.54 -18.75
N SER G 193 4.51 9.66 -19.45
CA SER G 193 5.60 10.57 -19.77
C SER G 193 5.37 11.92 -19.09
N SER G 194 6.47 12.60 -18.81
CA SER G 194 6.43 13.95 -18.26
C SER G 194 7.57 14.76 -18.85
N ARG G 195 7.35 16.06 -19.01
CA ARG G 195 8.38 16.97 -19.50
C ARG G 195 8.60 18.05 -18.45
N LEU G 196 9.85 18.48 -18.31
CA LEU G 196 10.24 19.67 -17.57
C LEU G 196 11.01 20.56 -18.52
N ARG G 197 10.54 21.79 -18.73
CA ARG G 197 11.22 22.68 -19.67
C ARG G 197 11.79 23.88 -18.90
N VAL G 198 13.06 24.17 -19.15
CA VAL G 198 13.75 25.25 -18.45
C VAL G 198 14.45 26.10 -19.50
N SER G 199 14.94 27.26 -19.08
CA SER G 199 15.73 28.08 -20.00
C SER G 199 17.05 27.39 -20.30
N ALA G 200 17.60 27.68 -21.47
CA ALA G 200 18.92 27.16 -21.81
C ALA G 200 19.97 27.59 -20.79
N THR G 201 19.87 28.84 -20.32
CA THR G 201 20.80 29.32 -19.30
C THR G 201 20.74 28.46 -18.04
N PHE G 202 19.53 28.09 -17.61
CA PHE G 202 19.39 27.26 -16.41
C PHE G 202 19.93 25.85 -16.64
N TRP G 203 19.65 25.27 -17.80
CA TRP G 203 20.20 23.96 -18.11
C TRP G 203 21.72 23.99 -18.21
N GLN G 204 22.30 25.12 -18.64
CA GLN G 204 23.74 25.20 -18.88
C GLN G 204 24.55 25.49 -17.61
N ASN G 205 23.89 25.67 -16.47
CA ASN G 205 24.60 25.79 -15.20
C ASN G 205 24.96 24.40 -14.71
N PRO G 206 26.26 24.07 -14.59
CA PRO G 206 26.64 22.68 -14.25
C PRO G 206 26.32 22.29 -12.82
N ARG G 207 25.97 23.22 -11.95
CA ARG G 207 25.59 22.89 -10.58
CA ARG G 207 25.61 22.85 -10.59
C ARG G 207 24.14 22.47 -10.45
N ASN G 208 23.31 22.74 -11.46
CA ASN G 208 21.89 22.38 -11.38
C ASN G 208 21.71 20.89 -11.64
N HIS G 209 20.88 20.24 -10.83
CA HIS G 209 20.63 18.81 -10.90
CA HIS G 209 20.62 18.84 -11.03
C HIS G 209 19.13 18.56 -10.96
N PHE G 210 18.72 17.60 -11.78
CA PHE G 210 17.32 17.29 -12.05
C PHE G 210 17.06 15.84 -11.72
N ARG G 211 15.90 15.57 -11.14
CA ARG G 211 15.51 14.21 -10.79
C ARG G 211 14.03 14.01 -11.08
N CYS G 212 13.70 12.90 -11.74
N CYS G 212 13.71 12.90 -11.74
CA CYS G 212 12.33 12.44 -11.90
CA CYS G 212 12.34 12.43 -11.91
C CYS G 212 12.07 11.33 -10.90
C CYS G 212 12.08 11.34 -10.89
N GLN G 213 10.97 11.46 -10.15
CA GLN G 213 10.67 10.55 -9.06
C GLN G 213 9.25 10.00 -9.20
N VAL G 214 9.07 8.70 -9.05
CA VAL G 214 7.74 8.10 -9.16
C VAL G 214 7.45 7.28 -7.90
N GLN G 215 6.42 7.67 -7.16
CA GLN G 215 5.90 6.87 -6.07
C GLN G 215 4.93 5.84 -6.64
N PHE G 216 5.22 4.57 -6.43
CA PHE G 216 4.35 3.48 -6.85
C PHE G 216 3.66 2.91 -5.63
N TYR G 217 2.34 2.72 -5.71
CA TYR G 217 1.56 2.08 -4.65
C TYR G 217 1.29 0.64 -5.09
N GLY G 218 1.86 -0.31 -4.36
CA GLY G 218 1.76 -1.70 -4.74
C GLY G 218 1.41 -2.62 -3.58
N LEU G 219 2.17 -3.68 -3.40
CA LEU G 219 1.87 -4.67 -2.38
C LEU G 219 2.46 -4.28 -1.03
N SER G 220 1.99 -4.94 0.01
CA SER G 220 2.51 -4.74 1.36
C SER G 220 2.91 -6.08 1.95
N GLU G 221 3.40 -6.02 3.19
CA GLU G 221 4.00 -7.18 3.84
C GLU G 221 3.07 -8.39 3.84
N ASN G 222 1.78 -8.18 4.13
CA ASN G 222 0.87 -9.31 4.26
C ASN G 222 0.36 -9.86 2.93
N ASP G 223 0.59 -9.16 1.82
CA ASP G 223 0.30 -9.74 0.52
C ASP G 223 1.22 -10.91 0.24
N GLU G 224 0.65 -12.03 -0.19
CA GLU G 224 1.43 -13.22 -0.51
C GLU G 224 2.07 -13.10 -1.89
N TRP G 225 3.33 -13.51 -1.99
CA TRP G 225 4.08 -13.45 -3.24
C TRP G 225 4.68 -14.80 -3.53
N THR G 226 4.51 -15.28 -4.77
CA THR G 226 5.03 -16.58 -5.17
C THR G 226 5.77 -16.54 -6.50
N GLN G 227 5.94 -15.37 -7.11
CA GLN G 227 6.62 -15.30 -8.39
C GLN G 227 8.13 -15.30 -8.22
N ASP G 228 8.83 -15.56 -9.34
CA ASP G 228 10.28 -15.60 -9.31
C ASP G 228 10.89 -14.21 -9.24
N ARG G 229 10.19 -13.20 -9.76
CA ARG G 229 10.69 -11.84 -9.76
C ARG G 229 10.47 -11.21 -8.38
N ALA G 230 10.99 -10.00 -8.21
CA ALA G 230 10.90 -9.33 -6.92
C ALA G 230 9.46 -8.94 -6.61
N LYS G 231 9.11 -9.02 -5.33
CA LYS G 231 7.79 -8.59 -4.87
C LYS G 231 7.56 -7.11 -5.18
N PRO G 232 6.54 -6.75 -5.98
CA PRO G 232 6.24 -5.33 -6.34
C PRO G 232 5.58 -4.56 -5.22
N VAL G 233 6.36 -4.26 -4.18
CA VAL G 233 5.87 -3.52 -3.02
C VAL G 233 5.76 -2.03 -3.35
N THR G 234 5.02 -1.31 -2.53
CA THR G 234 5.01 0.15 -2.60
C THR G 234 6.44 0.68 -2.47
N GLN G 235 6.80 1.61 -3.34
CA GLN G 235 8.20 2.00 -3.46
C GLN G 235 8.31 3.25 -4.34
N ILE G 236 9.44 3.91 -4.22
CA ILE G 236 9.80 5.07 -5.03
C ILE G 236 10.91 4.66 -5.98
N VAL G 237 10.73 4.97 -7.27
CA VAL G 237 11.72 4.71 -8.31
C VAL G 237 12.07 6.05 -8.94
N SER G 238 13.36 6.32 -9.13
CA SER G 238 13.75 7.64 -9.65
CA SER G 238 13.80 7.65 -9.58
C SER G 238 14.95 7.55 -10.59
N ALA G 239 15.17 8.64 -11.31
CA ALA G 239 16.29 8.79 -12.21
C ALA G 239 16.69 10.26 -12.24
N GLU G 240 17.96 10.55 -12.52
CA GLU G 240 18.43 11.93 -12.41
C GLU G 240 19.20 12.35 -13.66
N ALA G 241 19.43 13.66 -13.75
CA ALA G 241 20.32 14.27 -14.74
C ALA G 241 20.96 15.52 -14.13
N TRP G 242 22.13 15.88 -14.66
CA TRP G 242 22.84 17.09 -14.25
C TRP G 242 22.92 18.06 -15.42
N GLY G 243 22.95 19.35 -15.11
CA GLY G 243 23.13 20.36 -16.14
C GLY G 243 24.49 20.24 -16.80
N ARG G 244 24.55 20.69 -18.06
CA ARG G 244 25.74 20.58 -18.89
C ARG G 244 26.22 21.97 -19.27
N ALA G 245 27.47 22.29 -18.92
CA ALA G 245 28.05 23.58 -19.29
C ALA G 245 28.18 23.72 -20.80
N ILE H 2 -47.68 30.95 27.13
CA ILE H 2 -49.14 30.87 27.07
C ILE H 2 -49.59 29.44 26.84
N GLN H 3 -50.42 28.95 27.74
CA GLN H 3 -50.98 27.61 27.66
C GLN H 3 -52.48 27.71 27.47
N ARG H 4 -53.04 26.84 26.63
CA ARG H 4 -54.44 26.88 26.26
C ARG H 4 -55.17 25.67 26.82
N THR H 5 -56.26 25.93 27.51
CA THR H 5 -57.03 24.88 28.13
C THR H 5 -57.87 24.14 27.09
N PRO H 6 -58.14 22.86 27.28
CA PRO H 6 -58.86 22.09 26.27
C PRO H 6 -60.36 22.38 26.29
N LYS H 7 -60.93 22.47 25.09
CA LYS H 7 -62.38 22.44 24.94
C LYS H 7 -62.84 20.99 24.91
N ILE H 8 -63.95 20.71 25.59
CA ILE H 8 -64.38 19.34 25.85
C ILE H 8 -65.84 19.22 25.44
N GLN H 9 -66.11 18.38 24.45
CA GLN H 9 -67.47 18.20 23.93
C GLN H 9 -67.82 16.72 23.92
N VAL H 10 -68.96 16.37 24.51
CA VAL H 10 -69.41 15.00 24.68
C VAL H 10 -70.71 14.81 23.91
N TYR H 11 -70.77 13.77 23.09
CA TYR H 11 -71.88 13.60 22.18
C TYR H 11 -71.86 12.17 21.66
N SER H 12 -72.99 11.75 21.09
CA SER H 12 -73.13 10.44 20.51
C SER H 12 -72.90 10.49 19.01
N ARG H 13 -72.39 9.39 18.46
CA ARG H 13 -72.17 9.29 17.01
C ARG H 13 -73.46 9.56 16.24
N HIS H 14 -74.55 8.92 16.65
CA HIS H 14 -75.87 9.06 16.06
C HIS H 14 -76.82 9.66 17.09
N PRO H 15 -77.94 10.25 16.65
CA PRO H 15 -78.96 10.67 17.61
C PRO H 15 -79.37 9.50 18.50
N ALA H 16 -79.34 9.73 19.81
CA ALA H 16 -79.43 8.64 20.77
C ALA H 16 -80.87 8.15 20.91
N GLU H 17 -81.01 6.84 21.02
CA GLU H 17 -82.29 6.20 21.29
CA GLU H 17 -82.29 6.19 21.27
C GLU H 17 -82.06 5.04 22.22
N ASN H 18 -82.88 4.95 23.26
CA ASN H 18 -82.70 3.92 24.28
C ASN H 18 -82.81 2.53 23.69
N GLY H 19 -82.00 1.61 24.21
CA GLY H 19 -81.95 0.25 23.71
C GLY H 19 -81.29 0.08 22.36
N LYS H 20 -80.72 1.14 21.79
CA LYS H 20 -80.08 1.09 20.48
C LYS H 20 -78.59 1.34 20.64
N SER H 21 -77.78 0.41 20.14
CA SER H 21 -76.34 0.53 20.28
CA SER H 21 -76.34 0.53 20.28
C SER H 21 -75.85 1.82 19.63
N ASN H 22 -74.89 2.47 20.27
CA ASN H 22 -74.36 3.74 19.79
C ASN H 22 -72.88 3.83 20.14
N PHE H 23 -72.29 4.99 19.87
CA PHE H 23 -70.93 5.32 20.27
C PHE H 23 -70.95 6.65 21.01
N LEU H 24 -70.32 6.70 22.18
CA LEU H 24 -70.16 7.92 22.94
C LEU H 24 -68.81 8.54 22.60
N ASN H 25 -68.81 9.80 22.18
CA ASN H 25 -67.60 10.50 21.75
C ASN H 25 -67.24 11.60 22.74
N CYS H 26 -65.94 11.75 23.01
CA CYS H 26 -65.44 12.92 23.73
C CYS H 26 -64.35 13.55 22.86
N TYR H 27 -64.62 14.75 22.35
CA TYR H 27 -63.70 15.45 21.45
C TYR H 27 -63.02 16.55 22.26
N VAL H 28 -61.71 16.42 22.43
CA VAL H 28 -60.93 17.33 23.24
C VAL H 28 -60.01 18.09 22.30
N SER H 29 -60.08 19.43 22.31
CA SER H 29 -59.42 20.20 21.27
C SER H 29 -58.96 21.55 21.81
N GLY H 30 -58.14 22.22 21.01
CA GLY H 30 -57.70 23.57 21.29
C GLY H 30 -56.66 23.71 22.37
N PHE H 31 -56.10 22.61 22.88
CA PHE H 31 -55.20 22.66 24.02
C PHE H 31 -53.74 22.69 23.59
N HIS H 32 -52.90 23.22 24.49
CA HIS H 32 -51.46 23.31 24.34
C HIS H 32 -50.83 23.46 25.72
N PRO H 33 -49.78 22.69 26.07
CA PRO H 33 -49.08 21.69 25.25
C PRO H 33 -49.84 20.36 25.14
N SER H 34 -49.17 19.32 24.61
CA SER H 34 -49.88 18.16 24.09
C SER H 34 -50.22 17.10 25.15
N ASP H 35 -49.53 17.08 26.29
CA ASP H 35 -49.84 16.07 27.30
C ASP H 35 -51.23 16.29 27.87
N ILE H 36 -52.04 15.23 27.88
CA ILE H 36 -53.42 15.32 28.33
C ILE H 36 -53.88 13.92 28.73
N GLU H 37 -54.84 13.87 29.65
CA GLU H 37 -55.42 12.62 30.11
C GLU H 37 -56.93 12.70 29.99
N VAL H 38 -57.53 11.69 29.36
CA VAL H 38 -58.96 11.67 29.07
C VAL H 38 -59.53 10.33 29.50
N ASP H 39 -60.63 10.36 30.25
CA ASP H 39 -61.38 9.16 30.63
C ASP H 39 -62.86 9.38 30.34
N LEU H 40 -63.54 8.31 29.93
CA LEU H 40 -64.99 8.30 29.81
C LEU H 40 -65.59 7.64 31.03
N LEU H 41 -66.63 8.25 31.59
CA LEU H 41 -67.23 7.80 32.83
C LEU H 41 -68.63 7.24 32.57
N LYS H 42 -68.95 6.16 33.29
CA LYS H 42 -70.29 5.54 33.28
C LYS H 42 -70.79 5.53 34.72
N ASN H 43 -71.75 6.41 35.00
CA ASN H 43 -72.26 6.62 36.36
C ASN H 43 -71.15 7.00 37.33
N GLY H 44 -70.14 7.72 36.83
CA GLY H 44 -69.01 8.13 37.64
C GLY H 44 -67.85 7.15 37.65
N GLU H 45 -68.02 5.95 37.09
CA GLU H 45 -66.97 4.95 37.05
C GLU H 45 -66.29 4.96 35.68
N ARG H 46 -64.96 4.87 35.69
CA ARG H 46 -64.20 4.92 34.45
C ARG H 46 -64.55 3.73 33.56
N ILE H 47 -64.80 4.02 32.28
CA ILE H 47 -65.05 2.98 31.29
C ILE H 47 -63.71 2.41 30.84
N GLU H 48 -63.65 1.09 30.70
CA GLU H 48 -62.40 0.39 30.43
C GLU H 48 -62.12 0.25 28.94
N LYS H 49 -63.11 -0.13 28.14
CA LYS H 49 -62.91 -0.35 26.70
C LYS H 49 -63.15 0.97 25.98
N VAL H 50 -62.12 1.83 26.00
CA VAL H 50 -62.20 3.17 25.43
C VAL H 50 -61.04 3.34 24.45
N GLU H 51 -61.35 3.75 23.23
CA GLU H 51 -60.36 3.95 22.18
C GLU H 51 -60.18 5.43 21.89
N HIS H 52 -59.11 5.76 21.17
CA HIS H 52 -58.85 7.16 20.88
C HIS H 52 -57.98 7.28 19.64
N SER H 53 -58.24 8.33 18.87
CA SER H 53 -57.41 8.63 17.72
C SER H 53 -56.01 9.07 18.17
N ASP H 54 -55.08 9.07 17.22
CA ASP H 54 -53.77 9.64 17.49
C ASP H 54 -53.90 11.14 17.73
N LEU H 55 -52.97 11.69 18.53
CA LEU H 55 -52.83 13.12 18.70
C LEU H 55 -52.86 13.82 17.34
N SER H 56 -53.65 14.88 17.23
CA SER H 56 -53.83 15.57 15.97
C SER H 56 -53.43 17.05 16.11
N PHE H 57 -53.03 17.64 14.99
CA PHE H 57 -52.40 18.96 14.96
C PHE H 57 -53.29 19.96 14.25
N SER H 58 -53.52 21.11 14.88
CA SER H 58 -54.30 22.17 14.26
C SER H 58 -53.40 23.26 13.69
N LYS H 59 -53.91 23.97 12.69
CA LYS H 59 -53.15 25.03 12.06
C LYS H 59 -52.77 26.15 13.03
N ASP H 60 -53.52 26.33 14.12
CA ASP H 60 -53.19 27.37 15.09
C ASP H 60 -52.23 26.88 16.17
N TRP H 61 -51.64 25.71 15.96
CA TRP H 61 -50.58 25.07 16.74
C TRP H 61 -51.14 24.30 17.94
N SER H 62 -52.46 24.33 18.17
CA SER H 62 -53.03 23.52 19.24
C SER H 62 -53.25 22.09 18.75
N PHE H 63 -53.70 21.25 19.68
CA PHE H 63 -53.88 19.82 19.43
C PHE H 63 -55.31 19.41 19.72
N TYR H 64 -55.72 18.30 19.11
CA TYR H 64 -57.03 17.73 19.39
C TYR H 64 -56.95 16.21 19.32
N LEU H 65 -57.91 15.58 19.98
CA LEU H 65 -58.05 14.14 20.10
C LEU H 65 -59.53 13.78 20.16
N LEU H 66 -59.86 12.56 19.73
CA LEU H 66 -61.21 12.02 19.89
C LEU H 66 -61.13 10.73 20.69
N TYR H 67 -61.85 10.69 21.82
CA TYR H 67 -62.00 9.48 22.62
C TYR H 67 -63.42 8.96 22.46
N TYR H 68 -63.55 7.64 22.33
CA TYR H 68 -64.86 7.05 22.06
C TYR H 68 -64.93 5.64 22.62
N THR H 69 -66.16 5.19 22.85
CA THR H 69 -66.45 3.83 23.28
C THR H 69 -67.85 3.47 22.81
N GLU H 70 -68.04 2.18 22.52
CA GLU H 70 -69.35 1.70 22.12
C GLU H 70 -70.24 1.53 23.35
N PHE H 71 -71.50 1.91 23.22
CA PHE H 71 -72.42 1.83 24.36
C PHE H 71 -73.85 1.81 23.86
N THR H 72 -74.74 1.31 24.72
CA THR H 72 -76.18 1.36 24.48
C THR H 72 -76.81 2.28 25.51
N PRO H 73 -77.31 3.45 25.13
CA PRO H 73 -77.86 4.36 26.13
C PRO H 73 -79.18 3.87 26.70
N THR H 74 -79.35 4.06 28.00
CA THR H 74 -80.61 3.82 28.69
C THR H 74 -81.05 5.09 29.39
N GLU H 75 -82.22 5.03 30.02
CA GLU H 75 -82.75 6.22 30.70
C GLU H 75 -82.01 6.52 31.99
N LYS H 76 -81.50 5.48 32.67
CA LYS H 76 -80.91 5.65 33.99
C LYS H 76 -79.41 5.94 33.97
N ASP H 77 -78.68 5.39 32.99
CA ASP H 77 -77.23 5.52 32.97
C ASP H 77 -76.81 6.92 32.53
N GLU H 78 -75.92 7.53 33.31
CA GLU H 78 -75.35 8.84 32.99
C GLU H 78 -73.88 8.69 32.63
N TYR H 79 -73.48 9.36 31.56
CA TYR H 79 -72.13 9.27 31.02
C TYR H 79 -71.45 10.64 31.06
N ALA H 80 -70.12 10.63 31.11
CA ALA H 80 -69.37 11.88 31.21
C ALA H 80 -67.96 11.66 30.68
N CYS H 81 -67.26 12.78 30.46
CA CYS H 81 -65.86 12.78 30.06
C CYS H 81 -65.06 13.54 31.10
N ARG H 82 -63.96 12.95 31.55
CA ARG H 82 -63.08 13.56 32.54
C ARG H 82 -61.73 13.82 31.89
N VAL H 83 -61.26 15.07 31.95
CA VAL H 83 -60.07 15.51 31.25
C VAL H 83 -59.14 16.21 32.23
N ASN H 84 -57.86 15.84 32.21
CA ASN H 84 -56.85 16.53 33.00
C ASN H 84 -55.76 17.06 32.08
N HIS H 85 -55.25 18.23 32.43
CA HIS H 85 -54.31 18.97 31.61
C HIS H 85 -53.55 19.91 32.53
N VAL H 86 -52.38 20.36 32.06
CA VAL H 86 -51.55 21.24 32.90
C VAL H 86 -52.26 22.56 33.21
N THR H 87 -53.21 22.96 32.37
CA THR H 87 -53.97 24.19 32.60
C THR H 87 -55.13 24.01 33.58
N LEU H 88 -55.35 22.81 34.10
CA LEU H 88 -56.48 22.52 34.98
C LEU H 88 -55.99 22.19 36.38
N SER H 89 -56.55 22.88 37.38
CA SER H 89 -56.21 22.60 38.77
C SER H 89 -56.63 21.18 39.15
N GLN H 90 -57.90 20.85 38.92
CA GLN H 90 -58.46 19.54 39.13
C GLN H 90 -58.99 19.00 37.81
N PRO H 91 -59.20 17.69 37.69
CA PRO H 91 -59.82 17.15 36.47
C PRO H 91 -61.19 17.78 36.23
N LYS H 92 -61.44 18.14 34.98
CA LYS H 92 -62.71 18.74 34.60
C LYS H 92 -63.66 17.67 34.09
N ILE H 93 -64.90 17.70 34.57
CA ILE H 93 -65.94 16.73 34.21
C ILE H 93 -66.95 17.43 33.33
N VAL H 94 -67.32 16.77 32.22
CA VAL H 94 -68.33 17.27 31.30
C VAL H 94 -69.33 16.14 31.06
N LYS H 95 -70.56 16.33 31.55
CA LYS H 95 -71.57 15.30 31.43
C LYS H 95 -72.17 15.28 30.02
N TRP H 96 -72.54 14.09 29.57
CA TRP H 96 -73.26 13.93 28.31
C TRP H 96 -74.72 14.36 28.50
N ASP H 97 -75.11 15.48 27.88
CA ASP H 97 -76.46 16.01 28.00
C ASP H 97 -77.26 15.65 26.75
N ARG H 98 -78.16 14.68 26.90
CA ARG H 98 -79.03 14.27 25.81
C ARG H 98 -80.40 14.95 25.89
C1 GOL I . -33.94 0.70 8.97
O1 GOL I . -33.89 0.75 10.38
C2 GOL I . -32.57 1.20 8.38
O2 GOL I . -31.79 1.91 9.27
C3 GOL I . -31.85 -0.07 7.86
O3 GOL I . -30.70 0.38 7.22
CL CL J . -39.37 40.48 10.22
C1 Q7S K . -43.44 11.28 3.82
C2 Q7S K . -43.25 12.27 4.92
C3 Q7S K . -42.83 14.46 5.56
C4 Q7S K . -42.50 15.75 5.07
C5 Q7S K . -42.48 17.35 3.23
C7 Q7S K . -40.41 18.47 4.20
N Q7S K . -43.00 13.49 4.58
C Q7S K . -43.62 11.85 2.43
C6 Q7S K . -41.19 18.10 2.94
C8 Q7S K . -42.49 16.62 7.31
C9 Q7S K . -42.97 14.24 6.98
N1 Q7S K . -42.27 16.02 3.76
N2 Q7S K . -42.37 16.77 5.95
N3 Q7S K . -42.79 15.36 7.75
O1 Q7S K . -41.14 19.21 5.16
O2 Q7S K . -42.32 17.56 8.09
O3 Q7S K . -43.17 13.16 7.52
CL CL L . 25.94 -2.40 8.77
C1 Q7S M . 34.96 -3.02 2.83
C1 Q7S M . 34.95 -3.00 2.83
C2 Q7S M . 35.21 -2.95 1.36
C2 Q7S M . 35.20 -2.94 1.37
C3 Q7S M . 34.36 -3.23 -0.79
C3 Q7S M . 34.35 -3.25 -0.78
C4 Q7S M . 33.18 -3.62 -1.44
C4 Q7S M . 33.17 -3.63 -1.44
C5 Q7S M . 30.71 -3.72 -1.24
C5 Q7S M . 30.69 -3.81 -1.25
C7 Q7S M . 30.30 -6.19 -1.45
C7 Q7S M . 30.79 -5.68 -2.95
N Q7S M . 34.22 -3.26 0.59
N Q7S M . 34.21 -3.25 0.60
C Q7S M . 33.55 -2.96 3.32
C Q7S M . 33.53 -3.00 3.32
C6 Q7S M . 30.22 -4.85 -2.13
C6 Q7S M . 30.08 -5.11 -1.75
C8 Q7S M . 34.25 -3.33 -3.58
C8 Q7S M . 34.25 -3.33 -3.57
C9 Q7S M . 35.55 -2.89 -1.53
C9 Q7S M . 35.54 -2.89 -1.51
N1 Q7S M . 32.05 -3.96 -0.74
N1 Q7S M . 32.05 -3.99 -0.75
N2 Q7S M . 33.18 -3.66 -2.80
N2 Q7S M . 33.18 -3.66 -2.80
N3 Q7S M . 35.38 -2.96 -2.90
N3 Q7S M . 35.38 -2.96 -2.89
O1 Q7S M . 29.48 -6.25 -0.29
O1 Q7S M . 30.94 -4.74 -4.02
O2 Q7S M . 34.21 -3.36 -4.80
O2 Q7S M . 34.22 -3.36 -4.79
O3 Q7S M . 36.63 -2.55 -1.07
O3 Q7S M . 36.62 -2.56 -1.03
NA NA N . 45.50 -22.75 14.04
NA NA O . -24.44 -4.59 1.20
#